data_8FWW
#
_entry.id   8FWW
#
_cell.length_a   1.00
_cell.length_b   1.00
_cell.length_c   1.00
_cell.angle_alpha   90.00
_cell.angle_beta   90.00
_cell.angle_gamma   90.00
#
_symmetry.space_group_name_H-M   'P 1'
#
loop_
_entity.id
_entity.type
_entity.pdbx_description
1 polymer 'Glutamate receptor ionotropic, kainate 2'
2 branched 2-acetamido-2-deoxy-beta-D-glucopyranose-(1-4)-2-acetamido-2-deoxy-beta-D-glucopyranose
3 branched beta-D-mannopyranose-(1-3)-beta-D-mannopyranose-(1-4)-2-acetamido-2-deoxy-beta-D-glucopyranose-(1-4)-2-acetamido-2-deoxy-beta-D-glucopyranose
4 non-polymer '4-cyclopropyl-7-fluoro-3,4-dihydro-2H-1,2,4-benzothiadiazine 1,1-dioxide'
5 non-polymer '(2S)-3-(hexadecanoyloxy)-2-[(9Z)-octadec-9-enoyloxy]propyl 2-(trimethylammonio)ethyl phosphate'
6 non-polymer 2-acetamido-2-deoxy-beta-D-glucopyranose
7 non-polymer "2-(6'-oxo-1'-phenyl[1',6'-dihydro[2,3'-bipyridine]]-5'-yl)benzonitrile"
8 non-polymer 'SODIUM ION'
9 non-polymer 'CHLORIDE ION'
#
_entity_poly.entity_id   1
_entity_poly.type   'polypeptide(L)'
_entity_poly.pdbx_seq_one_letter_code
;MKIISPVLSNLVFSRSIKVLLCLLWIGYSQGTTHVLRFGGIFEYVESGPMGAEELAFRFAVNTINRNRTLLPNTTLTYDT
QKINLYDSFEASKKACDQLSLGVAAIFGPSHSSSANAVQSICNALGVPHIQTRWKHQVSDNKDSFYVSLYPDFSSLSRAI
LDLVQFFKWKTVTVVYDDSTGLIRLQELIKAPSRYNLRLKIRQLPADTKDAKPLLKEMKRGKEFHVIFDCSHEMAAGILK
QALAMGMMTEYYHYIFTTLDLFALDVEPYRYSGVNMTGFRILNTENTQVSSIIEKWSMERLQAPPKPDSGLLDGFMTTDA
ALMYDAVHVVSVAVQQFPQMTVSSLQCNRHKPWRFGTRFMSLIKEAHWEGLTGRITFNKTNGLRTDFDLDVISLKEEGLE
KIGTWDPASGLNMTESQKGKPANITDSLSNRSLIVTTILEEPYVLFKKSDKPLYGNDRFEGYCIDLLRELSTILGFTYEI
RLVEDGKYGAQDDVNGQWNGMVRELIDHKADLAVAPLAITYVREKVIDFSKPFMTLGISILYRKPNGTNPGVFSFLNPLS
PDIWMYVLLACLGVSCVLFVIARFSPYEWYNPHPCNPDSDVVENNFTLLNSFWFGVGALMQQGSELMPKALSTRIVGGIW
WFFTLIIISSYTANLAAFLTVERMESPIDSADDLAKQTKIEYGAVEDGATMTFFKKSKISTYDKMWAFMSSRRQSVLVKS
NEEGIQRVLTSDYAFLMESTTIEFVTQRNCNLTQIGGLIDSKGYGVGTPMGSPYRDKITIAILQLQEEGKLHMMKEKWWR
GNGCPEEESKEASALGVQNIGGIFIVLAAGLVLSVFVAVGEFLYKSKKNAQLEKRSFCSAMVEELRMSLKCQRRLKHKPQ
APVIVKTEEVINMHTFNDRRLPGKETMA
;
_entity_poly.pdbx_strand_id   A,B,C,D
#
loop_
_chem_comp.id
_chem_comp.type
_chem_comp.name
_chem_comp.formula
2J9 non-polymer '4-cyclopropyl-7-fluoro-3,4-dihydro-2H-1,2,4-benzothiadiazine 1,1-dioxide' 'C10 H11 F N2 O2 S'
6ZP non-polymer 2-(6'-oxo-1'-phenyl[1',6'-dihydro[2,3'-bipyridine]]-5'-yl)benzonitrile 'C23 H15 N3 O'
BMA D-saccharide, beta linking beta-D-mannopyranose 'C6 H12 O6'
CL non-polymer 'CHLORIDE ION' 'Cl -1'
NA non-polymer 'SODIUM ION' 'Na 1'
NAG D-saccharide, beta linking 2-acetamido-2-deoxy-beta-D-glucopyranose 'C8 H15 N O6'
POV non-polymer '(2S)-3-(hexadecanoyloxy)-2-[(9Z)-octadec-9-enoyloxy]propyl 2-(trimethylammonio)ethyl phosphate' 'C42 H82 N O8 P'
#
# COMPACT_ATOMS: atom_id res chain seq x y z
N ARG A 431 41.89 32.39 -41.88
CA ARG A 431 40.49 32.00 -41.88
C ARG A 431 39.91 32.01 -40.48
N SER A 432 38.71 32.56 -40.34
CA SER A 432 37.99 32.53 -39.07
C SER A 432 36.81 31.57 -39.19
N LEU A 433 36.58 30.77 -38.16
CA LEU A 433 35.56 29.74 -38.24
C LEU A 433 34.16 30.35 -38.18
N ILE A 434 33.23 29.73 -38.90
CA ILE A 434 31.84 30.18 -38.97
C ILE A 434 31.03 29.19 -38.16
N VAL A 435 30.30 29.68 -37.17
CA VAL A 435 29.66 28.82 -36.17
C VAL A 435 28.16 28.80 -36.41
N THR A 436 27.62 27.63 -36.75
CA THR A 436 26.18 27.44 -36.84
C THR A 436 25.61 27.47 -35.43
N THR A 437 24.41 28.01 -35.24
CA THR A 437 23.90 28.33 -33.91
C THR A 437 22.39 28.57 -33.96
N ILE A 438 21.64 28.00 -33.02
CA ILE A 438 20.19 28.23 -32.93
C ILE A 438 19.94 29.14 -31.74
N LEU A 439 18.78 29.78 -31.71
CA LEU A 439 18.38 30.63 -30.59
C LEU A 439 17.54 29.82 -29.60
N GLU A 440 18.03 29.67 -28.38
CA GLU A 440 17.29 29.02 -27.32
C GLU A 440 17.77 29.66 -25.99
N GLU A 441 17.15 29.27 -24.88
CA GLU A 441 17.51 29.83 -23.59
C GLU A 441 17.74 28.66 -22.63
N PRO A 442 18.78 28.71 -21.77
CA PRO A 442 19.85 29.65 -21.45
C PRO A 442 21.02 29.62 -22.40
N TYR A 443 20.78 29.08 -23.58
CA TYR A 443 21.75 29.01 -24.67
C TYR A 443 21.78 30.35 -25.37
N VAL A 444 22.17 30.37 -26.62
CA VAL A 444 22.45 31.59 -27.36
C VAL A 444 21.22 32.51 -27.40
N LEU A 445 21.42 33.74 -26.94
CA LEU A 445 20.37 34.74 -26.81
C LEU A 445 20.81 36.03 -27.46
N PHE A 446 20.07 37.12 -27.21
CA PHE A 446 20.49 38.46 -27.59
C PHE A 446 20.70 39.27 -26.32
N LYS A 447 21.82 39.98 -26.23
CA LYS A 447 21.95 40.97 -25.17
C LYS A 447 21.06 42.17 -25.46
N LYS A 448 20.23 42.53 -24.48
CA LYS A 448 19.28 43.63 -24.63
C LYS A 448 19.97 44.93 -24.23
N SER A 449 20.25 45.77 -25.23
CA SER A 449 20.83 47.09 -25.00
C SER A 449 20.48 47.97 -26.19
N ASP A 450 20.76 49.26 -26.06
CA ASP A 450 20.28 50.25 -27.01
C ASP A 450 21.21 50.41 -28.21
N LYS A 451 22.54 50.52 -27.97
CA LYS A 451 23.58 50.81 -28.96
C LYS A 451 23.61 49.82 -30.13
N PRO A 452 23.18 50.22 -31.33
CA PRO A 452 23.09 49.24 -32.42
C PRO A 452 24.36 49.11 -33.24
N LEU A 453 25.53 49.05 -32.60
CA LEU A 453 26.78 48.75 -33.30
C LEU A 453 27.16 47.30 -33.02
N TYR A 454 26.45 46.38 -33.65
CA TYR A 454 26.49 44.98 -33.28
C TYR A 454 27.10 44.10 -34.37
N GLY A 455 28.08 43.30 -33.97
CA GLY A 455 28.57 42.19 -34.74
C GLY A 455 29.46 41.33 -33.87
N ASN A 456 29.14 40.03 -33.78
CA ASN A 456 29.76 38.99 -32.95
C ASN A 456 29.64 39.27 -31.45
N ASP A 457 28.95 40.34 -31.06
CA ASP A 457 28.90 40.81 -29.69
C ASP A 457 27.47 40.98 -29.23
N ARG A 458 26.50 40.72 -30.09
CA ARG A 458 25.10 40.83 -29.71
C ARG A 458 24.58 39.59 -29.00
N PHE A 459 25.37 38.52 -28.91
CA PHE A 459 24.92 37.25 -28.40
C PHE A 459 25.49 37.00 -27.00
N GLU A 460 24.71 36.34 -26.16
CA GLU A 460 25.18 35.80 -24.89
C GLU A 460 24.50 34.45 -24.64
N GLY A 461 24.97 33.74 -23.64
CA GLY A 461 24.35 32.50 -23.25
C GLY A 461 25.38 31.48 -22.84
N TYR A 462 24.89 30.25 -22.60
CA TYR A 462 25.77 29.16 -22.23
C TYR A 462 26.72 28.79 -23.36
N CYS A 463 26.19 28.59 -24.56
CA CYS A 463 27.00 28.20 -25.70
C CYS A 463 27.67 29.39 -26.38
N ILE A 464 27.66 30.56 -25.74
CA ILE A 464 28.56 31.63 -26.14
C ILE A 464 29.72 31.71 -25.15
N ASP A 465 29.46 31.39 -23.88
CA ASP A 465 30.55 31.25 -22.92
C ASP A 465 31.38 30.01 -23.22
N LEU A 466 30.75 28.96 -23.79
CA LEU A 466 31.52 27.80 -24.18
C LEU A 466 32.34 28.08 -25.42
N LEU A 467 31.79 28.81 -26.37
CA LEU A 467 32.52 29.12 -27.59
C LEU A 467 33.61 30.15 -27.32
N ARG A 468 33.42 30.98 -26.29
CA ARG A 468 34.49 31.88 -25.85
C ARG A 468 35.66 31.09 -25.27
N GLU A 469 35.36 30.05 -24.48
CA GLU A 469 36.41 29.34 -23.77
C GLU A 469 36.99 28.21 -24.60
N LEU A 470 36.29 27.79 -25.66
CA LEU A 470 36.94 26.89 -26.61
C LEU A 470 37.86 27.68 -27.54
N SER A 471 37.61 28.97 -27.73
CA SER A 471 38.45 29.76 -28.63
C SER A 471 39.73 30.19 -27.92
N THR A 472 39.66 30.34 -26.60
CA THR A 472 40.82 30.74 -25.80
C THR A 472 41.89 29.66 -25.80
N ILE A 473 41.52 28.43 -25.47
CA ILE A 473 42.49 27.37 -25.26
C ILE A 473 42.82 26.63 -26.55
N LEU A 474 42.22 26.99 -27.66
CA LEU A 474 42.53 26.37 -28.93
C LEU A 474 43.01 27.37 -29.98
N GLY A 475 42.82 28.67 -29.74
CA GLY A 475 43.39 29.69 -30.59
C GLY A 475 42.48 30.39 -31.59
N PHE A 476 41.53 29.68 -32.18
CA PHE A 476 40.77 30.18 -33.33
C PHE A 476 39.93 31.40 -33.03
N THR A 477 39.63 32.19 -34.07
CA THR A 477 38.70 33.30 -34.00
C THR A 477 37.44 32.90 -34.77
N TYR A 478 36.28 33.25 -34.23
CA TYR A 478 35.01 32.76 -34.71
C TYR A 478 34.12 33.93 -35.11
N GLU A 479 33.07 33.64 -35.87
CA GLU A 479 32.04 34.62 -36.21
C GLU A 479 30.70 33.91 -36.18
N ILE A 480 29.84 34.30 -35.24
CA ILE A 480 28.61 33.56 -34.99
C ILE A 480 27.57 33.89 -36.04
N ARG A 481 27.03 32.86 -36.67
CA ARG A 481 25.98 33.03 -37.68
C ARG A 481 24.83 32.10 -37.27
N LEU A 482 23.71 32.71 -36.90
CA LEU A 482 22.48 31.99 -36.60
C LEU A 482 22.02 31.19 -37.82
N VAL A 483 21.48 29.99 -37.60
CA VAL A 483 20.99 29.24 -38.74
C VAL A 483 19.68 29.89 -39.21
N GLU A 484 19.56 30.04 -40.53
CA GLU A 484 18.42 30.75 -41.11
C GLU A 484 17.20 29.84 -41.16
N ASP A 485 17.44 28.54 -41.32
CA ASP A 485 16.39 27.53 -41.36
C ASP A 485 15.65 27.46 -40.04
N GLY A 486 16.37 27.57 -38.93
CA GLY A 486 15.77 27.68 -37.62
C GLY A 486 15.53 26.38 -36.90
N LYS A 487 15.91 25.24 -37.50
CA LYS A 487 15.67 23.94 -36.90
C LYS A 487 17.00 23.37 -36.39
N TYR A 488 16.96 22.14 -35.89
CA TYR A 488 18.19 21.49 -35.43
C TYR A 488 18.70 20.56 -36.51
N GLY A 489 17.91 19.56 -36.87
CA GLY A 489 18.24 18.73 -38.00
C GLY A 489 17.51 17.42 -38.03
N ALA A 490 17.01 17.05 -39.22
CA ALA A 490 16.26 15.82 -39.43
C ALA A 490 16.14 15.56 -40.92
N GLN A 491 15.81 14.33 -41.30
CA GLN A 491 15.49 14.06 -42.69
C GLN A 491 14.09 14.56 -43.01
N ASP A 492 13.95 15.24 -44.14
CA ASP A 492 12.65 15.76 -44.56
C ASP A 492 11.70 14.66 -45.02
N ASP A 493 12.22 13.46 -45.33
CA ASP A 493 11.52 12.24 -45.73
C ASP A 493 10.87 12.35 -47.12
N VAL A 494 10.98 13.52 -47.75
CA VAL A 494 10.51 13.73 -49.12
C VAL A 494 11.52 13.08 -50.05
N ASN A 495 12.79 13.47 -49.90
CA ASN A 495 13.88 12.98 -50.73
C ASN A 495 15.13 12.65 -49.92
N GLY A 496 15.01 12.61 -48.59
CA GLY A 496 16.14 12.32 -47.74
C GLY A 496 17.14 13.47 -47.60
N GLN A 497 16.65 14.71 -47.63
CA GLN A 497 17.49 15.87 -47.43
C GLN A 497 17.39 16.37 -46.00
N TRP A 498 18.53 16.78 -45.44
CA TRP A 498 18.59 17.27 -44.08
C TRP A 498 18.22 18.75 -44.03
N ASN A 499 17.93 19.22 -42.82
CA ASN A 499 17.55 20.61 -42.62
C ASN A 499 18.29 21.17 -41.41
N GLY A 500 18.15 22.47 -41.19
CA GLY A 500 18.62 23.07 -39.95
C GLY A 500 20.12 23.19 -39.81
N MET A 501 20.65 22.76 -38.66
CA MET A 501 22.08 22.95 -38.42
C MET A 501 22.91 21.82 -39.03
N VAL A 502 22.38 20.60 -39.09
CA VAL A 502 23.18 19.50 -39.63
C VAL A 502 23.21 19.56 -41.15
N ARG A 503 22.36 20.39 -41.75
CA ARG A 503 22.46 20.63 -43.18
C ARG A 503 23.53 21.65 -43.51
N GLU A 504 23.66 22.67 -42.67
CA GLU A 504 24.69 23.68 -42.89
C GLU A 504 26.08 23.12 -42.58
N LEU A 505 26.14 22.06 -41.77
CA LEU A 505 27.41 21.39 -41.51
C LEU A 505 27.77 20.42 -42.61
N ILE A 506 26.79 19.66 -43.11
CA ILE A 506 27.09 18.63 -44.11
C ILE A 506 27.40 19.26 -45.46
N ASP A 507 26.96 20.51 -45.68
CA ASP A 507 27.25 21.21 -46.93
C ASP A 507 28.50 22.09 -46.79
N HIS A 508 29.18 21.92 -45.65
CA HIS A 508 30.42 22.59 -45.30
C HIS A 508 30.33 24.10 -45.37
N LYS A 509 29.15 24.65 -45.07
CA LYS A 509 28.92 26.08 -45.14
C LYS A 509 29.49 26.78 -43.91
N ALA A 510 29.22 26.23 -42.73
CA ALA A 510 29.75 26.71 -41.48
C ALA A 510 30.28 25.53 -40.68
N ASP A 511 31.35 25.75 -39.92
CA ASP A 511 32.09 24.64 -39.33
C ASP A 511 31.49 24.12 -38.04
N LEU A 512 31.50 24.93 -36.97
CA LEU A 512 31.06 24.40 -35.69
C LEU A 512 29.54 24.46 -35.58
N ALA A 513 28.99 23.83 -34.56
CA ALA A 513 27.55 23.86 -34.33
C ALA A 513 27.27 24.01 -32.84
N VAL A 514 27.92 24.96 -32.18
CA VAL A 514 27.90 25.05 -30.72
C VAL A 514 26.51 25.46 -30.28
N ALA A 515 25.72 24.48 -29.86
CA ALA A 515 24.27 24.60 -29.76
C ALA A 515 23.76 23.32 -29.11
N PRO A 516 22.50 23.32 -28.61
CA PRO A 516 21.95 22.06 -28.06
C PRO A 516 21.67 20.99 -29.10
N LEU A 517 22.71 20.51 -29.77
CA LEU A 517 22.55 19.59 -30.88
C LEU A 517 22.81 18.19 -30.32
N ALA A 518 21.73 17.50 -29.98
CA ALA A 518 21.83 16.25 -29.24
C ALA A 518 22.47 15.16 -30.09
N ILE A 519 23.36 14.42 -29.47
CA ILE A 519 24.13 13.37 -30.12
C ILE A 519 23.21 12.18 -30.26
N THR A 520 22.71 11.96 -31.48
CA THR A 520 21.82 10.85 -31.76
C THR A 520 22.40 10.02 -32.90
N TYR A 521 21.74 8.89 -33.17
CA TYR A 521 22.27 7.91 -34.12
C TYR A 521 22.19 8.40 -35.55
N VAL A 522 21.09 9.06 -35.92
CA VAL A 522 20.90 9.47 -37.31
C VAL A 522 21.75 10.68 -37.64
N ARG A 523 22.09 11.50 -36.63
CA ARG A 523 22.96 12.64 -36.88
C ARG A 523 24.42 12.23 -36.93
N GLU A 524 24.78 11.12 -36.28
CA GLU A 524 26.18 10.73 -36.19
C GLU A 524 26.68 10.15 -37.50
N LYS A 525 25.78 9.60 -38.32
CA LYS A 525 26.16 9.06 -39.62
C LYS A 525 26.42 10.14 -40.66
N VAL A 526 26.03 11.39 -40.41
CA VAL A 526 26.18 12.44 -41.39
C VAL A 526 27.11 13.57 -40.94
N ILE A 527 27.22 13.84 -39.64
CA ILE A 527 28.21 14.76 -39.11
C ILE A 527 28.96 14.09 -37.97
N ASP A 528 30.05 14.72 -37.55
CA ASP A 528 30.89 14.21 -36.47
C ASP A 528 30.81 15.15 -35.28
N PHE A 529 30.20 14.67 -34.20
CA PHE A 529 30.07 15.44 -32.97
C PHE A 529 31.36 15.42 -32.18
N SER A 530 31.49 16.37 -31.25
CA SER A 530 32.51 16.28 -30.22
C SER A 530 32.01 15.38 -29.11
N LYS A 531 32.74 15.33 -28.01
CA LYS A 531 32.36 14.47 -26.92
C LYS A 531 31.65 15.35 -25.89
N PRO A 532 30.51 14.88 -25.28
CA PRO A 532 29.50 15.78 -24.71
C PRO A 532 29.93 16.87 -23.75
N PHE A 533 29.25 18.01 -23.77
CA PHE A 533 29.45 19.02 -22.76
C PHE A 533 28.28 19.13 -21.80
N MET A 534 27.24 18.32 -21.98
CA MET A 534 26.09 18.35 -21.10
C MET A 534 25.33 17.05 -21.26
N THR A 535 24.78 16.57 -20.15
CA THR A 535 24.04 15.31 -20.09
C THR A 535 22.60 15.59 -19.69
N LEU A 536 21.67 15.13 -20.51
CA LEU A 536 20.26 15.30 -20.21
C LEU A 536 19.54 13.96 -20.23
N GLY A 537 18.24 14.00 -20.11
CA GLY A 537 17.40 12.84 -20.28
C GLY A 537 15.97 13.30 -20.33
N ILE A 538 15.08 12.35 -20.43
CA ILE A 538 13.67 12.64 -20.35
C ILE A 538 13.24 12.60 -18.90
N SER A 539 12.64 13.68 -18.42
CA SER A 539 12.06 13.66 -17.09
C SER A 539 10.80 14.50 -17.12
N ILE A 540 10.10 14.55 -15.99
CA ILE A 540 8.68 14.87 -15.96
C ILE A 540 8.48 16.17 -15.19
N LEU A 541 7.92 17.19 -15.86
CA LEU A 541 7.38 18.31 -15.11
C LEU A 541 6.09 17.92 -14.41
N TYR A 542 5.83 18.61 -13.31
CA TYR A 542 4.61 18.47 -12.53
C TYR A 542 4.53 19.70 -11.65
N ARG A 543 3.31 20.16 -11.40
CA ARG A 543 3.11 21.31 -10.55
C ARG A 543 3.40 20.90 -9.12
N LYS A 544 4.16 21.76 -8.41
CA LYS A 544 4.63 21.47 -7.07
C LYS A 544 3.44 21.32 -6.13
N PRO A 545 3.37 20.20 -5.36
CA PRO A 545 2.17 19.89 -4.58
C PRO A 545 1.78 20.94 -3.55
N ASN A 546 0.62 21.53 -3.78
CA ASN A 546 0.14 22.67 -3.00
C ASN A 546 -0.39 22.20 -1.66
N GLY A 547 -0.03 22.93 -0.61
CA GLY A 547 -0.35 22.52 0.73
C GLY A 547 -1.82 22.72 1.05
N THR A 548 -2.36 21.79 1.83
CA THR A 548 -3.76 21.81 2.24
C THR A 548 -3.95 22.90 3.27
N ASN A 549 -4.96 23.73 3.08
CA ASN A 549 -5.36 24.73 4.06
C ASN A 549 -6.38 24.08 4.99
N PRO A 550 -6.03 23.84 6.26
CA PRO A 550 -6.96 23.17 7.17
C PRO A 550 -8.15 24.01 7.54
N GLY A 551 -7.89 25.25 7.93
CA GLY A 551 -8.93 26.10 8.46
C GLY A 551 -8.79 26.20 9.96
N VAL A 552 -9.64 27.03 10.55
CA VAL A 552 -9.63 27.19 12.00
C VAL A 552 -10.27 25.96 12.65
N PHE A 553 -11.47 25.59 12.23
CA PHE A 553 -12.20 24.51 12.90
C PHE A 553 -11.92 23.18 12.20
N SER A 554 -10.64 22.83 12.06
CA SER A 554 -10.28 21.60 11.40
C SER A 554 -10.37 20.41 12.34
N PHE A 555 -10.49 20.68 13.64
CA PHE A 555 -10.59 19.62 14.64
C PHE A 555 -11.95 18.92 14.57
N LEU A 556 -12.90 19.60 13.94
CA LEU A 556 -14.30 19.28 14.02
C LEU A 556 -14.73 18.31 12.92
N ASN A 557 -13.78 17.87 12.10
CA ASN A 557 -13.92 17.07 10.89
C ASN A 557 -14.15 15.56 11.01
N PRO A 558 -13.58 14.80 12.01
CA PRO A 558 -13.86 13.34 12.03
C PRO A 558 -15.29 12.93 12.26
N LEU A 559 -16.18 13.86 12.58
CA LEU A 559 -17.61 13.61 12.62
C LEU A 559 -18.28 14.64 11.73
N SER A 560 -19.30 14.21 11.01
CA SER A 560 -19.99 15.04 10.03
C SER A 560 -20.75 16.17 10.73
N PRO A 561 -21.02 17.29 10.05
CA PRO A 561 -21.70 18.40 10.72
C PRO A 561 -23.15 18.13 11.08
N ASP A 562 -23.73 17.03 10.63
CA ASP A 562 -25.02 16.62 11.16
C ASP A 562 -24.86 15.94 12.51
N ILE A 563 -23.72 15.30 12.73
CA ILE A 563 -23.48 14.60 14.00
C ILE A 563 -23.17 15.59 15.12
N TRP A 564 -22.40 16.64 14.82
CA TRP A 564 -22.08 17.62 15.84
C TRP A 564 -23.30 18.41 16.28
N MET A 565 -24.30 18.52 15.41
CA MET A 565 -25.56 19.14 15.83
C MET A 565 -26.41 18.17 16.63
N TYR A 566 -26.37 16.89 16.29
CA TYR A 566 -27.27 15.93 16.94
C TYR A 566 -26.73 15.50 18.30
N VAL A 567 -25.41 15.62 18.50
CA VAL A 567 -24.85 15.44 19.83
C VAL A 567 -25.22 16.63 20.72
N LEU A 568 -25.28 17.82 20.14
CA LEU A 568 -25.61 19.02 20.91
C LEU A 568 -27.10 19.07 21.23
N LEU A 569 -27.94 18.53 20.34
CA LEU A 569 -29.37 18.43 20.64
C LEU A 569 -29.65 17.32 21.64
N ALA A 570 -28.82 16.27 21.65
CA ALA A 570 -29.02 15.21 22.63
C ALA A 570 -28.58 15.64 24.02
N CYS A 571 -27.67 16.61 24.12
CA CYS A 571 -27.31 17.18 25.41
C CYS A 571 -28.45 18.02 25.96
N LEU A 572 -29.13 18.76 25.10
CA LEU A 572 -30.28 19.54 25.53
C LEU A 572 -31.50 18.64 25.67
N GLY A 573 -31.47 17.48 25.03
CA GLY A 573 -32.55 16.53 25.15
C GLY A 573 -32.50 15.71 26.42
N VAL A 574 -31.37 15.04 26.66
CA VAL A 574 -31.24 14.15 27.82
C VAL A 574 -31.30 14.93 29.13
N SER A 575 -30.72 16.12 29.15
CA SER A 575 -30.64 16.88 30.39
C SER A 575 -31.99 17.47 30.77
N CYS A 576 -32.86 17.70 29.79
CA CYS A 576 -34.22 18.10 30.12
C CYS A 576 -35.07 16.90 30.51
N VAL A 577 -34.66 15.71 30.10
CA VAL A 577 -35.33 14.49 30.53
C VAL A 577 -34.92 14.13 31.95
N LEU A 578 -33.67 14.44 32.32
CA LEU A 578 -33.24 14.30 33.72
C LEU A 578 -33.98 15.24 34.64
N PHE A 579 -34.16 16.50 34.22
CA PHE A 579 -34.84 17.49 35.04
C PHE A 579 -36.31 17.15 35.27
N VAL A 580 -36.94 16.51 34.30
CA VAL A 580 -38.33 16.11 34.46
C VAL A 580 -38.44 14.87 35.33
N ILE A 581 -37.58 13.87 35.09
CA ILE A 581 -37.68 12.60 35.81
C ILE A 581 -37.22 12.75 37.26
N ALA A 582 -36.08 13.38 37.49
CA ALA A 582 -35.57 13.53 38.86
C ALA A 582 -36.40 14.50 39.70
N ARG A 583 -37.25 15.31 39.08
CA ARG A 583 -38.23 16.07 39.83
C ARG A 583 -39.45 15.20 40.14
N PHE A 584 -39.78 14.28 39.24
CA PHE A 584 -41.00 13.48 39.34
C PHE A 584 -40.78 12.21 40.16
N SER A 585 -39.61 11.59 40.03
CA SER A 585 -39.29 10.36 40.73
C SER A 585 -39.19 10.59 42.23
N PRO A 586 -39.82 9.74 43.05
CA PRO A 586 -39.79 9.94 44.50
C PRO A 586 -38.49 9.54 45.16
N TYR A 587 -37.70 8.67 44.55
CA TYR A 587 -36.47 8.18 45.14
C TYR A 587 -35.30 9.13 45.00
N GLU A 588 -35.41 10.13 44.13
CA GLU A 588 -34.39 11.16 44.04
C GLU A 588 -34.59 12.24 45.10
N TRP A 589 -35.81 12.40 45.60
CA TRP A 589 -36.05 13.23 46.78
C TRP A 589 -35.51 12.50 48.00
N TYR A 590 -34.35 12.92 48.48
CA TYR A 590 -33.72 12.28 49.63
C TYR A 590 -33.51 13.33 50.71
N ASN A 591 -33.21 12.85 51.92
CA ASN A 591 -32.88 13.75 53.02
C ASN A 591 -31.49 14.33 52.82
N PRO A 592 -31.35 15.63 52.55
CA PRO A 592 -30.02 16.17 52.19
C PRO A 592 -29.14 16.36 53.40
N HIS A 593 -29.69 16.29 54.59
CA HIS A 593 -28.98 16.59 55.83
C HIS A 593 -29.02 15.38 56.74
N PRO A 594 -28.02 14.49 56.69
CA PRO A 594 -28.00 13.36 57.64
C PRO A 594 -27.32 13.70 58.95
N CYS A 595 -26.44 14.71 58.94
CA CYS A 595 -25.73 15.17 60.13
C CYS A 595 -26.43 16.33 60.83
N ASN A 596 -26.78 17.38 60.08
CA ASN A 596 -27.77 18.37 60.47
C ASN A 596 -29.01 17.58 60.83
N PRO A 597 -29.49 17.66 62.12
CA PRO A 597 -30.46 16.69 62.67
C PRO A 597 -31.74 16.46 61.87
N ASP A 598 -32.28 15.25 62.02
CA ASP A 598 -33.19 14.67 61.05
C ASP A 598 -34.53 15.39 61.00
N SER A 599 -34.97 15.71 59.79
CA SER A 599 -36.14 16.54 59.57
C SER A 599 -36.85 16.16 58.29
N ASP A 600 -37.68 17.07 57.78
CA ASP A 600 -38.48 16.85 56.59
C ASP A 600 -38.15 17.89 55.51
N VAL A 601 -36.85 18.02 55.23
CA VAL A 601 -36.32 19.09 54.39
C VAL A 601 -35.73 18.53 53.10
N VAL A 602 -36.38 17.49 52.55
CA VAL A 602 -35.97 16.76 51.34
C VAL A 602 -35.71 17.69 50.15
N GLU A 603 -34.74 17.31 49.31
CA GLU A 603 -34.19 18.22 48.32
C GLU A 603 -33.55 17.42 47.20
N ASN A 604 -33.77 17.83 45.95
CA ASN A 604 -33.05 17.26 44.82
C ASN A 604 -31.74 17.98 44.60
N ASN A 605 -30.80 17.25 44.01
CA ASN A 605 -29.60 17.86 43.45
C ASN A 605 -29.78 18.26 42.00
N PHE A 606 -30.84 17.79 41.35
CA PHE A 606 -31.04 18.03 39.92
C PHE A 606 -31.97 19.22 39.72
N THR A 607 -31.36 20.40 39.67
CA THR A 607 -32.01 21.58 39.16
C THR A 607 -31.91 21.60 37.64
N LEU A 608 -32.25 22.73 37.01
CA LEU A 608 -32.10 22.78 35.56
C LEU A 608 -30.65 23.08 35.17
N LEU A 609 -29.96 23.89 35.96
CA LEU A 609 -28.57 24.20 35.67
C LEU A 609 -27.67 23.03 36.05
N ASN A 610 -28.12 22.19 36.98
CA ASN A 610 -27.36 21.02 37.38
C ASN A 610 -27.61 19.83 36.46
N SER A 611 -28.78 19.76 35.82
CA SER A 611 -29.04 18.66 34.91
C SER A 611 -28.28 18.82 33.60
N PHE A 612 -28.07 20.07 33.16
CA PHE A 612 -27.18 20.34 32.05
C PHE A 612 -25.75 19.92 32.38
N TRP A 613 -25.34 20.10 33.63
CA TRP A 613 -23.97 19.83 34.03
C TRP A 613 -23.70 18.35 34.19
N PHE A 614 -24.76 17.55 34.35
CA PHE A 614 -24.57 16.12 34.24
C PHE A 614 -24.36 15.77 32.78
N GLY A 615 -25.16 16.36 31.88
CA GLY A 615 -25.05 16.12 30.47
C GLY A 615 -23.75 16.59 29.85
N VAL A 616 -23.32 17.81 30.18
CA VAL A 616 -22.05 18.32 29.67
C VAL A 616 -20.89 17.64 30.38
N GLY A 617 -21.07 17.34 31.67
CA GLY A 617 -20.00 16.70 32.44
C GLY A 617 -19.73 15.28 32.00
N ALA A 618 -20.78 14.50 31.79
CA ALA A 618 -20.60 13.10 31.39
C ALA A 618 -20.15 12.98 29.95
N LEU A 619 -20.41 13.99 29.12
CA LEU A 619 -20.05 13.93 27.72
C LEU A 619 -18.54 14.07 27.53
N MET A 620 -17.88 14.80 28.41
CA MET A 620 -16.49 15.16 28.19
C MET A 620 -15.53 14.20 28.88
N GLN A 621 -16.04 13.04 29.29
CA GLN A 621 -15.36 11.97 30.03
C GLN A 621 -14.88 12.35 31.42
N GLN A 622 -15.09 13.60 31.84
CA GLN A 622 -14.86 13.97 33.22
C GLN A 622 -16.14 13.72 33.99
N GLY A 623 -16.23 14.20 35.21
CA GLY A 623 -17.40 13.90 35.99
C GLY A 623 -18.05 15.16 36.51
N SER A 624 -19.36 15.12 36.70
CA SER A 624 -20.02 16.16 37.47
C SER A 624 -19.90 15.80 38.95
N GLU A 625 -20.20 16.75 39.83
CA GLU A 625 -20.30 16.44 41.25
C GLU A 625 -21.57 15.67 41.60
N LEU A 626 -22.51 15.61 40.67
CA LEU A 626 -23.77 14.92 40.87
C LEU A 626 -23.64 13.46 40.45
N MET A 627 -24.59 12.65 40.92
CA MET A 627 -24.73 11.30 40.41
C MET A 627 -26.16 10.84 40.66
N PRO A 628 -26.82 10.20 39.68
CA PRO A 628 -28.21 9.75 39.87
C PRO A 628 -28.39 8.72 40.96
N LYS A 629 -29.44 8.87 41.76
CA LYS A 629 -29.70 7.97 42.88
C LYS A 629 -30.89 7.06 42.65
N ALA A 630 -31.90 7.50 41.92
CA ALA A 630 -33.07 6.68 41.61
C ALA A 630 -32.77 5.86 40.37
N LEU A 631 -33.46 4.71 40.25
CA LEU A 631 -33.25 3.85 39.09
C LEU A 631 -33.78 4.48 37.81
N SER A 632 -34.78 5.35 37.91
CA SER A 632 -35.29 6.02 36.71
C SER A 632 -34.30 7.06 36.20
N THR A 633 -33.47 7.61 37.08
CA THR A 633 -32.44 8.55 36.63
C THR A 633 -31.12 7.86 36.36
N ARG A 634 -30.95 6.63 36.82
CA ARG A 634 -29.73 5.88 36.50
C ARG A 634 -29.81 5.25 35.12
N ILE A 635 -31.01 4.98 34.62
CA ILE A 635 -31.14 4.50 33.25
C ILE A 635 -30.96 5.64 32.27
N VAL A 636 -31.26 6.87 32.69
CA VAL A 636 -30.93 8.04 31.87
C VAL A 636 -29.42 8.22 31.81
N GLY A 637 -28.77 8.24 32.96
CA GLY A 637 -27.34 8.40 33.04
C GLY A 637 -26.58 7.22 32.46
N GLY A 638 -27.11 6.02 32.64
CA GLY A 638 -26.41 4.84 32.16
C GLY A 638 -26.47 4.67 30.66
N ILE A 639 -27.43 5.33 30.00
CA ILE A 639 -27.54 5.23 28.55
C ILE A 639 -26.91 6.45 27.89
N TRP A 640 -26.75 7.54 28.65
CA TRP A 640 -25.99 8.68 28.16
C TRP A 640 -24.50 8.44 28.32
N TRP A 641 -24.13 7.49 29.18
CA TRP A 641 -22.73 7.12 29.31
C TRP A 641 -22.29 6.19 28.19
N PHE A 642 -23.21 5.40 27.65
CA PHE A 642 -22.87 4.53 26.54
C PHE A 642 -22.88 5.30 25.23
N PHE A 643 -23.75 6.29 25.12
CA PHE A 643 -23.74 7.19 23.97
C PHE A 643 -22.43 7.94 23.89
N THR A 644 -21.92 8.35 25.05
CA THR A 644 -20.70 9.16 25.12
C THR A 644 -19.46 8.37 24.70
N LEU A 645 -19.39 7.09 25.08
CA LEU A 645 -18.25 6.26 24.67
C LEU A 645 -18.21 6.06 23.17
N ILE A 646 -19.37 5.84 22.55
CA ILE A 646 -19.37 5.54 21.11
C ILE A 646 -19.08 6.80 20.32
N ILE A 647 -19.42 7.98 20.87
CA ILE A 647 -19.08 9.24 20.20
C ILE A 647 -17.58 9.50 20.29
N ILE A 648 -16.97 9.26 21.44
CA ILE A 648 -15.57 9.62 21.63
C ILE A 648 -14.64 8.53 21.08
N SER A 649 -15.08 7.28 21.10
CA SER A 649 -14.28 6.24 20.48
C SER A 649 -14.41 6.25 18.97
N SER A 650 -15.38 7.01 18.43
CA SER A 650 -15.47 7.16 16.99
C SER A 650 -14.85 8.47 16.53
N TYR A 651 -14.69 9.43 17.43
CA TYR A 651 -13.90 10.59 17.08
C TYR A 651 -12.43 10.22 17.03
N THR A 652 -11.95 9.44 18.00
CA THR A 652 -10.54 9.10 18.07
C THR A 652 -10.15 8.10 17.00
N ALA A 653 -11.08 7.23 16.61
CA ALA A 653 -10.75 6.19 15.65
C ALA A 653 -10.91 6.68 14.22
N ASN A 654 -11.78 7.65 13.98
CA ASN A 654 -11.86 8.22 12.64
C ASN A 654 -10.78 9.28 12.44
N LEU A 655 -10.27 9.85 13.53
CA LEU A 655 -9.14 10.76 13.42
C LEU A 655 -7.86 9.97 13.19
N ALA A 656 -7.74 8.79 13.79
CA ALA A 656 -6.60 7.93 13.51
C ALA A 656 -6.70 7.33 12.13
N ALA A 657 -7.90 7.31 11.55
CA ALA A 657 -8.10 6.87 10.18
C ALA A 657 -7.56 7.90 9.20
N PHE A 658 -7.86 9.18 9.43
CA PHE A 658 -7.39 10.22 8.53
C PHE A 658 -5.89 10.42 8.64
N LEU A 659 -5.38 10.47 9.87
CA LEU A 659 -3.97 10.77 10.08
C LEU A 659 -3.08 9.62 9.61
N THR A 660 -3.63 8.42 9.53
CA THR A 660 -2.88 7.32 8.93
C THR A 660 -2.92 7.41 7.41
N VAL A 661 -4.10 7.68 6.83
CA VAL A 661 -4.24 7.77 5.38
C VAL A 661 -3.47 8.95 4.82
N GLU A 662 -3.50 10.09 5.52
CA GLU A 662 -2.68 11.25 5.15
C GLU A 662 -1.19 10.96 5.21
N ARG A 663 -0.76 10.07 6.09
CA ARG A 663 0.63 9.70 6.21
C ARG A 663 1.03 8.61 5.22
N MET A 664 0.10 7.77 4.77
CA MET A 664 0.36 6.79 3.73
C MET A 664 0.55 7.41 2.36
N GLU A 665 -0.19 8.46 2.04
CA GLU A 665 -0.24 8.98 0.68
C GLU A 665 1.03 9.74 0.39
N SER A 666 1.51 9.62 -0.83
CA SER A 666 2.74 10.22 -1.30
C SER A 666 2.55 10.75 -2.71
N PRO A 667 3.17 11.87 -3.05
CA PRO A 667 3.10 12.34 -4.44
C PRO A 667 3.89 11.44 -5.36
N ILE A 668 3.62 11.56 -6.66
CA ILE A 668 4.31 10.74 -7.65
C ILE A 668 5.78 11.12 -7.69
N ASP A 669 6.63 10.11 -7.82
CA ASP A 669 8.06 10.32 -7.78
C ASP A 669 8.73 9.39 -8.79
N SER A 670 7.99 9.02 -9.84
CA SER A 670 8.49 8.09 -10.84
C SER A 670 7.66 8.17 -12.12
N ALA A 671 8.13 7.47 -13.15
CA ALA A 671 7.30 7.25 -14.34
C ALA A 671 6.42 6.01 -14.16
N ASP A 672 6.76 5.16 -13.20
CA ASP A 672 5.87 4.06 -12.85
C ASP A 672 4.64 4.56 -12.12
N ASP A 673 4.78 5.63 -11.35
CA ASP A 673 3.65 6.16 -10.59
C ASP A 673 2.68 6.90 -11.50
N LEU A 674 3.16 7.39 -12.64
CA LEU A 674 2.24 7.96 -13.62
C LEU A 674 1.50 6.88 -14.40
N ALA A 675 2.04 5.67 -14.45
CA ALA A 675 1.39 4.58 -15.18
C ALA A 675 0.15 4.11 -14.45
N LYS A 676 0.20 4.10 -13.13
CA LYS A 676 -0.93 3.69 -12.29
C LYS A 676 -2.03 4.73 -12.30
N GLN A 677 -1.67 6.00 -12.14
CA GLN A 677 -2.64 7.08 -11.96
C GLN A 677 -3.46 7.35 -13.21
N THR A 678 -4.71 7.79 -13.01
CA THR A 678 -5.64 8.09 -14.08
C THR A 678 -6.01 9.56 -14.16
N LYS A 679 -6.15 10.24 -13.01
CA LYS A 679 -6.57 11.63 -13.01
C LYS A 679 -5.47 12.58 -13.48
N ILE A 680 -4.21 12.14 -13.39
CA ILE A 680 -3.11 12.95 -13.89
C ILE A 680 -2.85 12.53 -15.33
N GLU A 681 -2.88 13.51 -16.24
CA GLU A 681 -2.71 13.26 -17.66
C GLU A 681 -1.31 13.67 -18.09
N TYR A 682 -0.80 13.02 -19.14
CA TYR A 682 0.61 13.09 -19.50
C TYR A 682 0.84 14.22 -20.48
N GLY A 683 1.98 14.19 -21.16
CA GLY A 683 2.20 15.13 -22.24
C GLY A 683 3.50 14.82 -22.97
N ALA A 684 3.68 15.51 -24.09
CA ALA A 684 4.91 15.50 -24.88
C ALA A 684 4.83 16.64 -25.88
N VAL A 685 5.91 16.89 -26.61
CA VAL A 685 5.84 17.75 -27.78
C VAL A 685 5.52 16.85 -28.96
N GLU A 686 4.55 17.26 -29.76
CA GLU A 686 4.09 16.47 -30.89
C GLU A 686 5.16 16.42 -31.96
N ASP A 687 5.51 15.19 -32.37
CA ASP A 687 6.59 14.88 -33.30
C ASP A 687 7.92 15.45 -32.83
N GLY A 688 8.35 15.05 -31.64
CA GLY A 688 9.61 15.52 -31.08
C GLY A 688 10.43 14.35 -30.61
N ALA A 689 11.57 14.68 -29.97
CA ALA A 689 12.51 13.65 -29.56
C ALA A 689 11.99 12.85 -28.37
N THR A 690 11.06 13.42 -27.61
CA THR A 690 10.57 12.77 -26.40
C THR A 690 9.59 11.65 -26.73
N MET A 691 8.56 11.95 -27.52
CA MET A 691 7.56 10.94 -27.85
C MET A 691 8.09 9.91 -28.84
N THR A 692 9.18 10.24 -29.56
CA THR A 692 9.82 9.25 -30.42
C THR A 692 10.46 8.15 -29.60
N PHE A 693 10.88 8.49 -28.36
CA PHE A 693 11.40 7.47 -27.44
C PHE A 693 10.31 6.51 -27.01
N PHE A 694 9.07 6.99 -26.85
CA PHE A 694 8.01 6.12 -26.38
C PHE A 694 7.38 5.31 -27.51
N LYS A 695 7.63 5.68 -28.77
CA LYS A 695 7.22 4.82 -29.88
C LYS A 695 8.12 3.58 -29.96
N LYS A 696 9.42 3.78 -29.90
CA LYS A 696 10.38 2.70 -30.09
C LYS A 696 10.62 1.92 -28.80
N SER A 697 9.95 2.31 -27.72
CA SER A 697 10.19 1.69 -26.43
C SER A 697 9.54 0.31 -26.36
N LYS A 698 10.17 -0.57 -25.59
CA LYS A 698 9.64 -1.91 -25.35
C LYS A 698 9.44 -2.23 -23.88
N ILE A 699 9.79 -1.31 -22.97
CA ILE A 699 9.53 -1.53 -21.56
C ILE A 699 8.04 -1.36 -21.32
N SER A 700 7.46 -2.29 -20.55
CA SER A 700 6.00 -2.33 -20.39
C SER A 700 5.48 -1.16 -19.58
N THR A 701 6.33 -0.55 -18.76
CA THR A 701 5.90 0.64 -18.03
C THR A 701 5.90 1.86 -18.94
N TYR A 702 6.71 1.83 -20.00
CA TYR A 702 6.71 2.94 -20.95
C TYR A 702 5.73 2.70 -22.08
N ASP A 703 5.41 1.44 -22.35
CA ASP A 703 4.40 1.12 -23.35
C ASP A 703 3.01 1.49 -22.85
N LYS A 704 2.77 1.37 -21.55
CA LYS A 704 1.53 1.88 -20.99
C LYS A 704 1.50 3.41 -21.03
N MET A 705 2.66 4.05 -20.95
CA MET A 705 2.70 5.50 -21.03
C MET A 705 2.53 5.98 -22.46
N TRP A 706 2.94 5.19 -23.45
CA TRP A 706 2.68 5.58 -24.84
C TRP A 706 1.23 5.33 -25.21
N ALA A 707 0.66 4.21 -24.73
CA ALA A 707 -0.70 3.83 -25.10
C ALA A 707 -1.74 4.75 -24.47
N PHE A 708 -1.37 5.45 -23.40
CA PHE A 708 -2.16 6.56 -22.88
C PHE A 708 -2.28 7.64 -23.95
N MET A 709 -1.15 8.00 -24.55
CA MET A 709 -1.12 9.09 -25.52
C MET A 709 -1.05 8.57 -26.95
N SER A 710 -1.19 7.26 -27.14
CA SER A 710 -1.41 6.74 -28.50
C SER A 710 -2.89 6.78 -28.85
N SER A 711 -3.73 6.30 -27.93
CA SER A 711 -5.18 6.37 -28.12
C SER A 711 -5.66 7.81 -28.02
N ARG A 712 -5.23 8.50 -26.96
CA ARG A 712 -5.62 9.90 -26.78
C ARG A 712 -4.61 10.83 -27.45
N ARG A 713 -5.12 11.89 -28.08
CA ARG A 713 -4.31 12.88 -28.77
C ARG A 713 -5.23 14.09 -28.90
N GLN A 714 -4.69 15.24 -29.35
CA GLN A 714 -5.35 16.54 -29.52
C GLN A 714 -5.74 17.18 -28.19
N SER A 715 -5.52 16.48 -27.08
CA SER A 715 -5.60 16.99 -25.74
C SER A 715 -4.26 16.94 -25.01
N VAL A 716 -3.61 15.77 -24.96
CA VAL A 716 -2.30 15.73 -24.34
C VAL A 716 -1.22 15.23 -25.30
N LEU A 717 -0.91 16.05 -26.32
CA LEU A 717 0.26 15.93 -27.18
C LEU A 717 0.70 17.31 -27.64
N VAL A 718 0.80 18.27 -26.73
CA VAL A 718 0.81 19.71 -27.04
C VAL A 718 1.98 20.12 -27.94
N LYS A 719 1.85 21.28 -28.62
CA LYS A 719 2.69 21.63 -29.75
C LYS A 719 4.11 22.07 -29.39
N SER A 720 4.31 22.75 -28.28
CA SER A 720 5.63 23.32 -27.98
C SER A 720 5.95 23.09 -26.51
N ASN A 721 7.18 23.43 -26.13
CA ASN A 721 7.54 23.38 -24.71
C ASN A 721 6.82 24.47 -23.94
N GLU A 722 6.65 25.65 -24.55
CA GLU A 722 6.04 26.78 -23.85
C GLU A 722 4.56 26.54 -23.59
N GLU A 723 3.89 25.86 -24.52
CA GLU A 723 2.49 25.51 -24.31
C GLU A 723 2.36 24.38 -23.30
N GLY A 724 3.38 23.53 -23.20
CA GLY A 724 3.31 22.43 -22.26
C GLY A 724 3.53 22.85 -20.82
N ILE A 725 4.28 23.92 -20.62
CA ILE A 725 4.46 24.47 -19.27
C ILE A 725 3.16 25.07 -18.76
N GLN A 726 2.44 25.79 -19.64
CA GLN A 726 1.19 26.42 -19.26
C GLN A 726 0.10 25.40 -18.98
N ARG A 727 0.19 24.22 -19.59
CA ARG A 727 -0.77 23.16 -19.31
C ARG A 727 -0.56 22.60 -17.91
N VAL A 728 0.69 22.40 -17.50
CA VAL A 728 0.97 21.96 -16.14
C VAL A 728 0.61 23.06 -15.16
N LEU A 729 0.76 24.31 -15.59
CA LEU A 729 0.62 25.44 -14.68
C LEU A 729 -0.85 25.70 -14.35
N THR A 730 -1.75 25.41 -15.30
CA THR A 730 -3.19 25.50 -15.04
C THR A 730 -3.80 24.14 -14.68
N SER A 731 -3.73 23.19 -15.61
CA SER A 731 -4.40 21.90 -15.50
C SER A 731 -3.64 20.91 -14.62
N ASP A 732 -3.98 19.63 -14.74
CA ASP A 732 -3.36 18.56 -13.96
C ASP A 732 -2.44 17.75 -14.88
N TYR A 733 -1.72 18.48 -15.70
CA TYR A 733 -0.86 17.99 -16.76
C TYR A 733 0.48 17.58 -16.16
N ALA A 734 1.18 16.66 -16.83
CA ALA A 734 2.40 16.07 -16.31
C ALA A 734 3.47 16.00 -17.41
N PHE A 735 3.74 17.14 -18.04
CA PHE A 735 4.51 17.27 -19.28
C PHE A 735 5.90 16.65 -19.20
N LEU A 736 6.27 15.91 -20.25
CA LEU A 736 7.56 15.23 -20.33
C LEU A 736 8.42 15.93 -21.39
N MET A 737 9.40 16.70 -20.94
CA MET A 737 10.38 17.30 -21.83
C MET A 737 11.78 16.81 -21.44
N GLU A 738 12.81 17.40 -22.05
CA GLU A 738 14.19 17.04 -21.73
C GLU A 738 14.61 17.63 -20.40
N SER A 739 15.62 17.02 -19.78
CA SER A 739 15.92 17.33 -18.39
C SER A 739 16.64 18.66 -18.21
N THR A 740 17.25 19.19 -19.26
CA THR A 740 17.95 20.47 -19.12
C THR A 740 16.99 21.64 -19.24
N THR A 741 15.81 21.41 -19.81
CA THR A 741 14.84 22.49 -19.91
C THR A 741 13.99 22.56 -18.66
N ILE A 742 13.77 21.41 -18.01
CA ILE A 742 13.09 21.38 -16.70
C ILE A 742 13.89 22.13 -15.65
N GLU A 743 15.20 21.88 -15.59
CA GLU A 743 16.04 22.50 -14.57
C GLU A 743 16.19 24.00 -14.77
N PHE A 744 15.82 24.50 -15.95
CA PHE A 744 15.69 25.92 -16.18
C PHE A 744 14.29 26.43 -15.83
N VAL A 745 13.27 25.61 -16.09
CA VAL A 745 11.89 26.03 -15.84
C VAL A 745 11.56 25.93 -14.36
N THR A 746 11.83 24.78 -13.74
CA THR A 746 11.65 24.54 -12.30
C THR A 746 12.41 25.53 -11.43
N GLN A 747 13.57 25.99 -11.88
CA GLN A 747 14.35 26.96 -11.15
C GLN A 747 13.75 28.36 -11.15
N ARG A 748 13.10 28.76 -12.22
CA ARG A 748 12.53 30.11 -12.34
C ARG A 748 11.13 30.21 -11.76
N ASN A 749 10.24 29.29 -12.15
CA ASN A 749 8.87 29.29 -11.66
C ASN A 749 8.78 28.21 -10.58
N CYS A 750 8.90 28.65 -9.32
CA CYS A 750 9.02 27.73 -8.19
C CYS A 750 7.69 27.11 -7.74
N ASN A 751 6.64 27.23 -8.56
CA ASN A 751 5.44 26.44 -8.39
C ASN A 751 5.51 25.11 -9.13
N LEU A 752 6.65 24.79 -9.72
CA LEU A 752 6.84 23.64 -10.58
C LEU A 752 7.95 22.77 -10.03
N THR A 753 7.92 21.48 -10.36
CA THR A 753 8.92 20.55 -9.86
C THR A 753 9.24 19.51 -10.94
N GLN A 754 10.21 18.66 -10.62
CA GLN A 754 10.68 17.58 -11.49
C GLN A 754 10.46 16.28 -10.73
N ILE A 755 9.46 15.51 -11.11
CA ILE A 755 9.18 14.29 -10.37
C ILE A 755 9.94 13.14 -11.03
N GLY A 756 10.65 12.36 -10.21
CA GLY A 756 11.35 11.20 -10.70
C GLY A 756 12.75 11.58 -11.13
N GLY A 757 13.44 10.60 -11.69
CA GLY A 757 14.76 10.79 -12.26
C GLY A 757 14.69 10.93 -13.76
N LEU A 758 15.74 10.45 -14.42
CA LEU A 758 15.84 10.50 -15.87
C LEU A 758 15.35 9.21 -16.49
N ILE A 759 14.68 9.33 -17.63
CA ILE A 759 14.17 8.18 -18.36
C ILE A 759 15.10 7.78 -19.50
N ASP A 760 15.51 8.71 -20.34
CA ASP A 760 16.44 8.48 -21.43
C ASP A 760 17.83 8.90 -20.92
N SER A 761 18.82 8.87 -21.81
CA SER A 761 20.12 9.43 -21.48
C SER A 761 20.78 9.89 -22.78
N LYS A 762 20.86 11.20 -22.97
CA LYS A 762 21.36 11.78 -24.20
C LYS A 762 22.47 12.77 -23.88
N GLY A 763 22.95 13.50 -24.86
CA GLY A 763 24.03 14.44 -24.59
C GLY A 763 24.17 15.43 -25.71
N TYR A 764 24.62 16.62 -25.34
CA TYR A 764 24.84 17.71 -26.29
C TYR A 764 26.28 17.73 -26.73
N GLY A 765 26.50 17.75 -28.04
CA GLY A 765 27.85 17.81 -28.57
C GLY A 765 28.02 18.97 -29.52
N VAL A 766 29.25 19.46 -29.60
CA VAL A 766 29.63 20.47 -30.57
C VAL A 766 29.74 19.80 -31.93
N GLY A 767 28.76 20.05 -32.80
CA GLY A 767 28.77 19.46 -34.12
C GLY A 767 29.86 20.00 -35.00
N THR A 768 30.46 19.14 -35.82
CA THR A 768 31.57 19.45 -36.70
C THR A 768 31.33 18.60 -37.94
N PRO A 769 31.66 19.08 -39.15
CA PRO A 769 31.35 18.29 -40.35
C PRO A 769 32.14 17.00 -40.44
N MET A 770 31.66 16.08 -41.29
CA MET A 770 32.11 14.70 -41.36
C MET A 770 33.59 14.60 -41.72
N GLY A 771 34.37 13.98 -40.84
CA GLY A 771 35.82 13.90 -41.01
C GLY A 771 36.52 15.25 -40.95
N SER A 772 36.53 15.88 -39.78
CA SER A 772 37.11 17.20 -39.61
C SER A 772 38.27 17.16 -38.62
N PRO A 773 39.25 18.05 -38.74
CA PRO A 773 40.33 18.13 -37.74
C PRO A 773 39.97 18.86 -36.45
N TYR A 774 38.74 19.32 -36.28
CA TYR A 774 38.33 19.96 -35.04
C TYR A 774 37.41 19.09 -34.18
N ARG A 775 37.11 17.87 -34.60
CA ARG A 775 36.43 16.93 -33.71
C ARG A 775 37.33 16.58 -32.54
N ASP A 776 38.59 16.32 -32.81
CA ASP A 776 39.49 15.83 -31.78
C ASP A 776 40.13 16.96 -30.99
N LYS A 777 40.28 18.13 -31.61
CA LYS A 777 40.88 19.23 -30.87
C LYS A 777 39.90 19.84 -29.88
N ILE A 778 38.60 19.64 -30.09
CA ILE A 778 37.58 20.18 -29.20
C ILE A 778 37.17 19.15 -28.15
N THR A 779 37.22 17.86 -28.50
CA THR A 779 37.00 16.79 -27.54
C THR A 779 37.99 16.88 -26.38
N ILE A 780 39.28 17.03 -26.68
CA ILE A 780 40.28 17.31 -25.65
C ILE A 780 40.03 18.68 -24.99
N ALA A 781 39.50 19.64 -25.74
CA ALA A 781 39.27 20.96 -25.16
C ALA A 781 38.05 20.97 -24.25
N ILE A 782 37.04 20.15 -24.55
CA ILE A 782 35.89 20.01 -23.66
C ILE A 782 36.29 19.22 -22.41
N LEU A 783 37.13 18.20 -22.58
CA LEU A 783 37.59 17.40 -21.44
C LEU A 783 38.52 18.19 -20.52
N GLN A 784 39.18 19.22 -21.01
CA GLN A 784 39.99 20.06 -20.14
C GLN A 784 39.12 20.96 -19.28
N LEU A 785 38.03 21.49 -19.83
CA LEU A 785 37.15 22.36 -19.07
C LEU A 785 36.30 21.60 -18.07
N GLN A 786 36.20 20.28 -18.18
CA GLN A 786 35.51 19.52 -17.15
C GLN A 786 36.43 19.25 -15.96
N GLU A 787 37.70 18.99 -16.22
CA GLU A 787 38.65 18.68 -15.14
C GLU A 787 38.91 19.91 -14.28
N GLU A 788 39.01 21.09 -14.92
CA GLU A 788 39.15 22.32 -14.17
C GLU A 788 37.87 22.72 -13.45
N GLY A 789 36.72 22.23 -13.91
CA GLY A 789 35.45 22.53 -13.28
C GLY A 789 34.68 23.66 -13.94
N LYS A 790 35.05 24.05 -15.16
CA LYS A 790 34.42 25.21 -15.78
C LYS A 790 33.04 24.89 -16.34
N LEU A 791 32.82 23.65 -16.82
CA LEU A 791 31.51 23.29 -17.33
C LEU A 791 30.47 23.15 -16.24
N HIS A 792 30.88 23.10 -14.97
CA HIS A 792 29.90 23.20 -13.90
C HIS A 792 29.58 24.66 -13.58
N MET A 793 30.61 25.52 -13.54
CA MET A 793 30.38 26.90 -13.15
C MET A 793 29.69 27.70 -14.25
N MET A 794 29.81 27.24 -15.49
CA MET A 794 29.08 27.86 -16.58
C MET A 794 27.61 27.45 -16.57
N LYS A 795 27.31 26.26 -16.07
CA LYS A 795 25.92 25.81 -15.98
C LYS A 795 25.23 26.45 -14.79
N GLU A 796 25.96 26.64 -13.68
CA GLU A 796 25.40 27.25 -12.49
C GLU A 796 25.18 28.74 -12.68
N LYS A 797 25.87 29.34 -13.66
CA LYS A 797 25.70 30.75 -13.92
C LYS A 797 24.39 31.02 -14.66
N TRP A 798 23.99 30.10 -15.53
CA TRP A 798 22.84 30.30 -16.41
C TRP A 798 21.61 29.51 -16.02
N TRP A 799 21.75 28.46 -15.20
CA TRP A 799 20.62 27.65 -14.78
C TRP A 799 20.18 27.87 -13.34
N ARG A 800 20.81 28.76 -12.58
CA ARG A 800 20.33 29.03 -11.22
C ARG A 800 19.47 30.28 -11.15
N GLY A 801 19.76 31.28 -11.97
CA GLY A 801 18.92 32.46 -12.16
C GLY A 801 18.51 33.26 -10.94
N ASN A 802 17.22 33.25 -10.65
CA ASN A 802 16.70 33.94 -9.47
C ASN A 802 17.09 33.21 -8.19
N GLY A 803 16.97 33.92 -7.07
CA GLY A 803 16.97 33.25 -5.78
C GLY A 803 15.81 32.28 -5.65
N CYS A 804 14.57 32.77 -5.89
CA CYS A 804 13.32 32.03 -6.03
C CYS A 804 13.08 31.12 -4.83
N PRO A 805 12.49 31.64 -3.73
CA PRO A 805 12.79 31.14 -2.37
C PRO A 805 12.47 29.69 -2.10
N GLU A 806 13.40 28.83 -2.54
CA GLU A 806 13.32 27.37 -2.50
C GLU A 806 13.37 26.74 -1.11
N GLU A 807 13.28 27.54 -0.05
CA GLU A 807 13.27 27.11 1.34
C GLU A 807 12.30 25.97 1.63
N GLU A 808 10.98 26.24 1.51
CA GLU A 808 9.86 25.27 1.57
C GLU A 808 10.02 24.11 2.54
N SER A 809 10.01 24.40 3.85
CA SER A 809 10.29 23.37 4.85
C SER A 809 9.16 22.35 4.88
N LYS A 810 9.30 21.32 4.06
CA LYS A 810 8.24 20.36 3.75
C LYS A 810 8.37 19.15 4.69
N GLU A 811 8.52 19.43 5.98
CA GLU A 811 8.50 18.38 6.99
C GLU A 811 7.30 18.58 7.89
N ALA A 812 6.68 17.48 8.31
CA ALA A 812 5.34 17.53 8.88
C ALA A 812 5.05 16.32 9.75
N SER A 813 3.75 16.07 9.96
CA SER A 813 3.07 14.98 10.63
C SER A 813 3.11 15.09 12.15
N ALA A 814 3.86 16.02 12.72
CA ALA A 814 3.57 16.46 14.07
C ALA A 814 2.46 17.49 13.98
N LEU A 815 1.50 17.40 14.89
CA LEU A 815 0.33 18.27 14.84
C LEU A 815 0.71 19.63 15.39
N GLY A 816 0.49 20.67 14.60
CA GLY A 816 0.91 22.00 14.99
C GLY A 816 -0.23 22.99 15.06
N VAL A 817 0.10 24.28 15.06
CA VAL A 817 -0.92 25.32 15.18
C VAL A 817 -1.73 25.50 13.91
N GLN A 818 -1.28 24.95 12.77
CA GLN A 818 -2.10 25.03 11.58
C GLN A 818 -3.10 23.88 11.53
N ASN A 819 -2.75 22.72 12.09
CA ASN A 819 -3.64 21.56 12.08
C ASN A 819 -4.64 21.67 13.23
N ILE A 820 -4.15 21.70 14.46
CA ILE A 820 -5.02 21.86 15.62
C ILE A 820 -4.69 23.21 16.27
N GLY A 821 -5.33 24.26 15.79
CA GLY A 821 -5.10 25.58 16.33
C GLY A 821 -6.39 26.25 16.70
N GLY A 822 -7.48 25.75 16.14
CA GLY A 822 -8.78 26.31 16.44
C GLY A 822 -9.33 25.88 17.78
N ILE A 823 -8.72 24.88 18.41
CA ILE A 823 -9.15 24.49 19.74
C ILE A 823 -8.64 25.48 20.77
N PHE A 824 -7.63 26.28 20.42
CA PHE A 824 -7.20 27.38 21.27
C PHE A 824 -8.10 28.60 21.06
N ILE A 825 -8.75 28.68 19.90
CA ILE A 825 -9.66 29.79 19.63
C ILE A 825 -11.03 29.52 20.26
N VAL A 826 -11.44 28.24 20.26
CA VAL A 826 -12.64 27.86 21.00
C VAL A 826 -12.42 27.97 22.49
N LEU A 827 -11.20 27.68 22.95
CA LEU A 827 -10.85 27.89 24.36
C LEU A 827 -10.85 29.36 24.72
N ALA A 828 -10.31 30.21 23.85
CA ALA A 828 -10.23 31.64 24.15
C ALA A 828 -11.60 32.29 24.11
N ALA A 829 -12.49 31.82 23.23
CA ALA A 829 -13.83 32.37 23.17
C ALA A 829 -14.68 31.89 24.35
N GLY A 830 -14.32 30.75 24.93
CA GLY A 830 -15.06 30.25 26.08
C GLY A 830 -14.72 31.00 27.35
N LEU A 831 -13.53 31.59 27.39
CA LEU A 831 -13.12 32.36 28.56
C LEU A 831 -13.61 33.80 28.50
N VAL A 832 -13.75 34.35 27.29
CA VAL A 832 -14.33 35.68 27.14
C VAL A 832 -15.81 35.65 27.46
N LEU A 833 -16.50 34.59 27.02
CA LEU A 833 -17.91 34.40 27.33
C LEU A 833 -18.16 34.26 28.82
N SER A 834 -17.22 33.67 29.55
CA SER A 834 -17.44 33.42 30.97
C SER A 834 -17.30 34.69 31.80
N VAL A 835 -16.43 35.61 31.38
CA VAL A 835 -16.29 36.89 32.07
C VAL A 835 -17.57 37.70 31.91
N PHE A 836 -18.23 37.57 30.75
CA PHE A 836 -19.48 38.26 30.51
C PHE A 836 -20.61 37.67 31.36
N VAL A 837 -20.50 36.38 31.73
CA VAL A 837 -21.42 35.78 32.67
C VAL A 837 -21.00 36.09 34.10
N ALA A 838 -19.70 36.31 34.34
CA ALA A 838 -19.23 36.66 35.66
C ALA A 838 -19.68 38.06 36.06
N VAL A 839 -19.77 38.96 35.09
CA VAL A 839 -20.35 40.29 35.31
C VAL A 839 -21.83 40.12 35.58
N GLY A 840 -22.49 39.27 34.80
CA GLY A 840 -23.91 39.01 34.93
C GLY A 840 -24.33 38.40 36.26
N GLU A 841 -23.45 37.61 36.87
CA GLU A 841 -23.77 37.04 38.18
C GLU A 841 -23.54 38.06 39.29
N PHE A 842 -22.62 39.00 39.07
CA PHE A 842 -22.36 40.03 40.07
C PHE A 842 -23.50 41.04 40.11
N LEU A 843 -24.11 41.32 38.95
CA LEU A 843 -25.19 42.29 38.89
C LEU A 843 -26.50 41.68 39.39
N TYR A 844 -26.72 40.40 39.09
CA TYR A 844 -27.96 39.74 39.48
C TYR A 844 -28.01 39.47 40.98
N LYS A 845 -26.85 39.41 41.63
CA LYS A 845 -26.82 39.21 43.08
C LYS A 845 -26.98 40.54 43.81
N SER A 846 -26.43 41.61 43.25
CA SER A 846 -26.50 42.92 43.90
C SER A 846 -27.91 43.49 43.85
N LYS A 847 -28.64 43.22 42.77
CA LYS A 847 -30.02 43.66 42.68
C LYS A 847 -30.90 42.88 43.65
N LYS A 848 -30.56 41.62 43.90
CA LYS A 848 -31.25 40.84 44.91
C LYS A 848 -30.84 41.34 46.30
N ASN A 849 -29.61 41.85 46.42
CA ASN A 849 -29.11 42.38 47.68
C ASN A 849 -29.80 43.69 48.01
N ALA A 850 -29.70 44.67 47.13
CA ALA A 850 -30.36 45.96 47.34
C ALA A 850 -31.81 45.90 46.86
N ARG B 431 -5.33 -14.75 -55.51
CA ARG B 431 -6.76 -14.64 -55.24
C ARG B 431 -6.96 -14.11 -53.82
N SER B 432 -7.99 -13.28 -53.63
CA SER B 432 -8.33 -12.71 -52.34
C SER B 432 -9.50 -13.45 -51.71
N LEU B 433 -9.37 -13.77 -50.43
CA LEU B 433 -10.39 -14.48 -49.69
C LEU B 433 -11.50 -13.55 -49.25
N ILE B 434 -12.71 -14.10 -49.18
CA ILE B 434 -13.88 -13.38 -48.69
C ILE B 434 -14.08 -13.73 -47.22
N VAL B 435 -13.68 -12.83 -46.33
CA VAL B 435 -13.84 -13.06 -44.90
C VAL B 435 -15.14 -12.44 -44.44
N THR B 436 -16.12 -13.26 -44.08
CA THR B 436 -17.34 -12.71 -43.51
C THR B 436 -17.05 -12.37 -42.05
N THR B 437 -17.85 -11.48 -41.47
CA THR B 437 -17.50 -10.77 -40.25
C THR B 437 -18.75 -10.05 -39.71
N ILE B 438 -18.92 -10.01 -38.38
CA ILE B 438 -19.97 -9.21 -37.75
C ILE B 438 -19.26 -8.21 -36.85
N LEU B 439 -19.99 -7.17 -36.42
CA LEU B 439 -19.43 -6.14 -35.54
C LEU B 439 -19.93 -6.27 -34.11
N GLU B 440 -19.03 -6.68 -33.21
CA GLU B 440 -19.15 -6.38 -31.80
C GLU B 440 -17.81 -5.87 -31.32
N GLU B 441 -17.86 -5.02 -30.31
CA GLU B 441 -16.67 -4.46 -29.71
C GLU B 441 -16.16 -5.41 -28.64
N PRO B 442 -14.84 -5.58 -28.50
CA PRO B 442 -13.70 -5.04 -29.23
C PRO B 442 -13.21 -5.97 -30.31
N TYR B 443 -14.11 -6.68 -30.95
CA TYR B 443 -13.68 -7.64 -31.94
C TYR B 443 -13.54 -6.94 -33.28
N VAL B 444 -14.64 -6.43 -33.81
CA VAL B 444 -14.68 -5.72 -35.08
C VAL B 444 -15.48 -4.44 -34.87
N LEU B 445 -14.83 -3.30 -35.03
CA LEU B 445 -15.46 -2.02 -34.77
C LEU B 445 -15.05 -1.04 -35.86
N PHE B 446 -15.95 -0.13 -36.25
CA PHE B 446 -15.64 0.87 -37.27
C PHE B 446 -14.55 1.80 -36.80
N LYS B 447 -13.48 1.91 -37.59
CA LYS B 447 -12.47 2.93 -37.32
C LYS B 447 -13.06 4.30 -37.63
N LYS B 448 -13.27 5.10 -36.59
CA LYS B 448 -13.96 6.38 -36.70
C LYS B 448 -13.02 7.53 -37.02
N SER B 449 -11.89 7.25 -37.66
CA SER B 449 -10.94 8.29 -38.05
C SER B 449 -11.49 9.12 -39.19
N ASP B 450 -10.80 10.22 -39.50
CA ASP B 450 -11.16 11.11 -40.59
C ASP B 450 -10.65 10.52 -41.90
N LYS B 451 -10.59 11.34 -42.97
CA LYS B 451 -10.14 10.97 -44.33
C LYS B 451 -11.02 9.89 -44.93
N PRO B 452 -12.23 10.23 -45.42
CA PRO B 452 -13.12 9.20 -46.01
C PRO B 452 -12.64 8.64 -47.35
N LEU B 453 -13.55 7.90 -48.00
CA LEU B 453 -13.32 6.95 -49.11
C LEU B 453 -12.50 5.76 -48.61
N TYR B 454 -12.90 5.23 -47.45
CA TYR B 454 -12.28 4.04 -46.90
C TYR B 454 -12.68 2.79 -47.68
N GLY B 455 -11.70 1.95 -47.98
CA GLY B 455 -11.96 0.63 -48.53
C GLY B 455 -11.14 -0.43 -47.84
N ASN B 456 -11.82 -1.35 -47.15
CA ASN B 456 -11.26 -2.47 -46.37
C ASN B 456 -10.31 -2.01 -45.26
N ASP B 457 -10.36 -0.74 -44.89
CA ASP B 457 -9.65 -0.22 -43.73
C ASP B 457 -10.63 0.43 -42.77
N ARG B 458 -11.93 0.16 -42.97
CA ARG B 458 -12.97 0.67 -42.09
C ARG B 458 -12.90 0.05 -40.70
N PHE B 459 -12.33 -1.15 -40.59
CA PHE B 459 -12.51 -2.01 -39.42
C PHE B 459 -11.22 -2.08 -38.61
N GLU B 460 -11.36 -2.23 -37.29
CA GLU B 460 -10.24 -2.47 -36.39
C GLU B 460 -10.70 -3.44 -35.29
N GLY B 461 -9.80 -3.74 -34.36
CA GLY B 461 -10.15 -4.52 -33.19
C GLY B 461 -9.24 -5.72 -33.00
N TYR B 462 -9.60 -6.53 -32.00
CA TYR B 462 -8.94 -7.81 -31.76
C TYR B 462 -9.11 -8.75 -32.95
N CYS B 463 -10.32 -8.78 -33.51
CA CYS B 463 -10.63 -9.79 -34.49
C CYS B 463 -10.08 -9.40 -35.87
N ILE B 464 -9.75 -8.14 -36.06
CA ILE B 464 -9.09 -7.72 -37.29
C ILE B 464 -7.57 -7.87 -37.13
N ASP B 465 -7.05 -7.65 -35.92
CA ASP B 465 -5.63 -7.89 -35.67
C ASP B 465 -5.29 -9.37 -35.75
N LEU B 466 -6.24 -10.25 -35.43
CA LEU B 466 -6.02 -11.68 -35.60
C LEU B 466 -5.89 -12.05 -37.07
N LEU B 467 -6.73 -11.44 -37.92
CA LEU B 467 -6.80 -11.85 -39.31
C LEU B 467 -5.57 -11.39 -40.10
N ARG B 468 -4.96 -10.28 -39.69
CA ARG B 468 -3.73 -9.85 -40.34
C ARG B 468 -2.55 -10.66 -39.82
N GLU B 469 -2.67 -11.24 -38.62
CA GLU B 469 -1.63 -12.15 -38.14
C GLU B 469 -1.73 -13.50 -38.82
N LEU B 470 -2.93 -13.88 -39.26
CA LEU B 470 -3.10 -15.13 -40.00
C LEU B 470 -2.54 -15.00 -41.40
N SER B 471 -2.84 -13.88 -42.07
CA SER B 471 -2.41 -13.64 -43.44
C SER B 471 -0.90 -13.48 -43.54
N THR B 472 -0.27 -13.04 -42.45
CA THR B 472 1.19 -12.98 -42.38
C THR B 472 1.75 -14.39 -42.26
N ILE B 473 1.05 -15.28 -41.56
CA ILE B 473 1.62 -16.57 -41.21
C ILE B 473 1.09 -17.64 -42.18
N LEU B 474 -0.06 -17.39 -42.79
CA LEU B 474 -0.47 -18.15 -43.96
C LEU B 474 -0.08 -17.39 -45.21
N GLY B 475 -0.58 -17.82 -46.36
CA GLY B 475 -0.54 -16.96 -47.51
C GLY B 475 -1.93 -16.72 -48.07
N PHE B 476 -2.45 -15.51 -47.87
CA PHE B 476 -3.68 -15.04 -48.50
C PHE B 476 -3.80 -13.53 -48.37
N THR B 477 -4.73 -12.95 -49.13
CA THR B 477 -5.21 -11.61 -48.92
C THR B 477 -6.71 -11.70 -48.66
N TYR B 478 -7.23 -10.81 -47.84
CA TYR B 478 -8.57 -10.97 -47.30
C TYR B 478 -9.45 -9.78 -47.66
N GLU B 479 -10.65 -10.07 -48.14
CA GLU B 479 -11.66 -9.06 -48.44
C GLU B 479 -12.78 -9.14 -47.41
N ILE B 480 -12.73 -8.22 -46.43
CA ILE B 480 -13.68 -8.22 -45.33
C ILE B 480 -15.05 -7.79 -45.84
N ARG B 481 -16.00 -8.71 -45.81
CA ARG B 481 -17.32 -8.55 -46.38
C ARG B 481 -18.34 -8.97 -45.33
N LEU B 482 -18.92 -7.97 -44.64
CA LEU B 482 -19.82 -8.17 -43.52
C LEU B 482 -21.04 -9.02 -43.86
N VAL B 483 -21.60 -9.69 -42.86
CA VAL B 483 -22.83 -10.44 -43.04
C VAL B 483 -23.97 -9.45 -43.32
N GLU B 484 -24.81 -9.77 -44.30
CA GLU B 484 -25.89 -8.89 -44.71
C GLU B 484 -27.19 -9.26 -44.02
N ASP B 485 -27.10 -9.91 -42.87
CA ASP B 485 -28.24 -10.19 -42.01
C ASP B 485 -28.04 -9.69 -40.59
N GLY B 486 -26.80 -9.50 -40.15
CA GLY B 486 -26.53 -9.03 -38.82
C GLY B 486 -26.60 -10.10 -37.74
N LYS B 487 -26.60 -11.37 -38.12
CA LYS B 487 -26.72 -12.47 -37.18
C LYS B 487 -25.51 -13.38 -37.25
N TYR B 488 -25.31 -14.16 -36.19
CA TYR B 488 -24.25 -15.16 -36.20
C TYR B 488 -24.68 -16.41 -36.97
N GLY B 489 -25.74 -17.07 -36.52
CA GLY B 489 -26.29 -18.18 -37.26
C GLY B 489 -27.03 -19.19 -36.42
N ALA B 490 -28.20 -19.59 -36.89
CA ALA B 490 -29.04 -20.61 -36.25
C ALA B 490 -30.05 -21.08 -37.28
N GLN B 491 -30.80 -22.10 -36.92
CA GLN B 491 -31.89 -22.60 -37.75
C GLN B 491 -33.18 -21.86 -37.39
N ASP B 492 -34.15 -21.93 -38.29
CA ASP B 492 -35.46 -21.33 -38.07
C ASP B 492 -36.47 -22.30 -37.46
N ASP B 493 -36.12 -23.59 -37.35
CA ASP B 493 -36.91 -24.69 -36.80
C ASP B 493 -38.23 -24.92 -37.53
N VAL B 494 -38.40 -24.40 -38.73
CA VAL B 494 -39.59 -24.63 -39.55
C VAL B 494 -39.19 -25.13 -40.94
N ASN B 495 -38.23 -24.45 -41.58
CA ASN B 495 -37.70 -24.86 -42.87
C ASN B 495 -36.25 -25.33 -42.79
N GLY B 496 -35.58 -25.07 -41.67
CA GLY B 496 -34.20 -25.47 -41.48
C GLY B 496 -33.22 -24.78 -42.42
N GLN B 497 -33.16 -23.44 -42.34
CA GLN B 497 -32.23 -22.66 -43.14
C GLN B 497 -31.46 -21.73 -42.23
N TRP B 498 -30.15 -21.67 -42.43
CA TRP B 498 -29.25 -20.96 -41.54
C TRP B 498 -29.34 -19.46 -41.77
N ASN B 499 -29.09 -18.69 -40.72
CA ASN B 499 -29.37 -17.25 -40.72
C ASN B 499 -28.10 -16.49 -40.35
N GLY B 500 -27.26 -16.19 -41.33
CA GLY B 500 -26.16 -15.30 -41.05
C GLY B 500 -24.83 -15.72 -41.63
N MET B 501 -23.80 -15.79 -40.80
CA MET B 501 -22.48 -16.17 -41.30
C MET B 501 -22.41 -17.63 -41.66
N VAL B 502 -23.06 -18.51 -40.89
CA VAL B 502 -22.98 -19.94 -41.18
C VAL B 502 -23.87 -20.30 -42.35
N ARG B 503 -24.70 -19.35 -42.82
CA ARG B 503 -25.34 -19.50 -44.12
C ARG B 503 -24.41 -19.04 -45.24
N GLU B 504 -23.57 -18.05 -44.97
CA GLU B 504 -22.59 -17.63 -45.95
C GLU B 504 -21.42 -18.60 -46.02
N LEU B 505 -21.33 -19.50 -45.02
CA LEU B 505 -20.26 -20.49 -45.01
C LEU B 505 -20.69 -21.79 -45.65
N ILE B 506 -21.96 -22.17 -45.51
CA ILE B 506 -22.46 -23.36 -46.17
C ILE B 506 -22.66 -23.12 -47.67
N ASP B 507 -22.90 -21.88 -48.10
CA ASP B 507 -23.18 -21.57 -49.50
C ASP B 507 -21.93 -21.10 -50.23
N HIS B 508 -20.77 -21.22 -49.58
CA HIS B 508 -19.45 -20.84 -50.08
C HIS B 508 -19.35 -19.38 -50.51
N LYS B 509 -20.19 -18.51 -49.95
CA LYS B 509 -20.09 -17.09 -50.21
C LYS B 509 -18.95 -16.45 -49.45
N ALA B 510 -18.40 -17.14 -48.45
CA ALA B 510 -17.23 -16.69 -47.73
C ALA B 510 -16.27 -17.86 -47.58
N ASP B 511 -15.02 -17.57 -47.29
CA ASP B 511 -14.01 -18.60 -47.11
C ASP B 511 -13.53 -18.69 -45.68
N LEU B 512 -13.74 -17.65 -44.87
CA LEU B 512 -13.48 -17.70 -43.44
C LEU B 512 -14.69 -17.09 -42.75
N ALA B 513 -14.73 -17.14 -41.44
CA ALA B 513 -15.76 -16.46 -40.68
C ALA B 513 -15.18 -15.87 -39.42
N VAL B 514 -14.04 -15.19 -39.53
CA VAL B 514 -13.27 -14.76 -38.36
C VAL B 514 -14.07 -13.71 -37.61
N ALA B 515 -14.66 -14.13 -36.49
CA ALA B 515 -15.69 -13.41 -35.77
C ALA B 515 -15.87 -14.08 -34.40
N PRO B 516 -16.63 -13.48 -33.46
CA PRO B 516 -17.00 -14.23 -32.25
C PRO B 516 -17.98 -15.36 -32.50
N LEU B 517 -17.56 -16.40 -33.20
CA LEU B 517 -18.45 -17.48 -33.60
C LEU B 517 -18.16 -18.68 -32.72
N ALA B 518 -19.05 -18.96 -31.78
CA ALA B 518 -18.80 -19.95 -30.74
C ALA B 518 -18.99 -21.35 -31.27
N ILE B 519 -18.00 -22.21 -31.00
CA ILE B 519 -18.03 -23.60 -31.44
C ILE B 519 -19.10 -24.35 -30.66
N THR B 520 -20.15 -24.76 -31.33
CA THR B 520 -21.20 -25.54 -30.71
C THR B 520 -21.59 -26.69 -31.62
N TYR B 521 -22.47 -27.55 -31.10
CA TYR B 521 -22.71 -28.85 -31.72
C TYR B 521 -23.56 -28.75 -32.97
N VAL B 522 -24.52 -27.83 -32.99
CA VAL B 522 -25.42 -27.75 -34.12
C VAL B 522 -24.78 -27.01 -35.28
N ARG B 523 -23.74 -26.21 -35.00
CA ARG B 523 -23.06 -25.50 -36.06
C ARG B 523 -21.98 -26.36 -36.71
N GLU B 524 -21.35 -27.25 -35.95
CA GLU B 524 -20.18 -27.95 -36.50
C GLU B 524 -20.61 -29.20 -37.25
N LYS B 525 -21.87 -29.58 -37.15
CA LYS B 525 -22.42 -30.57 -38.07
C LYS B 525 -22.71 -29.99 -39.45
N VAL B 526 -22.52 -28.69 -39.64
CA VAL B 526 -22.81 -28.02 -40.89
C VAL B 526 -21.58 -27.31 -41.45
N ILE B 527 -20.86 -26.55 -40.63
CA ILE B 527 -19.61 -25.95 -41.08
C ILE B 527 -18.46 -26.59 -40.31
N ASP B 528 -17.23 -26.17 -40.61
CA ASP B 528 -16.06 -26.66 -39.87
C ASP B 528 -15.44 -25.49 -39.14
N PHE B 529 -15.17 -25.66 -37.87
CA PHE B 529 -14.48 -24.65 -37.09
C PHE B 529 -12.99 -24.99 -37.01
N SER B 530 -12.18 -23.99 -36.69
CA SER B 530 -10.80 -24.27 -36.36
C SER B 530 -10.71 -24.54 -34.87
N LYS B 531 -9.50 -24.70 -34.36
CA LYS B 531 -9.36 -24.92 -32.93
C LYS B 531 -9.27 -23.58 -32.24
N PRO B 532 -9.86 -23.41 -31.04
CA PRO B 532 -10.20 -22.07 -30.53
C PRO B 532 -9.09 -21.08 -30.32
N PHE B 533 -9.35 -19.81 -30.63
CA PHE B 533 -8.41 -18.74 -30.33
C PHE B 533 -8.77 -17.98 -29.07
N MET B 534 -9.89 -18.32 -28.42
CA MET B 534 -10.33 -17.63 -27.22
C MET B 534 -11.32 -18.51 -26.50
N THR B 535 -11.18 -18.62 -25.18
CA THR B 535 -12.02 -19.45 -24.33
C THR B 535 -12.91 -18.58 -23.47
N LEU B 536 -14.15 -19.03 -23.28
CA LEU B 536 -15.07 -18.30 -22.42
C LEU B 536 -15.99 -19.23 -21.64
N GLY B 537 -17.03 -18.65 -21.04
CA GLY B 537 -18.07 -19.40 -20.37
C GLY B 537 -19.14 -18.44 -19.90
N ILE B 538 -20.18 -18.95 -19.26
CA ILE B 538 -21.17 -18.09 -18.63
C ILE B 538 -20.63 -17.60 -17.29
N SER B 539 -20.84 -16.34 -17.00
CA SER B 539 -20.43 -15.78 -15.71
C SER B 539 -21.43 -14.68 -15.37
N ILE B 540 -21.19 -14.01 -14.23
CA ILE B 540 -22.17 -13.14 -13.61
C ILE B 540 -21.65 -11.70 -13.58
N LEU B 541 -22.45 -10.77 -14.10
CA LEU B 541 -22.31 -9.36 -13.74
C LEU B 541 -23.08 -9.04 -12.49
N TYR B 542 -22.51 -8.14 -11.68
CA TYR B 542 -23.17 -7.56 -10.54
C TYR B 542 -22.42 -6.29 -10.20
N ARG B 543 -23.04 -5.43 -9.40
CA ARG B 543 -22.41 -4.18 -8.99
C ARG B 543 -21.35 -4.42 -7.93
N LYS B 544 -20.22 -3.73 -8.09
CA LYS B 544 -19.15 -3.74 -7.11
C LYS B 544 -19.65 -3.19 -5.77
N PRO B 545 -19.26 -3.80 -4.65
CA PRO B 545 -19.73 -3.32 -3.34
C PRO B 545 -19.23 -1.92 -3.04
N ASN B 546 -20.05 -1.15 -2.33
CA ASN B 546 -19.91 0.29 -2.35
C ASN B 546 -19.57 0.88 -0.99
N GLY B 547 -20.20 0.40 0.08
CA GLY B 547 -19.90 0.87 1.41
C GLY B 547 -20.40 2.27 1.73
N THR B 548 -21.44 2.73 1.03
CA THR B 548 -22.03 4.03 1.34
C THR B 548 -23.25 3.93 2.24
N ASN B 549 -23.78 2.72 2.46
CA ASN B 549 -24.81 2.47 3.46
C ASN B 549 -24.37 1.29 4.31
N PRO B 550 -23.47 1.48 5.28
CA PRO B 550 -23.01 0.36 6.10
C PRO B 550 -24.03 -0.10 7.13
N GLY B 551 -25.09 0.67 7.35
CA GLY B 551 -26.08 0.37 8.36
C GLY B 551 -26.23 1.56 9.26
N VAL B 552 -27.42 1.75 9.85
CA VAL B 552 -27.60 2.82 10.83
C VAL B 552 -26.88 2.47 12.13
N PHE B 553 -26.62 1.19 12.38
CA PHE B 553 -25.67 0.68 13.36
C PHE B 553 -24.31 0.60 12.68
N SER B 554 -23.47 -0.33 13.12
CA SER B 554 -22.13 -0.67 12.61
C SER B 554 -21.10 0.31 13.14
N PHE B 555 -21.43 0.98 14.24
CA PHE B 555 -20.43 1.30 15.24
C PHE B 555 -20.05 0.07 16.05
N LEU B 556 -20.81 -1.01 15.89
CA LEU B 556 -20.86 -2.13 16.80
C LEU B 556 -20.09 -3.33 16.24
N ASN B 557 -19.50 -3.17 15.06
CA ASN B 557 -18.65 -4.14 14.37
C ASN B 557 -17.24 -4.42 14.91
N PRO B 558 -16.46 -3.44 15.50
CA PRO B 558 -15.10 -3.80 15.96
C PRO B 558 -15.00 -4.84 17.06
N LEU B 559 -16.10 -5.17 17.72
CA LEU B 559 -16.15 -6.32 18.62
C LEU B 559 -17.22 -7.26 18.10
N SER B 560 -16.92 -8.56 18.15
CA SER B 560 -17.85 -9.58 17.69
C SER B 560 -19.04 -9.66 18.64
N PRO B 561 -20.21 -10.13 18.18
CA PRO B 561 -21.38 -10.18 19.07
C PRO B 561 -21.27 -11.17 20.21
N ASP B 562 -20.28 -12.07 20.19
CA ASP B 562 -19.93 -12.82 21.39
C ASP B 562 -19.36 -11.88 22.44
N ILE B 563 -18.53 -10.92 22.01
CA ILE B 563 -17.81 -10.06 22.94
C ILE B 563 -18.74 -8.97 23.48
N TRP B 564 -19.68 -8.48 22.66
CA TRP B 564 -20.66 -7.53 23.18
C TRP B 564 -21.62 -8.19 24.16
N MET B 565 -21.77 -9.52 24.07
CA MET B 565 -22.64 -10.22 25.00
C MET B 565 -21.88 -10.64 26.25
N TYR B 566 -20.61 -11.04 26.10
CA TYR B 566 -19.83 -11.48 27.26
C TYR B 566 -19.42 -10.29 28.14
N VAL B 567 -19.43 -9.08 27.59
CA VAL B 567 -19.15 -7.90 28.41
C VAL B 567 -20.43 -7.43 29.09
N LEU B 568 -21.59 -7.82 28.55
CA LEU B 568 -22.85 -7.57 29.24
C LEU B 568 -23.00 -8.49 30.44
N LEU B 569 -22.66 -9.77 30.26
CA LEU B 569 -22.76 -10.73 31.36
C LEU B 569 -21.71 -10.48 32.43
N ALA B 570 -20.57 -9.90 32.05
CA ALA B 570 -19.53 -9.61 33.04
C ALA B 570 -19.93 -8.44 33.92
N CYS B 571 -20.75 -7.52 33.41
CA CYS B 571 -21.32 -6.47 34.26
C CYS B 571 -22.29 -7.07 35.28
N LEU B 572 -23.08 -8.05 34.84
CA LEU B 572 -23.99 -8.72 35.75
C LEU B 572 -23.24 -9.63 36.70
N GLY B 573 -22.14 -10.22 36.21
CA GLY B 573 -21.34 -11.10 37.02
C GLY B 573 -20.58 -10.41 38.13
N VAL B 574 -19.89 -9.32 37.80
CA VAL B 574 -19.05 -8.63 38.78
C VAL B 574 -19.90 -7.91 39.81
N SER B 575 -21.04 -7.37 39.39
CA SER B 575 -21.91 -6.63 40.30
C SER B 575 -22.57 -7.54 41.32
N CYS B 576 -22.87 -8.78 40.92
CA CYS B 576 -23.34 -9.77 41.89
C CYS B 576 -22.20 -10.20 42.81
N VAL B 577 -20.99 -10.31 42.26
CA VAL B 577 -19.84 -10.69 43.09
C VAL B 577 -19.45 -9.53 44.01
N LEU B 578 -19.66 -8.29 43.54
CA LEU B 578 -19.48 -7.13 44.42
C LEU B 578 -20.54 -7.08 45.52
N PHE B 579 -21.79 -7.39 45.19
CA PHE B 579 -22.84 -7.38 46.19
C PHE B 579 -22.64 -8.47 47.23
N VAL B 580 -22.20 -9.65 46.81
CA VAL B 580 -22.05 -10.77 47.74
C VAL B 580 -20.84 -10.55 48.64
N ILE B 581 -19.71 -10.13 48.07
CA ILE B 581 -18.48 -9.98 48.85
C ILE B 581 -18.58 -8.83 49.83
N ALA B 582 -19.22 -7.72 49.44
CA ALA B 582 -19.30 -6.56 50.32
C ALA B 582 -20.19 -6.80 51.54
N ARG B 583 -21.00 -7.86 51.53
CA ARG B 583 -21.77 -8.20 52.73
C ARG B 583 -20.89 -8.89 53.77
N PHE B 584 -20.23 -9.99 53.41
CA PHE B 584 -19.38 -10.64 54.41
C PHE B 584 -17.94 -10.14 54.32
N SER B 585 -17.78 -8.82 54.22
CA SER B 585 -16.49 -8.16 54.34
C SER B 585 -16.66 -7.09 55.41
N PRO B 586 -16.17 -7.36 56.64
CA PRO B 586 -16.51 -6.50 57.78
C PRO B 586 -15.96 -5.08 57.73
N TYR B 587 -15.00 -4.85 56.84
CA TYR B 587 -14.43 -3.51 56.67
C TYR B 587 -15.22 -2.65 55.70
N GLU B 588 -16.11 -3.25 54.90
CA GLU B 588 -17.07 -2.48 54.13
C GLU B 588 -18.19 -1.92 54.98
N TRP B 589 -18.51 -2.58 56.09
CA TRP B 589 -19.55 -2.12 57.01
C TRP B 589 -18.99 -0.97 57.83
N TYR B 590 -19.05 0.23 57.25
CA TYR B 590 -18.48 1.40 57.87
C TYR B 590 -19.52 2.12 58.71
N ASN B 591 -19.10 3.25 59.28
CA ASN B 591 -19.95 4.01 60.18
C ASN B 591 -20.41 5.28 59.50
N PRO B 592 -21.68 5.39 59.12
CA PRO B 592 -22.19 6.68 58.65
C PRO B 592 -22.43 7.61 59.82
N HIS B 593 -22.88 8.83 59.52
CA HIS B 593 -23.04 9.95 60.45
C HIS B 593 -21.76 10.14 61.27
N PRO B 594 -20.68 10.68 60.71
CA PRO B 594 -19.44 10.83 61.50
C PRO B 594 -19.55 11.92 62.55
N CYS B 595 -20.59 12.73 62.49
CA CYS B 595 -20.90 13.83 63.39
C CYS B 595 -20.99 13.41 64.85
N ASN B 596 -21.83 12.44 65.17
CA ASN B 596 -21.74 11.88 66.51
C ASN B 596 -20.70 10.76 66.46
N PRO B 597 -19.62 10.84 67.26
CA PRO B 597 -18.53 9.87 67.13
C PRO B 597 -18.92 8.46 67.57
N ASP B 598 -19.93 8.36 68.43
CA ASP B 598 -20.43 7.07 68.89
C ASP B 598 -21.88 6.81 68.49
N SER B 599 -22.34 7.39 67.39
CA SER B 599 -23.66 7.07 66.87
C SER B 599 -23.61 5.69 66.24
N ASP B 600 -23.82 4.64 67.05
CA ASP B 600 -23.62 3.28 66.58
C ASP B 600 -24.75 2.89 65.63
N VAL B 601 -24.49 3.09 64.34
CA VAL B 601 -25.33 2.58 63.27
C VAL B 601 -24.38 2.16 62.15
N VAL B 602 -24.65 1.01 61.55
CA VAL B 602 -23.72 0.40 60.61
C VAL B 602 -24.44 0.25 59.27
N GLU B 603 -23.99 1.00 58.26
CA GLU B 603 -24.64 1.03 56.97
C GLU B 603 -23.63 0.70 55.88
N ASN B 604 -24.03 -0.17 54.97
CA ASN B 604 -23.26 -0.51 53.79
C ASN B 604 -23.91 0.17 52.58
N ASN B 605 -23.12 0.92 51.83
CA ASN B 605 -23.61 1.60 50.63
C ASN B 605 -23.56 0.73 49.39
N PHE B 606 -23.04 -0.50 49.49
CA PHE B 606 -23.09 -1.45 48.39
C PHE B 606 -24.36 -2.30 48.49
N THR B 607 -25.45 -1.70 48.02
CA THR B 607 -26.69 -2.44 47.85
C THR B 607 -26.64 -3.24 46.56
N LEU B 608 -27.78 -3.80 46.16
CA LEU B 608 -27.81 -4.49 44.89
C LEU B 608 -27.84 -3.51 43.73
N LEU B 609 -28.60 -2.42 43.87
CA LEU B 609 -28.68 -1.43 42.81
C LEU B 609 -27.38 -0.66 42.67
N ASN B 610 -26.75 -0.33 43.80
CA ASN B 610 -25.50 0.42 43.76
C ASN B 610 -24.33 -0.42 43.31
N SER B 611 -24.49 -1.75 43.29
CA SER B 611 -23.41 -2.60 42.79
C SER B 611 -23.43 -2.70 41.26
N PHE B 612 -24.63 -2.65 40.65
CA PHE B 612 -24.68 -2.53 39.20
C PHE B 612 -24.19 -1.17 38.74
N TRP B 613 -24.38 -0.14 39.56
CA TRP B 613 -24.01 1.21 39.17
C TRP B 613 -22.51 1.42 39.31
N PHE B 614 -21.83 0.56 40.06
CA PHE B 614 -20.39 0.54 40.01
C PHE B 614 -19.94 -0.11 38.71
N GLY B 615 -20.49 -1.28 38.40
CA GLY B 615 -20.18 -2.02 37.20
C GLY B 615 -20.51 -1.31 35.91
N VAL B 616 -21.71 -0.73 35.81
CA VAL B 616 -22.06 0.08 34.64
C VAL B 616 -21.28 1.40 34.67
N GLY B 617 -21.02 1.91 35.87
CA GLY B 617 -20.26 3.14 35.99
C GLY B 617 -18.81 2.97 35.57
N ALA B 618 -18.18 1.89 36.01
CA ALA B 618 -16.77 1.69 35.68
C ALA B 618 -16.59 1.30 34.22
N LEU B 619 -17.57 0.63 33.62
CA LEU B 619 -17.46 0.19 32.24
C LEU B 619 -17.51 1.36 31.27
N MET B 620 -18.29 2.38 31.56
CA MET B 620 -18.53 3.48 30.64
C MET B 620 -17.56 4.63 30.84
N GLN B 621 -16.51 4.41 31.66
CA GLN B 621 -15.37 5.29 31.93
C GLN B 621 -15.72 6.52 32.77
N GLN B 622 -17.00 6.78 33.00
CA GLN B 622 -17.39 7.80 33.96
C GLN B 622 -17.63 7.16 35.31
N GLY B 623 -16.68 7.38 36.23
CA GLY B 623 -16.71 6.74 37.53
C GLY B 623 -17.92 7.11 38.36
N SER B 624 -18.35 6.16 39.19
CA SER B 624 -19.54 6.35 40.02
C SER B 624 -19.14 7.05 41.31
N GLU B 625 -20.12 7.29 42.19
CA GLU B 625 -19.85 7.91 43.47
C GLU B 625 -19.44 6.89 44.52
N LEU B 626 -19.52 5.61 44.21
CA LEU B 626 -19.10 4.54 45.11
C LEU B 626 -17.67 4.16 44.81
N MET B 627 -16.86 4.00 45.85
CA MET B 627 -15.52 3.44 45.72
C MET B 627 -15.35 2.41 46.82
N PRO B 628 -14.81 1.23 46.53
CA PRO B 628 -14.66 0.20 47.57
C PRO B 628 -13.65 0.56 48.63
N LYS B 629 -13.90 0.17 49.89
CA LYS B 629 -13.02 0.53 50.97
C LYS B 629 -12.34 -0.64 51.65
N ALA B 630 -12.76 -1.87 51.39
CA ALA B 630 -12.07 -3.05 51.92
C ALA B 630 -11.19 -3.63 50.83
N LEU B 631 -10.15 -4.35 51.24
CA LEU B 631 -9.23 -4.95 50.28
C LEU B 631 -9.91 -6.04 49.45
N SER B 632 -10.95 -6.67 49.99
CA SER B 632 -11.66 -7.69 49.23
C SER B 632 -12.48 -7.09 48.11
N THR B 633 -13.03 -5.89 48.31
CA THR B 633 -13.82 -5.26 47.26
C THR B 633 -12.99 -4.34 46.39
N ARG B 634 -11.77 -4.00 46.81
CA ARG B 634 -10.91 -3.20 45.95
C ARG B 634 -10.24 -4.07 44.89
N ILE B 635 -10.16 -5.38 45.12
CA ILE B 635 -9.63 -6.27 44.09
C ILE B 635 -10.67 -6.50 43.01
N VAL B 636 -11.95 -6.57 43.39
CA VAL B 636 -13.03 -6.73 42.41
C VAL B 636 -13.17 -5.47 41.58
N GLY B 637 -13.16 -4.31 42.23
CA GLY B 637 -13.17 -3.06 41.54
C GLY B 637 -11.89 -2.82 40.76
N GLY B 638 -10.77 -3.32 41.26
CA GLY B 638 -9.51 -3.08 40.59
C GLY B 638 -9.30 -3.94 39.36
N ILE B 639 -9.88 -5.13 39.34
CA ILE B 639 -9.71 -6.02 38.18
C ILE B 639 -10.78 -5.75 37.15
N TRP B 640 -11.91 -5.16 37.55
CA TRP B 640 -12.93 -4.75 36.61
C TRP B 640 -12.53 -3.47 35.90
N TRP B 641 -11.63 -2.70 36.51
CA TRP B 641 -11.11 -1.51 35.85
C TRP B 641 -10.08 -1.87 34.80
N PHE B 642 -9.26 -2.88 35.05
CA PHE B 642 -8.27 -3.30 34.05
C PHE B 642 -8.94 -4.05 32.92
N PHE B 643 -10.02 -4.77 33.21
CA PHE B 643 -10.84 -5.36 32.17
C PHE B 643 -11.42 -4.27 31.26
N THR B 644 -11.87 -3.19 31.87
CA THR B 644 -12.54 -2.12 31.14
C THR B 644 -11.59 -1.34 30.22
N LEU B 645 -10.36 -1.11 30.67
CA LEU B 645 -9.37 -0.46 29.82
C LEU B 645 -9.08 -1.27 28.57
N ILE B 646 -8.93 -2.58 28.73
CA ILE B 646 -8.55 -3.43 27.59
C ILE B 646 -9.72 -3.56 26.62
N ILE B 647 -10.96 -3.42 27.11
CA ILE B 647 -12.12 -3.50 26.21
C ILE B 647 -12.29 -2.21 25.41
N ILE B 648 -12.20 -1.07 26.07
CA ILE B 648 -12.36 0.21 25.37
C ILE B 648 -11.15 0.51 24.48
N SER B 649 -9.95 0.10 24.90
CA SER B 649 -8.79 0.30 24.03
C SER B 649 -8.77 -0.67 22.87
N SER B 650 -9.53 -1.76 22.95
CA SER B 650 -9.64 -2.68 21.83
C SER B 650 -10.75 -2.26 20.89
N TYR B 651 -11.77 -1.58 21.42
CA TYR B 651 -12.81 -1.04 20.57
C TYR B 651 -12.30 0.14 19.76
N THR B 652 -11.55 1.04 20.40
CA THR B 652 -11.08 2.24 19.72
C THR B 652 -9.99 1.91 18.71
N ALA B 653 -9.23 0.86 18.97
CA ALA B 653 -8.13 0.51 18.07
C ALA B 653 -8.61 -0.31 16.89
N ASN B 654 -9.61 -1.17 17.09
CA ASN B 654 -10.14 -1.93 15.98
C ASN B 654 -11.10 -1.09 15.14
N LEU B 655 -11.69 -0.06 15.73
CA LEU B 655 -12.47 0.88 14.92
C LEU B 655 -11.55 1.76 14.10
N ALA B 656 -10.36 2.04 14.59
CA ALA B 656 -9.39 2.79 13.79
C ALA B 656 -8.80 1.92 12.70
N ALA B 657 -8.85 0.59 12.87
CA ALA B 657 -8.45 -0.31 11.81
C ALA B 657 -9.50 -0.39 10.72
N PHE B 658 -10.79 -0.46 11.11
CA PHE B 658 -11.89 -0.51 10.16
C PHE B 658 -12.03 0.76 9.34
N LEU B 659 -11.87 1.92 9.96
CA LEU B 659 -12.07 3.18 9.29
C LEU B 659 -10.86 3.59 8.46
N THR B 660 -9.73 2.92 8.63
CA THR B 660 -8.55 3.15 7.80
C THR B 660 -8.51 2.23 6.58
N VAL B 661 -8.70 0.93 6.77
CA VAL B 661 -8.68 -0.03 5.68
C VAL B 661 -10.11 -0.49 5.45
N GLU B 662 -10.78 0.14 4.49
CA GLU B 662 -12.14 -0.25 4.14
C GLU B 662 -12.11 -1.52 3.31
N ARG B 663 -12.56 -2.63 3.89
CA ARG B 663 -12.58 -3.93 3.23
C ARG B 663 -14.03 -4.36 3.11
N MET B 664 -14.62 -4.13 1.95
CA MET B 664 -16.05 -4.32 1.73
C MET B 664 -16.27 -5.54 0.83
N GLU B 665 -17.33 -6.29 1.12
CA GLU B 665 -17.61 -7.55 0.43
C GLU B 665 -19.03 -7.58 -0.11
N SER B 666 -19.23 -8.44 -1.10
CA SER B 666 -20.48 -8.63 -1.83
C SER B 666 -21.35 -9.66 -1.14
N PRO B 667 -22.68 -9.59 -1.31
CA PRO B 667 -23.57 -10.60 -0.71
C PRO B 667 -23.37 -11.97 -1.33
N ILE B 668 -23.34 -12.01 -2.64
CA ILE B 668 -23.08 -13.23 -3.39
C ILE B 668 -21.62 -13.27 -3.81
N ASP B 669 -21.06 -14.47 -3.91
CA ASP B 669 -19.69 -14.68 -4.36
C ASP B 669 -19.62 -15.89 -5.28
N SER B 670 -20.77 -16.35 -5.77
CA SER B 670 -20.85 -17.52 -6.63
C SER B 670 -22.21 -17.58 -7.32
N ALA B 671 -22.48 -18.68 -8.03
CA ALA B 671 -23.81 -18.91 -8.57
C ALA B 671 -24.67 -19.70 -7.59
N ASP B 672 -24.04 -20.43 -6.67
CA ASP B 672 -24.81 -21.13 -5.64
C ASP B 672 -25.20 -20.20 -4.50
N ASP B 673 -24.34 -19.23 -4.17
CA ASP B 673 -24.71 -18.19 -3.21
C ASP B 673 -25.77 -17.27 -3.80
N LEU B 674 -25.86 -17.22 -5.12
CA LEU B 674 -26.89 -16.45 -5.78
C LEU B 674 -28.13 -17.28 -6.05
N ALA B 675 -28.04 -18.61 -5.98
CA ALA B 675 -29.20 -19.47 -6.20
C ALA B 675 -30.19 -19.40 -5.05
N LYS B 676 -29.72 -18.96 -3.88
CA LYS B 676 -30.57 -18.85 -2.71
C LYS B 676 -31.22 -17.48 -2.60
N GLN B 677 -30.46 -16.43 -2.92
CA GLN B 677 -30.88 -15.03 -2.79
C GLN B 677 -32.08 -14.70 -3.67
N THR B 678 -33.23 -14.45 -3.05
CA THR B 678 -34.42 -14.02 -3.75
C THR B 678 -34.51 -12.50 -3.83
N LYS B 679 -33.71 -11.80 -3.02
CA LYS B 679 -33.61 -10.34 -3.12
C LYS B 679 -32.94 -9.93 -4.42
N ILE B 680 -31.72 -10.42 -4.66
CA ILE B 680 -31.06 -10.23 -5.95
C ILE B 680 -31.70 -11.14 -6.97
N GLU B 681 -32.17 -10.56 -8.07
CA GLU B 681 -32.88 -11.32 -9.11
C GLU B 681 -31.96 -11.52 -10.30
N TYR B 682 -32.18 -12.60 -11.06
CA TYR B 682 -31.18 -13.17 -11.95
C TYR B 682 -31.36 -12.53 -13.31
N GLY B 683 -30.77 -13.06 -14.36
CA GLY B 683 -30.99 -12.49 -15.67
C GLY B 683 -30.39 -13.32 -16.77
N ALA B 684 -30.72 -12.96 -18.01
CA ALA B 684 -30.21 -13.58 -19.23
C ALA B 684 -30.67 -12.78 -20.44
N VAL B 685 -29.99 -12.90 -21.57
CA VAL B 685 -30.53 -12.44 -22.84
C VAL B 685 -31.61 -13.44 -23.21
N GLU B 686 -32.76 -12.94 -23.67
CA GLU B 686 -33.88 -13.80 -24.02
C GLU B 686 -33.56 -14.57 -25.30
N ASP B 687 -33.69 -15.90 -25.22
CA ASP B 687 -33.36 -16.86 -26.27
C ASP B 687 -31.93 -16.69 -26.77
N GLY B 688 -30.96 -16.78 -25.86
CA GLY B 688 -29.57 -16.66 -26.23
C GLY B 688 -28.84 -17.95 -25.92
N ALA B 689 -27.52 -17.92 -26.10
CA ALA B 689 -26.70 -19.08 -25.78
C ALA B 689 -26.58 -19.29 -24.28
N THR B 690 -26.80 -18.23 -23.51
CA THR B 690 -26.68 -18.31 -22.06
C THR B 690 -27.96 -18.85 -21.42
N MET B 691 -29.11 -18.41 -21.92
CA MET B 691 -30.37 -18.87 -21.36
C MET B 691 -30.66 -20.31 -21.76
N THR B 692 -30.18 -20.75 -22.93
CA THR B 692 -30.41 -22.11 -23.40
C THR B 692 -29.63 -23.12 -22.55
N PHE B 693 -28.52 -22.69 -21.96
CA PHE B 693 -27.75 -23.57 -21.08
C PHE B 693 -28.51 -23.93 -19.82
N PHE B 694 -29.24 -22.96 -19.24
CA PHE B 694 -29.96 -23.25 -18.01
C PHE B 694 -31.20 -24.07 -18.28
N LYS B 695 -31.72 -24.03 -19.50
CA LYS B 695 -32.88 -24.83 -19.85
C LYS B 695 -32.50 -26.30 -19.97
N LYS B 696 -31.37 -26.57 -20.61
CA LYS B 696 -30.97 -27.96 -20.85
C LYS B 696 -30.19 -28.54 -19.69
N SER B 697 -30.01 -27.78 -18.61
CA SER B 697 -29.14 -28.19 -17.52
C SER B 697 -29.82 -29.27 -16.68
N LYS B 698 -29.02 -29.99 -15.90
CA LYS B 698 -29.54 -31.08 -15.08
C LYS B 698 -28.84 -31.02 -13.72
N ILE B 699 -27.99 -30.05 -13.54
CA ILE B 699 -27.32 -29.81 -12.27
C ILE B 699 -28.34 -29.16 -11.34
N SER B 700 -28.27 -29.48 -10.05
CA SER B 700 -29.30 -29.10 -9.10
C SER B 700 -29.34 -27.59 -8.88
N THR B 701 -28.19 -26.93 -9.01
CA THR B 701 -28.13 -25.48 -8.82
C THR B 701 -28.74 -24.76 -10.01
N TYR B 702 -28.54 -25.29 -11.21
CA TYR B 702 -29.01 -24.57 -12.39
C TYR B 702 -30.42 -25.01 -12.77
N ASP B 703 -30.95 -26.04 -12.09
CA ASP B 703 -32.40 -26.25 -12.12
C ASP B 703 -33.11 -25.18 -11.31
N LYS B 704 -32.55 -24.82 -10.15
CA LYS B 704 -33.18 -23.82 -9.29
C LYS B 704 -33.08 -22.43 -9.90
N MET B 705 -32.03 -22.19 -10.69
CA MET B 705 -31.88 -20.89 -11.32
C MET B 705 -32.73 -20.76 -12.58
N TRP B 706 -33.23 -21.87 -13.11
CA TRP B 706 -34.12 -21.79 -14.25
C TRP B 706 -35.59 -21.89 -13.82
N ALA B 707 -35.83 -22.51 -12.66
CA ALA B 707 -37.14 -22.46 -12.02
C ALA B 707 -37.51 -21.02 -11.70
N PHE B 708 -36.51 -20.22 -11.36
CA PHE B 708 -36.66 -18.80 -11.12
C PHE B 708 -37.02 -18.05 -12.40
N MET B 709 -36.16 -18.12 -13.42
CA MET B 709 -36.29 -17.22 -14.56
C MET B 709 -37.43 -17.61 -15.48
N SER B 710 -37.84 -18.87 -15.47
CA SER B 710 -38.97 -19.29 -16.28
C SER B 710 -40.28 -18.79 -15.69
N SER B 711 -40.43 -18.95 -14.37
CA SER B 711 -41.59 -18.45 -13.66
C SER B 711 -41.63 -16.92 -13.69
N ARG B 712 -40.52 -16.28 -13.35
CA ARG B 712 -40.48 -14.82 -13.33
C ARG B 712 -39.99 -14.27 -14.66
N ARG B 713 -40.57 -14.74 -15.77
CA ARG B 713 -40.25 -14.23 -17.10
C ARG B 713 -40.85 -12.84 -17.25
N GLN B 714 -40.29 -12.02 -18.16
CA GLN B 714 -40.57 -10.61 -18.43
C GLN B 714 -40.13 -9.70 -17.29
N SER B 715 -39.56 -10.27 -16.22
CA SER B 715 -39.04 -9.46 -15.13
C SER B 715 -37.53 -9.58 -15.05
N VAL B 716 -37.00 -10.79 -15.20
CA VAL B 716 -35.56 -10.99 -15.09
C VAL B 716 -34.93 -11.25 -16.45
N LEU B 717 -35.70 -11.78 -17.39
CA LEU B 717 -35.14 -12.11 -18.70
C LEU B 717 -35.15 -10.89 -19.62
N VAL B 718 -34.01 -10.23 -19.75
CA VAL B 718 -33.88 -9.04 -20.58
C VAL B 718 -33.72 -9.48 -22.02
N LYS B 719 -33.84 -8.56 -22.98
CA LYS B 719 -33.75 -8.97 -24.39
C LYS B 719 -32.52 -8.41 -25.10
N SER B 720 -31.54 -7.85 -24.40
CA SER B 720 -30.29 -7.41 -25.01
C SER B 720 -29.23 -7.38 -23.94
N ASN B 721 -27.98 -7.62 -24.33
CA ASN B 721 -26.92 -7.60 -23.33
C ASN B 721 -26.55 -6.18 -22.93
N GLU B 722 -26.74 -5.21 -23.82
CA GLU B 722 -26.54 -3.81 -23.43
C GLU B 722 -27.68 -3.32 -22.55
N GLU B 723 -28.89 -3.81 -22.78
CA GLU B 723 -30.01 -3.46 -21.92
C GLU B 723 -29.89 -4.15 -20.56
N GLY B 724 -29.24 -5.31 -20.52
CA GLY B 724 -29.07 -6.02 -19.26
C GLY B 724 -28.02 -5.40 -18.37
N ILE B 725 -27.04 -4.70 -18.96
CA ILE B 725 -26.04 -3.99 -18.17
C ILE B 725 -26.67 -2.80 -17.48
N GLN B 726 -27.64 -2.15 -18.12
CA GLN B 726 -28.33 -1.04 -17.50
C GLN B 726 -29.21 -1.50 -16.34
N ARG B 727 -29.71 -2.73 -16.42
CA ARG B 727 -30.59 -3.21 -15.35
C ARG B 727 -29.80 -3.74 -14.17
N VAL B 728 -28.54 -4.14 -14.38
CA VAL B 728 -27.64 -4.30 -13.24
C VAL B 728 -27.42 -2.97 -12.58
N LEU B 729 -27.27 -1.94 -13.39
CA LEU B 729 -26.84 -0.65 -12.92
C LEU B 729 -28.00 0.10 -12.27
N THR B 730 -29.19 0.07 -12.87
CA THR B 730 -30.33 0.67 -12.19
C THR B 730 -31.25 -0.33 -11.50
N SER B 731 -30.70 -1.30 -10.75
CA SER B 731 -31.45 -2.21 -9.87
C SER B 731 -30.54 -3.03 -8.98
N ASP B 732 -31.11 -4.04 -8.34
CA ASP B 732 -30.37 -5.08 -7.63
C ASP B 732 -30.52 -6.40 -8.42
N TYR B 733 -29.58 -6.62 -9.34
CA TYR B 733 -29.78 -7.52 -10.47
C TYR B 733 -28.46 -8.16 -10.85
N ALA B 734 -28.41 -9.49 -10.83
CA ALA B 734 -27.22 -10.23 -11.24
C ALA B 734 -27.44 -10.79 -12.63
N PHE B 735 -26.62 -10.36 -13.59
CA PHE B 735 -26.87 -10.71 -14.98
C PHE B 735 -25.91 -11.79 -15.46
N LEU B 736 -26.47 -12.84 -16.05
CA LEU B 736 -25.74 -14.01 -16.52
C LEU B 736 -25.46 -13.83 -18.01
N MET B 737 -24.20 -13.65 -18.37
CA MET B 737 -23.82 -13.45 -19.75
C MET B 737 -22.43 -14.03 -19.97
N GLU B 738 -21.89 -13.85 -21.17
CA GLU B 738 -20.66 -14.51 -21.55
C GLU B 738 -19.47 -13.90 -20.82
N SER B 739 -18.40 -14.68 -20.68
CA SER B 739 -17.31 -14.25 -19.82
C SER B 739 -16.40 -13.24 -20.50
N THR B 740 -16.37 -13.21 -21.83
CA THR B 740 -15.48 -12.28 -22.52
C THR B 740 -16.09 -10.89 -22.60
N THR B 741 -17.42 -10.79 -22.45
CA THR B 741 -18.04 -9.48 -22.42
C THR B 741 -17.88 -8.84 -21.04
N ILE B 742 -17.96 -9.67 -19.99
CA ILE B 742 -17.81 -9.18 -18.62
C ILE B 742 -16.40 -8.67 -18.38
N GLU B 743 -15.40 -9.31 -19.00
CA GLU B 743 -14.04 -8.80 -18.90
C GLU B 743 -13.89 -7.49 -19.66
N PHE B 744 -14.70 -7.29 -20.69
CA PHE B 744 -14.70 -6.04 -21.44
C PHE B 744 -15.46 -4.95 -20.69
N VAL B 745 -16.67 -5.27 -20.22
CA VAL B 745 -17.57 -4.27 -19.66
C VAL B 745 -17.08 -3.80 -18.30
N THR B 746 -16.60 -4.72 -17.45
CA THR B 746 -16.13 -4.33 -16.13
C THR B 746 -14.78 -3.63 -16.12
N GLN B 747 -14.18 -3.38 -17.29
CA GLN B 747 -13.04 -2.49 -17.37
C GLN B 747 -13.35 -1.20 -18.10
N ARG B 748 -14.60 -0.99 -18.48
CA ARG B 748 -15.05 0.29 -19.01
C ARG B 748 -16.02 0.93 -18.03
N ASN B 749 -16.28 0.25 -16.92
CA ASN B 749 -17.24 0.74 -15.95
C ASN B 749 -16.92 0.19 -14.57
N CYS B 750 -16.40 1.03 -13.68
CA CYS B 750 -15.89 0.57 -12.39
C CYS B 750 -16.99 0.32 -11.36
N ASN B 751 -18.26 0.53 -11.71
CA ASN B 751 -19.36 0.07 -10.87
C ASN B 751 -19.51 -1.44 -10.93
N LEU B 752 -19.01 -2.07 -11.98
CA LEU B 752 -19.40 -3.42 -12.36
C LEU B 752 -18.27 -4.38 -12.04
N THR B 753 -18.63 -5.61 -11.71
CA THR B 753 -17.65 -6.61 -11.32
C THR B 753 -18.19 -8.01 -11.65
N GLN B 754 -17.30 -8.99 -11.59
CA GLN B 754 -17.62 -10.37 -11.92
C GLN B 754 -17.68 -11.19 -10.64
N ILE B 755 -18.75 -11.97 -10.47
CA ILE B 755 -19.10 -12.60 -9.21
C ILE B 755 -19.03 -14.12 -9.39
N GLY B 756 -18.01 -14.59 -10.08
CA GLY B 756 -17.78 -16.01 -10.00
C GLY B 756 -16.62 -16.52 -10.80
N GLY B 757 -16.73 -17.76 -11.24
CA GLY B 757 -15.75 -18.32 -12.14
C GLY B 757 -16.38 -18.42 -13.52
N LEU B 758 -16.43 -19.62 -14.07
CA LEU B 758 -17.11 -19.85 -15.33
C LEU B 758 -18.09 -20.99 -15.14
N ILE B 759 -19.33 -20.76 -15.54
CA ILE B 759 -20.37 -21.77 -15.41
C ILE B 759 -20.36 -22.76 -16.56
N ASP B 760 -20.27 -22.29 -17.81
CA ASP B 760 -20.19 -23.14 -18.98
C ASP B 760 -18.73 -23.16 -19.40
N SER B 761 -18.44 -23.79 -20.54
CA SER B 761 -17.14 -23.65 -21.18
C SER B 761 -17.33 -23.78 -22.69
N LYS B 762 -17.07 -22.69 -23.41
CA LYS B 762 -17.16 -22.68 -24.86
C LYS B 762 -15.90 -22.05 -25.41
N GLY B 763 -15.84 -21.90 -26.73
CA GLY B 763 -14.68 -21.30 -27.34
C GLY B 763 -15.05 -20.66 -28.65
N TYR B 764 -14.29 -19.64 -29.01
CA TYR B 764 -14.44 -18.94 -30.27
C TYR B 764 -13.58 -19.59 -31.34
N GLY B 765 -14.21 -20.01 -32.42
CA GLY B 765 -13.49 -20.65 -33.50
C GLY B 765 -13.63 -19.87 -34.78
N VAL B 766 -12.52 -19.82 -35.52
CA VAL B 766 -12.51 -19.28 -36.88
C VAL B 766 -13.32 -20.22 -37.76
N GLY B 767 -14.44 -19.73 -38.28
CA GLY B 767 -15.26 -20.52 -39.17
C GLY B 767 -14.56 -20.83 -40.47
N THR B 768 -15.01 -21.86 -41.16
CA THR B 768 -14.38 -22.39 -42.36
C THR B 768 -15.47 -23.23 -43.03
N PRO B 769 -15.63 -23.18 -44.36
CA PRO B 769 -16.73 -23.94 -44.98
C PRO B 769 -16.50 -25.43 -44.89
N MET B 770 -17.57 -26.20 -45.08
CA MET B 770 -17.56 -27.63 -44.77
C MET B 770 -16.66 -28.39 -45.73
N GLY B 771 -15.63 -29.00 -45.18
CA GLY B 771 -14.63 -29.68 -45.99
C GLY B 771 -13.82 -28.71 -46.80
N SER B 772 -12.99 -27.92 -46.12
CA SER B 772 -12.19 -26.92 -46.78
C SER B 772 -10.73 -27.11 -46.38
N PRO B 773 -9.78 -26.76 -47.24
CA PRO B 773 -8.35 -26.90 -46.88
C PRO B 773 -7.86 -25.84 -45.91
N TYR B 774 -8.72 -24.93 -45.49
CA TYR B 774 -8.32 -23.83 -44.63
C TYR B 774 -8.53 -24.10 -43.15
N ARG B 775 -9.26 -25.16 -42.77
CA ARG B 775 -9.42 -25.49 -41.36
C ARG B 775 -8.09 -25.86 -40.72
N ASP B 776 -7.32 -26.74 -41.38
CA ASP B 776 -6.10 -27.25 -40.79
C ASP B 776 -4.96 -26.24 -40.89
N LYS B 777 -5.12 -25.20 -41.69
CA LYS B 777 -4.06 -24.20 -41.78
C LYS B 777 -4.27 -23.09 -40.77
N ILE B 778 -5.53 -22.75 -40.49
CA ILE B 778 -5.81 -21.79 -39.43
C ILE B 778 -5.55 -22.41 -38.06
N THR B 779 -5.81 -23.71 -37.94
CA THR B 779 -5.56 -24.47 -36.72
C THR B 779 -4.10 -24.41 -36.30
N ILE B 780 -3.17 -24.71 -37.21
CA ILE B 780 -1.76 -24.71 -36.87
C ILE B 780 -1.26 -23.27 -36.75
N ALA B 781 -1.97 -22.32 -37.36
CA ALA B 781 -1.62 -20.92 -37.19
C ALA B 781 -1.96 -20.42 -35.80
N ILE B 782 -3.19 -20.69 -35.34
CA ILE B 782 -3.64 -20.25 -34.02
C ILE B 782 -2.77 -20.84 -32.92
N LEU B 783 -2.36 -22.09 -33.09
CA LEU B 783 -1.45 -22.70 -32.14
C LEU B 783 -0.04 -22.12 -32.26
N GLN B 784 0.29 -21.50 -33.39
CA GLN B 784 1.60 -20.87 -33.51
C GLN B 784 1.60 -19.49 -32.88
N LEU B 785 0.52 -18.72 -33.05
CA LEU B 785 0.45 -17.40 -32.42
C LEU B 785 0.31 -17.51 -30.90
N GLN B 786 -0.18 -18.65 -30.41
CA GLN B 786 -0.32 -18.85 -28.97
C GLN B 786 1.03 -19.12 -28.32
N GLU B 787 1.89 -19.91 -28.97
CA GLU B 787 3.20 -20.22 -28.42
C GLU B 787 4.09 -18.99 -28.35
N GLU B 788 3.92 -18.08 -29.30
CA GLU B 788 4.69 -16.83 -29.28
C GLU B 788 4.22 -15.90 -28.16
N GLY B 789 2.95 -15.97 -27.81
CA GLY B 789 2.35 -15.03 -26.89
C GLY B 789 1.53 -13.97 -27.57
N LYS B 790 1.09 -14.18 -28.81
CA LYS B 790 0.43 -13.13 -29.55
C LYS B 790 -1.06 -13.06 -29.24
N LEU B 791 -1.69 -14.19 -28.91
CA LEU B 791 -3.10 -14.15 -28.55
C LEU B 791 -3.30 -13.46 -27.20
N HIS B 792 -2.31 -13.52 -26.32
CA HIS B 792 -2.44 -12.84 -25.05
C HIS B 792 -2.18 -11.35 -25.19
N MET B 793 -1.21 -10.97 -26.02
CA MET B 793 -0.89 -9.55 -26.18
C MET B 793 -1.96 -8.83 -26.99
N MET B 794 -2.64 -9.54 -27.88
CA MET B 794 -3.75 -8.92 -28.59
C MET B 794 -4.97 -8.74 -27.68
N LYS B 795 -5.19 -9.66 -26.74
CA LYS B 795 -6.35 -9.55 -25.86
C LYS B 795 -6.15 -8.47 -24.81
N GLU B 796 -4.90 -8.29 -24.34
CA GLU B 796 -4.62 -7.26 -23.34
C GLU B 796 -4.64 -5.87 -23.98
N LYS B 797 -4.57 -5.79 -25.29
CA LYS B 797 -4.59 -4.49 -25.96
C LYS B 797 -6.03 -4.02 -26.17
N TRP B 798 -6.96 -4.94 -26.39
CA TRP B 798 -8.33 -4.57 -26.75
C TRP B 798 -9.32 -4.74 -25.61
N TRP B 799 -9.01 -5.52 -24.58
CA TRP B 799 -9.84 -5.61 -23.40
C TRP B 799 -9.38 -4.70 -22.27
N ARG B 800 -8.10 -4.67 -21.96
CA ARG B 800 -7.60 -3.72 -20.96
C ARG B 800 -7.62 -2.34 -21.58
N GLY B 801 -8.72 -1.62 -21.36
CA GLY B 801 -8.94 -0.34 -22.01
C GLY B 801 -8.70 0.82 -21.06
N ASN B 802 -9.77 1.39 -20.52
CA ASN B 802 -9.66 2.39 -19.46
C ASN B 802 -9.02 1.77 -18.23
N GLY B 803 -8.29 2.58 -17.47
CA GLY B 803 -7.54 2.11 -16.32
C GLY B 803 -8.39 1.50 -15.22
N CYS B 804 -9.63 2.03 -15.06
CA CYS B 804 -10.60 1.68 -14.02
C CYS B 804 -9.92 1.79 -12.66
N PRO B 805 -9.76 3.01 -12.11
CA PRO B 805 -8.69 3.30 -11.15
C PRO B 805 -8.81 2.55 -9.85
N GLU B 806 -8.28 1.31 -9.88
CA GLU B 806 -8.21 0.32 -8.81
C GLU B 806 -7.89 0.95 -7.47
N GLU B 807 -8.68 0.61 -6.45
CA GLU B 807 -8.82 1.46 -5.29
C GLU B 807 -7.59 1.41 -4.40
N GLU B 808 -7.35 2.53 -3.74
CA GLU B 808 -6.25 2.73 -2.83
C GLU B 808 -6.80 2.73 -1.40
N SER B 809 -5.94 3.06 -0.44
CA SER B 809 -6.36 3.32 0.93
C SER B 809 -6.94 4.73 1.01
N LYS B 810 -8.09 4.92 0.35
CA LYS B 810 -8.79 6.17 0.06
C LYS B 810 -8.86 7.16 1.21
N GLU B 811 -8.83 8.45 0.87
CA GLU B 811 -8.93 9.54 1.83
C GLU B 811 -10.24 9.40 2.58
N ALA B 812 -10.15 9.26 3.90
CA ALA B 812 -11.31 8.98 4.72
C ALA B 812 -12.24 10.18 4.75
N SER B 813 -13.54 9.89 4.83
CA SER B 813 -14.57 10.92 4.86
C SER B 813 -15.14 11.01 6.26
N ALA B 814 -15.75 12.15 6.57
CA ALA B 814 -16.32 12.44 7.88
C ALA B 814 -17.41 11.45 8.24
N LEU B 815 -17.51 11.11 9.52
CA LEU B 815 -18.36 10.02 9.96
C LEU B 815 -19.74 10.56 10.23
N GLY B 816 -20.75 9.92 9.66
CA GLY B 816 -22.07 10.53 9.65
C GLY B 816 -23.18 9.67 10.19
N VAL B 817 -24.42 10.04 9.87
CA VAL B 817 -25.62 9.38 10.36
C VAL B 817 -25.74 8.03 9.67
N GLN B 818 -25.15 7.91 8.48
CA GLN B 818 -25.04 6.63 7.80
C GLN B 818 -24.04 5.68 8.44
N ASN B 819 -23.20 6.17 9.36
CA ASN B 819 -22.13 5.37 9.95
C ASN B 819 -22.36 5.09 11.43
N ILE B 820 -22.47 6.12 12.28
CA ILE B 820 -22.66 5.86 13.70
C ILE B 820 -24.15 5.70 14.00
N GLY B 821 -24.95 6.75 13.80
CA GLY B 821 -26.36 6.60 13.50
C GLY B 821 -27.26 6.05 14.59
N GLY B 822 -27.05 4.78 14.93
CA GLY B 822 -27.91 4.02 15.80
C GLY B 822 -27.63 4.16 17.28
N ILE B 823 -26.67 5.00 17.68
CA ILE B 823 -26.60 5.39 19.08
C ILE B 823 -27.65 6.44 19.39
N PHE B 824 -28.16 7.14 18.37
CA PHE B 824 -29.30 8.00 18.60
C PHE B 824 -30.59 7.20 18.73
N ILE B 825 -30.57 5.94 18.30
CA ILE B 825 -31.72 5.06 18.51
C ILE B 825 -31.69 4.46 19.90
N VAL B 826 -30.51 4.01 20.36
CA VAL B 826 -30.43 3.39 21.68
C VAL B 826 -30.47 4.45 22.77
N LEU B 827 -30.20 5.71 22.42
CA LEU B 827 -30.44 6.80 23.36
C LEU B 827 -31.92 7.09 23.49
N ALA B 828 -32.63 7.18 22.36
CA ALA B 828 -34.05 7.48 22.40
C ALA B 828 -34.85 6.30 22.92
N ALA B 829 -34.32 5.08 22.76
CA ALA B 829 -34.96 3.91 23.37
C ALA B 829 -34.57 3.78 24.83
N GLY B 830 -33.51 4.48 25.24
CA GLY B 830 -33.11 4.45 26.64
C GLY B 830 -33.77 5.52 27.46
N LEU B 831 -34.24 6.58 26.80
CA LEU B 831 -34.99 7.61 27.51
C LEU B 831 -36.47 7.28 27.59
N VAL B 832 -36.96 6.41 26.70
CA VAL B 832 -38.34 5.94 26.79
C VAL B 832 -38.48 4.93 27.93
N LEU B 833 -37.48 4.05 28.09
CA LEU B 833 -37.45 3.12 29.20
C LEU B 833 -37.33 3.84 30.55
N SER B 834 -36.76 5.04 30.56
CA SER B 834 -36.64 5.79 31.81
C SER B 834 -37.98 6.35 32.26
N VAL B 835 -38.81 6.79 31.32
CA VAL B 835 -40.11 7.35 31.69
C VAL B 835 -41.04 6.25 32.17
N PHE B 836 -40.90 5.04 31.62
CA PHE B 836 -41.71 3.92 32.08
C PHE B 836 -41.29 3.45 33.47
N VAL B 837 -40.04 3.73 33.86
CA VAL B 837 -39.64 3.45 35.23
C VAL B 837 -39.98 4.65 36.13
N ALA B 838 -39.93 5.86 35.59
CA ALA B 838 -40.27 7.04 36.39
C ALA B 838 -41.75 7.09 36.72
N VAL B 839 -42.59 6.56 35.83
CA VAL B 839 -44.00 6.33 36.19
C VAL B 839 -44.10 5.26 37.26
N GLY B 840 -43.35 4.17 37.09
CA GLY B 840 -43.34 3.06 38.01
C GLY B 840 -42.83 3.40 39.41
N GLU B 841 -41.84 4.28 39.51
CA GLU B 841 -41.34 4.67 40.82
C GLU B 841 -42.32 5.59 41.53
N PHE B 842 -43.13 6.32 40.77
CA PHE B 842 -44.14 7.19 41.36
C PHE B 842 -45.31 6.38 41.90
N LEU B 843 -45.75 5.38 41.14
CA LEU B 843 -46.86 4.52 41.55
C LEU B 843 -46.48 3.63 42.73
N TYR B 844 -45.25 3.13 42.74
CA TYR B 844 -44.81 2.22 43.80
C TYR B 844 -44.64 2.93 45.12
N LYS B 845 -44.09 4.14 45.10
CA LYS B 845 -43.89 4.90 46.33
C LYS B 845 -45.21 5.40 46.89
N SER B 846 -46.11 5.88 46.02
CA SER B 846 -47.38 6.41 46.48
C SER B 846 -48.30 5.32 47.01
N LYS B 847 -48.10 4.09 46.54
CA LYS B 847 -48.89 2.97 47.06
C LYS B 847 -48.45 2.59 48.46
N LYS B 848 -47.14 2.43 48.66
CA LYS B 848 -46.65 2.03 49.98
C LYS B 848 -46.60 3.20 50.95
N ASN B 849 -46.79 4.44 50.47
CA ASN B 849 -46.95 5.57 51.39
C ASN B 849 -48.32 5.51 52.06
N ALA B 850 -49.35 5.19 51.28
CA ALA B 850 -50.70 5.06 51.81
C ALA B 850 -50.89 3.69 52.47
N ARG C 431 -12.74 -54.77 -37.58
CA ARG C 431 -11.58 -54.19 -36.92
C ARG C 431 -11.99 -53.46 -35.65
N SER C 432 -11.24 -53.67 -34.57
CA SER C 432 -11.44 -52.93 -33.34
C SER C 432 -10.29 -51.97 -33.14
N LEU C 433 -10.59 -50.74 -32.70
CA LEU C 433 -9.56 -49.72 -32.61
C LEU C 433 -8.62 -49.99 -31.43
N ILE C 434 -7.36 -49.63 -31.62
CA ILE C 434 -6.33 -49.83 -30.62
C ILE C 434 -6.00 -48.44 -30.05
N VAL C 435 -6.13 -48.29 -28.74
CA VAL C 435 -6.08 -46.97 -28.10
C VAL C 435 -4.77 -46.82 -27.35
N THR C 436 -3.94 -45.87 -27.77
CA THR C 436 -2.74 -45.52 -27.04
C THR C 436 -3.16 -44.79 -25.78
N THR C 437 -2.44 -44.98 -24.67
CA THR C 437 -2.90 -44.55 -23.35
C THR C 437 -1.75 -44.53 -22.35
N ILE C 438 -1.64 -43.48 -21.54
CA ILE C 438 -0.62 -43.40 -20.51
C ILE C 438 -1.29 -43.59 -19.17
N LEU C 439 -0.52 -43.94 -18.14
CA LEU C 439 -1.04 -44.09 -16.78
C LEU C 439 -0.85 -42.79 -16.00
N GLU C 440 -1.94 -42.17 -15.59
CA GLU C 440 -1.91 -40.98 -14.76
C GLU C 440 -3.18 -41.00 -13.90
N GLU C 441 -3.32 -40.04 -12.99
CA GLU C 441 -4.48 -39.98 -12.12
C GLU C 441 -5.03 -38.56 -12.18
N PRO C 442 -6.36 -38.37 -12.24
CA PRO C 442 -7.56 -39.22 -12.26
C PRO C 442 -7.88 -39.83 -13.59
N TYR C 443 -6.88 -39.86 -14.46
CA TYR C 443 -6.96 -40.47 -15.77
C TYR C 443 -6.81 -41.97 -15.62
N VAL C 444 -6.35 -42.63 -16.67
CA VAL C 444 -6.33 -44.09 -16.74
C VAL C 444 -5.52 -44.70 -15.61
N LEU C 445 -6.16 -45.59 -14.86
CA LEU C 445 -5.61 -46.23 -13.67
C LEU C 445 -5.79 -47.73 -13.76
N PHE C 446 -5.57 -48.43 -12.64
CA PHE C 446 -5.90 -49.84 -12.54
C PHE C 446 -6.98 -49.99 -11.48
N LYS C 447 -8.02 -50.76 -11.76
CA LYS C 447 -8.94 -51.14 -10.70
C LYS C 447 -8.29 -52.17 -9.79
N LYS C 448 -8.31 -51.90 -8.49
CA LYS C 448 -7.69 -52.76 -7.50
C LYS C 448 -8.69 -53.82 -7.07
N SER C 449 -8.44 -55.06 -7.48
CA SER C 449 -9.27 -56.20 -7.08
C SER C 449 -8.43 -57.45 -7.24
N ASP C 450 -8.96 -58.56 -6.73
CA ASP C 450 -8.19 -59.79 -6.59
C ASP C 450 -8.22 -60.64 -7.86
N LYS C 451 -9.41 -60.84 -8.46
CA LYS C 451 -9.67 -61.73 -9.60
C LYS C 451 -8.80 -61.42 -10.82
N PRO C 452 -7.81 -62.25 -11.15
CA PRO C 452 -6.91 -61.89 -12.25
C PRO C 452 -7.37 -62.37 -13.61
N LEU C 453 -8.64 -62.22 -13.94
CA LEU C 453 -9.14 -62.49 -15.30
C LEU C 453 -9.36 -61.16 -16.01
N TYR C 454 -8.25 -60.54 -16.41
CA TYR C 454 -8.26 -59.16 -16.85
C TYR C 454 -7.91 -59.00 -18.32
N GLY C 455 -8.78 -58.28 -19.04
CA GLY C 455 -8.49 -57.75 -20.35
C GLY C 455 -9.55 -56.74 -20.73
N ASN C 456 -9.12 -55.52 -21.07
CA ASN C 456 -9.92 -54.34 -21.39
C ASN C 456 -10.79 -53.85 -20.23
N ASP C 457 -10.68 -54.50 -19.07
CA ASP C 457 -11.56 -54.26 -17.93
C ASP C 457 -10.76 -53.94 -16.67
N ARG C 458 -9.44 -53.96 -16.76
CA ARG C 458 -8.61 -53.65 -15.61
C ARG C 458 -8.41 -52.16 -15.41
N PHE C 459 -8.90 -51.33 -16.32
CA PHE C 459 -8.63 -49.89 -16.31
C PHE C 459 -9.87 -49.13 -15.87
N GLU C 460 -9.66 -48.03 -15.16
CA GLU C 460 -10.70 -47.04 -14.88
C GLU C 460 -10.08 -45.65 -14.93
N GLY C 461 -10.92 -44.64 -14.89
CA GLY C 461 -10.45 -43.27 -14.83
C GLY C 461 -11.32 -42.37 -15.67
N TYR C 462 -10.87 -41.11 -15.79
CA TYR C 462 -11.59 -40.14 -16.59
C TYR C 462 -11.56 -40.50 -18.06
N CYS C 463 -10.38 -40.79 -18.60
CA CYS C 463 -10.26 -41.12 -20.02
C CYS C 463 -10.59 -42.57 -20.31
N ILE C 464 -11.17 -43.30 -19.36
CA ILE C 464 -11.82 -44.56 -19.67
C ILE C 464 -13.33 -44.37 -19.71
N ASP C 465 -13.84 -43.45 -18.87
CA ASP C 465 -15.23 -43.05 -18.99
C ASP C 465 -15.48 -42.26 -20.26
N LEU C 466 -14.48 -41.52 -20.72
CA LEU C 466 -14.60 -40.81 -21.98
C LEU C 466 -14.55 -41.76 -23.15
N LEU C 467 -13.67 -42.75 -23.09
CA LEU C 467 -13.56 -43.71 -24.18
C LEU C 467 -14.75 -44.66 -24.19
N ARG C 468 -15.37 -44.88 -23.04
CA ARG C 468 -16.63 -45.61 -22.99
C ARG C 468 -17.74 -44.85 -23.69
N GLU C 469 -17.80 -43.54 -23.48
CA GLU C 469 -18.93 -42.76 -23.98
C GLU C 469 -18.67 -42.26 -25.40
N LEU C 470 -17.42 -42.27 -25.85
CA LEU C 470 -17.18 -42.05 -27.27
C LEU C 470 -17.47 -43.31 -28.07
N SER C 471 -17.39 -44.48 -27.44
CA SER C 471 -17.64 -45.72 -28.17
C SER C 471 -19.13 -45.99 -28.29
N THR C 472 -19.92 -45.49 -27.33
CA THR C 472 -21.36 -45.66 -27.35
C THR C 472 -22.00 -44.90 -28.50
N ILE C 473 -21.70 -43.61 -28.61
CA ILE C 473 -22.38 -42.75 -29.58
C ILE C 473 -21.73 -42.75 -30.94
N LEU C 474 -20.65 -43.49 -31.13
CA LEU C 474 -20.02 -43.59 -32.42
C LEU C 474 -19.92 -45.03 -32.92
N GLY C 475 -20.15 -46.02 -32.06
CA GLY C 475 -20.26 -47.40 -32.48
C GLY C 475 -19.09 -48.33 -32.25
N PHE C 476 -17.85 -47.83 -32.37
CA PHE C 476 -16.66 -48.67 -32.43
C PHE C 476 -16.40 -49.46 -31.15
N THR C 477 -15.69 -50.58 -31.28
CA THR C 477 -15.19 -51.35 -30.15
C THR C 477 -13.70 -51.16 -30.06
N TYR C 478 -13.19 -51.01 -28.84
CA TYR C 478 -11.81 -50.61 -28.61
C TYR C 478 -11.10 -51.66 -27.77
N GLU C 479 -9.76 -51.59 -27.76
CA GLU C 479 -8.94 -52.44 -26.90
C GLU C 479 -7.78 -51.58 -26.39
N ILE C 480 -7.77 -51.33 -25.08
CA ILE C 480 -6.84 -50.37 -24.51
C ILE C 480 -5.46 -50.99 -24.40
N ARG C 481 -4.46 -50.29 -24.96
CA ARG C 481 -3.07 -50.73 -24.88
C ARG C 481 -2.26 -49.55 -24.35
N LEU C 482 -1.72 -49.72 -23.14
CA LEU C 482 -0.83 -48.74 -22.53
C LEU C 482 0.41 -48.54 -23.40
N VAL C 483 0.91 -47.32 -23.50
CA VAL C 483 2.12 -47.11 -24.26
C VAL C 483 3.31 -47.67 -23.47
N GLU C 484 4.17 -48.40 -24.18
CA GLU C 484 5.27 -49.11 -23.53
C GLU C 484 6.41 -48.14 -23.24
N ASP C 485 6.56 -47.12 -24.08
CA ASP C 485 7.58 -46.09 -23.95
C ASP C 485 7.37 -45.28 -22.66
N GLY C 486 6.11 -44.99 -22.34
CA GLY C 486 5.76 -44.37 -21.08
C GLY C 486 5.74 -42.86 -21.07
N LYS C 487 6.01 -42.22 -22.22
CA LYS C 487 6.06 -40.77 -22.29
C LYS C 487 4.83 -40.25 -23.02
N TYR C 488 4.78 -38.95 -23.25
CA TYR C 488 3.66 -38.38 -24.00
C TYR C 488 4.09 -38.15 -25.44
N GLY C 489 5.08 -37.31 -25.65
CA GLY C 489 5.67 -37.17 -26.96
C GLY C 489 6.50 -35.93 -27.14
N ALA C 490 7.66 -36.08 -27.76
CA ALA C 490 8.59 -34.99 -28.02
C ALA C 490 9.64 -35.43 -29.02
N GLN C 491 10.35 -34.49 -29.63
CA GLN C 491 11.47 -34.86 -30.46
C GLN C 491 12.67 -35.20 -29.58
N ASP C 492 13.34 -36.31 -29.91
CA ASP C 492 14.51 -36.72 -29.14
C ASP C 492 15.73 -35.83 -29.37
N ASP C 493 15.73 -35.04 -30.45
CA ASP C 493 16.73 -34.03 -30.84
C ASP C 493 18.05 -34.67 -31.28
N VAL C 494 18.14 -36.00 -31.22
CA VAL C 494 19.29 -36.74 -31.72
C VAL C 494 19.20 -36.78 -33.24
N ASN C 495 18.06 -37.26 -33.74
CA ASN C 495 17.79 -37.40 -35.16
C ASN C 495 16.39 -36.94 -35.55
N GLY C 496 15.69 -36.26 -34.64
CA GLY C 496 14.33 -35.81 -34.91
C GLY C 496 13.29 -36.90 -34.90
N GLN C 497 13.46 -37.90 -34.05
CA GLN C 497 12.48 -38.97 -33.91
C GLN C 497 11.61 -38.71 -32.69
N TRP C 498 10.31 -39.01 -32.84
CA TRP C 498 9.35 -38.80 -31.78
C TRP C 498 9.34 -40.00 -30.82
N ASN C 499 8.76 -39.80 -29.65
CA ASN C 499 8.67 -40.85 -28.64
C ASN C 499 7.27 -40.90 -28.06
N GLY C 500 7.00 -41.90 -27.23
CA GLY C 500 5.79 -41.92 -26.45
C GLY C 500 4.52 -42.21 -27.22
N MET C 501 3.48 -41.39 -27.01
CA MET C 501 2.20 -41.66 -27.63
C MET C 501 2.13 -41.12 -29.05
N VAL C 502 2.79 -40.00 -29.33
CA VAL C 502 2.69 -39.43 -30.66
C VAL C 502 3.58 -40.19 -31.64
N ARG C 503 4.45 -41.05 -31.12
CA ARG C 503 5.22 -41.94 -32.00
C ARG C 503 4.39 -43.16 -32.40
N GLU C 504 3.60 -43.67 -31.46
CA GLU C 504 2.74 -44.82 -31.76
C GLU C 504 1.59 -44.42 -32.67
N LEU C 505 1.24 -43.13 -32.67
CA LEU C 505 0.21 -42.64 -33.59
C LEU C 505 0.78 -42.36 -34.97
N ILE C 506 1.98 -41.77 -35.05
CA ILE C 506 2.54 -41.40 -36.34
C ILE C 506 3.01 -42.64 -37.12
N ASP C 507 3.25 -43.74 -36.42
CA ASP C 507 3.66 -44.99 -37.07
C ASP C 507 2.46 -45.89 -37.33
N HIS C 508 1.27 -45.32 -37.09
CA HIS C 508 -0.04 -45.94 -37.31
C HIS C 508 -0.19 -47.28 -36.61
N LYS C 509 0.45 -47.42 -35.45
CA LYS C 509 0.42 -48.66 -34.69
C LYS C 509 -0.90 -48.78 -33.93
N ALA C 510 -1.30 -47.70 -33.26
CA ALA C 510 -2.56 -47.63 -32.54
C ALA C 510 -3.25 -46.32 -32.90
N ASP C 511 -4.57 -46.34 -32.96
CA ASP C 511 -5.31 -45.22 -33.55
C ASP C 511 -5.53 -44.07 -32.58
N LEU C 512 -6.32 -44.28 -31.53
CA LEU C 512 -6.67 -43.15 -30.68
C LEU C 512 -5.58 -42.89 -29.65
N ALA C 513 -5.65 -41.77 -28.96
CA ALA C 513 -4.70 -41.46 -27.91
C ALA C 513 -5.39 -40.85 -26.72
N VAL C 514 -6.47 -41.47 -26.25
CA VAL C 514 -7.35 -40.86 -25.25
C VAL C 514 -6.61 -40.79 -23.93
N ALA C 515 -6.09 -39.62 -23.64
CA ALA C 515 -5.05 -39.43 -22.63
C ALA C 515 -4.81 -37.93 -22.48
N PRO C 516 -4.13 -37.49 -21.40
CA PRO C 516 -3.82 -36.05 -21.29
C PRO C 516 -2.80 -35.56 -22.28
N LEU C 517 -3.10 -35.63 -23.57
CA LEU C 517 -2.14 -35.31 -24.61
C LEU C 517 -2.42 -33.89 -25.06
N ALA C 518 -1.68 -32.94 -24.50
CA ALA C 518 -1.98 -31.54 -24.65
C ALA C 518 -1.77 -31.08 -26.09
N ILE C 519 -2.71 -30.30 -26.58
CA ILE C 519 -2.72 -29.83 -27.96
C ILE C 519 -1.70 -28.69 -28.03
N THR C 520 -0.54 -29.00 -28.61
CA THR C 520 0.51 -28.01 -28.77
C THR C 520 0.91 -27.92 -30.23
N TYR C 521 1.78 -26.96 -30.52
CA TYR C 521 2.13 -26.63 -31.91
C TYR C 521 2.97 -27.71 -32.56
N VAL C 522 3.92 -28.27 -31.82
CA VAL C 522 4.85 -29.24 -32.41
C VAL C 522 4.16 -30.59 -32.60
N ARG C 523 3.14 -30.88 -31.77
CA ARG C 523 2.42 -32.14 -31.94
C ARG C 523 1.39 -32.04 -33.05
N GLU C 524 0.92 -30.84 -33.35
CA GLU C 524 -0.15 -30.69 -34.33
C GLU C 524 0.36 -30.88 -35.76
N LYS C 525 1.66 -30.64 -35.98
CA LYS C 525 2.24 -30.84 -37.30
C LYS C 525 2.48 -32.30 -37.64
N VAL C 526 2.41 -33.21 -36.65
CA VAL C 526 2.70 -34.60 -36.90
C VAL C 526 1.50 -35.53 -36.64
N ILE C 527 0.58 -35.17 -35.75
CA ILE C 527 -0.68 -35.90 -35.59
C ILE C 527 -1.82 -34.90 -35.63
N ASP C 528 -3.04 -35.43 -35.73
CA ASP C 528 -4.25 -34.62 -35.78
C ASP C 528 -5.08 -34.87 -34.53
N PHE C 529 -5.18 -33.85 -33.69
CA PHE C 529 -5.95 -33.93 -32.46
C PHE C 529 -7.44 -33.76 -32.75
N SER C 530 -8.27 -34.17 -31.80
CA SER C 530 -9.67 -33.78 -31.78
C SER C 530 -9.80 -32.40 -31.19
N LYS C 531 -11.01 -31.96 -30.94
CA LYS C 531 -11.22 -30.63 -30.40
C LYS C 531 -11.46 -30.81 -28.91
N PRO C 532 -10.86 -29.92 -28.03
CA PRO C 532 -10.59 -30.28 -26.63
C PRO C 532 -11.70 -30.85 -25.78
N PHE C 533 -11.35 -31.73 -24.86
CA PHE C 533 -12.31 -32.18 -23.86
C PHE C 533 -12.01 -31.62 -22.47
N MET C 534 -10.94 -30.83 -22.33
CA MET C 534 -10.59 -30.27 -21.05
C MET C 534 -9.67 -29.08 -21.27
N THR C 535 -9.83 -28.06 -20.45
CA THR C 535 -9.07 -26.81 -20.54
C THR C 535 -8.25 -26.63 -19.28
N LEU C 536 -6.95 -26.46 -19.45
CA LEU C 536 -6.08 -26.23 -18.33
C LEU C 536 -5.26 -24.97 -18.52
N GLY C 537 -4.33 -24.74 -17.62
CA GLY C 537 -3.37 -23.65 -17.75
C GLY C 537 -2.31 -23.85 -16.71
N ILE C 538 -1.41 -22.92 -16.66
CA ILE C 538 -0.39 -22.91 -15.61
C ILE C 538 -0.94 -22.12 -14.44
N SER C 539 -0.97 -22.73 -13.26
CA SER C 539 -1.31 -22.00 -12.06
C SER C 539 -0.46 -22.54 -10.92
N ILE C 540 -0.62 -21.94 -9.76
CA ILE C 540 0.41 -21.97 -8.72
C ILE C 540 -0.13 -22.70 -7.50
N LEU C 541 0.51 -23.81 -7.12
CA LEU C 541 0.29 -24.34 -5.78
C LEU C 541 0.92 -23.47 -4.73
N TYR C 542 0.34 -23.52 -3.54
CA TYR C 542 0.83 -22.82 -2.37
C TYR C 542 0.14 -23.47 -1.18
N ARG C 543 0.85 -23.55 -0.07
CA ARG C 543 0.29 -24.12 1.14
C ARG C 543 -0.74 -23.15 1.70
N LYS C 544 -1.89 -23.69 2.10
CA LYS C 544 -3.03 -22.88 2.53
C LYS C 544 -2.65 -22.13 3.79
N PRO C 545 -2.86 -20.79 3.82
CA PRO C 545 -2.35 -19.95 4.91
C PRO C 545 -2.86 -20.32 6.29
N ASN C 546 -1.93 -20.75 7.12
CA ASN C 546 -2.22 -21.30 8.43
C ASN C 546 -2.55 -20.17 9.41
N GLY C 547 -3.60 -20.39 10.20
CA GLY C 547 -4.09 -19.34 11.08
C GLY C 547 -3.18 -19.13 12.28
N THR C 548 -3.07 -17.87 12.67
CA THR C 548 -2.23 -17.46 13.79
C THR C 548 -2.91 -17.90 15.08
N ASN C 549 -2.14 -18.54 15.96
CA ASN C 549 -2.60 -18.89 17.29
C ASN C 549 -2.28 -17.73 18.22
N PRO C 550 -3.27 -16.98 18.70
CA PRO C 550 -2.99 -15.81 19.54
C PRO C 550 -2.43 -16.18 20.91
N GLY C 551 -3.09 -17.11 21.58
CA GLY C 551 -2.75 -17.44 22.94
C GLY C 551 -3.79 -16.84 23.87
N VAL C 552 -3.64 -17.15 25.15
CA VAL C 552 -4.55 -16.61 26.15
C VAL C 552 -4.23 -15.14 26.39
N PHE C 553 -2.98 -14.82 26.68
CA PHE C 553 -2.63 -13.45 27.06
C PHE C 553 -2.20 -12.67 25.83
N SER C 554 -3.04 -12.64 24.80
CA SER C 554 -2.70 -11.93 23.57
C SER C 554 -2.98 -10.45 23.70
N PHE C 555 -3.73 -10.05 24.72
CA PHE C 555 -4.07 -8.65 24.94
C PHE C 555 -2.85 -7.86 25.41
N LEU C 556 -1.85 -8.58 25.89
CA LEU C 556 -0.75 -8.03 26.65
C LEU C 556 0.41 -7.63 25.76
N ASN C 557 0.25 -7.79 24.45
CA ASN C 557 1.24 -7.64 23.39
C ASN C 557 1.61 -6.23 22.90
N PRO C 558 0.71 -5.19 22.85
CA PRO C 558 1.16 -3.88 22.36
C PRO C 558 2.21 -3.17 23.20
N LEU C 559 2.54 -3.68 24.38
CA LEU C 559 3.67 -3.21 25.15
C LEU C 559 4.54 -4.41 25.47
N SER C 560 5.86 -4.21 25.42
CA SER C 560 6.83 -5.27 25.60
C SER C 560 6.79 -5.79 27.03
N PRO C 561 7.21 -7.05 27.27
CA PRO C 561 7.13 -7.59 28.64
C PRO C 561 8.08 -6.94 29.63
N ASP C 562 9.02 -6.10 29.18
CA ASP C 562 9.76 -5.28 30.12
C ASP C 562 8.93 -4.09 30.58
N ILE C 563 8.02 -3.62 29.73
CA ILE C 563 7.20 -2.45 30.08
C ILE C 563 6.11 -2.84 31.06
N TRP C 564 5.51 -4.03 30.89
CA TRP C 564 4.45 -4.46 31.80
C TRP C 564 5.00 -4.74 33.20
N MET C 565 6.28 -5.07 33.31
CA MET C 565 6.90 -5.21 34.62
C MET C 565 7.25 -3.85 35.21
N TYR C 566 7.65 -2.90 34.37
CA TYR C 566 8.11 -1.62 34.90
C TYR C 566 6.94 -0.70 35.24
N VAL C 567 5.79 -0.92 34.63
CA VAL C 567 4.57 -0.24 35.07
C VAL C 567 4.12 -0.80 36.40
N LEU C 568 4.30 -2.10 36.62
CA LEU C 568 3.88 -2.73 37.86
C LEU C 568 4.83 -2.37 39.00
N LEU C 569 6.12 -2.18 38.69
CA LEU C 569 7.06 -1.72 39.72
C LEU C 569 6.88 -0.24 40.02
N ALA C 570 6.40 0.54 39.04
CA ALA C 570 6.16 1.95 39.29
C ALA C 570 4.89 2.16 40.12
N CYS C 571 3.96 1.21 40.08
CA CYS C 571 2.79 1.25 40.96
C CYS C 571 3.19 0.97 42.40
N LEU C 572 4.11 0.03 42.59
CA LEU C 572 4.60 -0.25 43.93
C LEU C 572 5.62 0.79 44.36
N GLY C 573 6.19 1.50 43.39
CA GLY C 573 7.12 2.56 43.68
C GLY C 573 6.47 3.86 44.09
N VAL C 574 5.56 4.37 43.26
CA VAL C 574 4.92 5.66 43.50
C VAL C 574 4.04 5.61 44.75
N SER C 575 3.36 4.48 44.96
CA SER C 575 2.41 4.38 46.06
C SER C 575 3.12 4.27 47.40
N CYS C 576 4.35 3.76 47.40
CA CYS C 576 5.13 3.79 48.63
C CYS C 576 5.76 5.15 48.85
N VAL C 577 5.90 5.94 47.77
CA VAL C 577 6.38 7.31 47.92
C VAL C 577 5.26 8.22 48.40
N LEU C 578 4.02 7.90 48.03
CA LEU C 578 2.87 8.61 48.59
C LEU C 578 2.72 8.34 50.08
N PHE C 579 2.88 7.08 50.50
CA PHE C 579 2.73 6.71 51.90
C PHE C 579 3.79 7.36 52.79
N VAL C 580 4.99 7.57 52.25
CA VAL C 580 6.05 8.22 53.02
C VAL C 580 5.81 9.72 53.07
N ILE C 581 5.47 10.33 51.93
CA ILE C 581 5.34 11.79 51.87
C ILE C 581 4.08 12.26 52.59
N ALA C 582 2.93 11.63 52.33
CA ALA C 582 1.69 12.05 52.98
C ALA C 582 1.65 11.74 54.47
N ARG C 583 2.53 10.88 54.95
CA ARG C 583 2.71 10.74 56.40
C ARG C 583 3.62 11.84 56.94
N PHE C 584 4.58 12.27 56.13
CA PHE C 584 5.61 13.21 56.58
C PHE C 584 5.18 14.66 56.39
N SER C 585 4.46 14.95 55.30
CA SER C 585 4.00 16.30 54.98
C SER C 585 2.98 16.79 56.01
N PRO C 586 3.12 18.01 56.51
CA PRO C 586 2.17 18.51 57.53
C PRO C 586 0.84 18.94 56.98
N TYR C 587 0.75 19.28 55.69
CA TYR C 587 -0.48 19.79 55.10
C TYR C 587 -1.46 18.70 54.74
N GLU C 588 -1.04 17.44 54.71
CA GLU C 588 -1.95 16.34 54.51
C GLU C 588 -2.63 15.93 55.81
N TRP C 589 -2.01 16.22 56.94
CA TRP C 589 -2.68 16.09 58.23
C TRP C 589 -3.71 17.21 58.35
N TYR C 590 -4.99 16.87 58.15
CA TYR C 590 -6.06 17.86 58.21
C TYR C 590 -7.06 17.43 59.26
N ASN C 591 -7.94 18.35 59.64
CA ASN C 591 -9.03 18.02 60.56
C ASN C 591 -10.09 17.19 59.84
N PRO C 592 -10.25 15.91 60.19
CA PRO C 592 -11.16 15.07 59.40
C PRO C 592 -12.62 15.31 59.71
N HIS C 593 -12.91 16.03 60.80
CA HIS C 593 -14.26 16.22 61.29
C HIS C 593 -14.57 17.71 61.35
N PRO C 594 -15.14 18.29 60.30
CA PRO C 594 -15.53 19.71 60.37
C PRO C 594 -16.92 19.91 60.96
N CYS C 595 -17.77 18.88 60.88
CA CYS C 595 -19.13 18.93 61.43
C CYS C 595 -19.22 18.35 62.84
N ASN C 596 -18.68 17.15 63.05
CA ASN C 596 -18.33 16.63 64.36
C ASN C 596 -17.44 17.70 65.00
N PRO C 597 -17.87 18.30 66.16
CA PRO C 597 -17.28 19.56 66.65
C PRO C 597 -15.76 19.61 66.82
N ASP C 598 -15.22 20.82 66.69
CA ASP C 598 -13.81 21.03 66.33
C ASP C 598 -12.89 20.59 67.46
N SER C 599 -11.86 19.83 67.09
CA SER C 599 -10.97 19.19 68.05
C SER C 599 -9.57 19.04 67.49
N ASP C 600 -8.79 18.15 68.08
CA ASP C 600 -7.40 17.92 67.71
C ASP C 600 -7.19 16.47 67.28
N VAL C 601 -8.03 16.00 66.37
CA VAL C 601 -8.14 14.59 66.00
C VAL C 601 -7.71 14.37 64.55
N VAL C 602 -6.70 15.14 64.11
CA VAL C 602 -6.14 15.13 62.76
C VAL C 602 -5.80 13.74 62.25
N GLU C 603 -5.96 13.51 60.96
CA GLU C 603 -5.95 12.16 60.39
C GLU C 603 -5.63 12.23 58.90
N ASN C 604 -4.78 11.33 58.43
CA ASN C 604 -4.54 11.19 57.00
C ASN C 604 -5.55 10.24 56.38
N ASN C 605 -5.80 10.43 55.09
CA ASN C 605 -6.50 9.44 54.29
C ASN C 605 -5.55 8.45 53.65
N PHE C 606 -4.25 8.73 53.65
CA PHE C 606 -3.27 7.90 52.96
C PHE C 606 -2.63 6.91 53.95
N THR C 607 -3.29 5.77 54.10
CA THR C 607 -2.69 4.61 54.71
C THR C 607 -1.84 3.87 53.67
N LEU C 608 -1.41 2.66 54.00
CA LEU C 608 -0.65 1.90 53.00
C LEU C 608 -1.59 1.23 52.01
N LEU C 609 -2.75 0.77 52.47
CA LEU C 609 -3.71 0.15 51.57
C LEU C 609 -4.43 1.19 50.72
N ASN C 610 -4.49 2.43 51.22
CA ASN C 610 -5.11 3.50 50.46
C ASN C 610 -4.15 4.15 49.48
N SER C 611 -2.85 4.11 49.75
CA SER C 611 -1.89 4.69 48.81
C SER C 611 -1.72 3.80 47.59
N PHE C 612 -1.84 2.48 47.75
CA PHE C 612 -1.90 1.57 46.61
C PHE C 612 -3.13 1.86 45.76
N TRP C 613 -4.24 2.23 46.40
CA TRP C 613 -5.50 2.41 45.70
C TRP C 613 -5.54 3.74 44.95
N PHE C 614 -4.67 4.67 45.33
CA PHE C 614 -4.49 5.84 44.48
C PHE C 614 -3.71 5.42 43.25
N GLY C 615 -2.66 4.63 43.44
CA GLY C 615 -1.84 4.15 42.35
C GLY C 615 -2.55 3.24 41.37
N VAL C 616 -3.30 2.27 41.88
CA VAL C 616 -4.07 1.38 41.02
C VAL C 616 -5.29 2.11 40.46
N GLY C 617 -5.87 3.01 41.25
CA GLY C 617 -7.04 3.74 40.81
C GLY C 617 -6.75 4.72 39.70
N ALA C 618 -5.65 5.49 39.83
CA ALA C 618 -5.31 6.47 38.82
C ALA C 618 -4.76 5.83 37.56
N LEU C 619 -4.24 4.62 37.67
CA LEU C 619 -3.65 3.95 36.51
C LEU C 619 -4.73 3.48 35.54
N MET C 620 -5.91 3.16 36.03
CA MET C 620 -6.92 2.52 35.22
C MET C 620 -7.91 3.52 34.63
N GLN C 621 -7.56 4.80 34.68
CA GLN C 621 -8.33 5.96 34.23
C GLN C 621 -9.63 6.19 35.01
N GLN C 622 -9.95 5.35 35.98
CA GLN C 622 -11.02 5.63 36.91
C GLN C 622 -10.45 6.42 38.07
N GLY C 623 -11.21 6.58 39.13
CA GLY C 623 -10.72 7.40 40.21
C GLY C 623 -10.75 6.66 41.53
N SER C 624 -9.84 7.00 42.43
CA SER C 624 -10.00 6.56 43.80
C SER C 624 -10.92 7.54 44.52
N GLU C 625 -11.38 7.18 45.71
CA GLU C 625 -12.12 8.12 46.53
C GLU C 625 -11.21 9.15 47.18
N LEU C 626 -9.90 8.94 47.14
CA LEU C 626 -8.92 9.84 47.71
C LEU C 626 -8.50 10.89 46.69
N MET C 627 -7.91 11.96 47.20
CA MET C 627 -7.25 12.92 46.33
C MET C 627 -6.22 13.69 47.15
N PRO C 628 -5.00 13.89 46.63
CA PRO C 628 -3.96 14.60 47.39
C PRO C 628 -4.29 16.04 47.73
N LYS C 629 -4.00 16.45 48.96
CA LYS C 629 -4.31 17.78 49.41
C LYS C 629 -3.08 18.68 49.57
N ALA C 630 -1.93 18.11 49.93
CA ALA C 630 -0.70 18.88 50.06
C ALA C 630 -0.03 18.97 48.70
N LEU C 631 0.78 20.02 48.52
CA LEU C 631 1.47 20.19 47.24
C LEU C 631 2.55 19.15 47.03
N SER C 632 3.11 18.59 48.11
CA SER C 632 4.11 17.54 47.96
C SER C 632 3.47 16.23 47.50
N THR C 633 2.19 16.02 47.81
CA THR C 633 1.51 14.83 47.33
C THR C 633 0.77 15.08 46.04
N ARG C 634 0.57 16.35 45.65
CA ARG C 634 -0.05 16.64 44.37
C ARG C 634 0.96 16.56 43.23
N ILE C 635 2.25 16.76 43.52
CA ILE C 635 3.26 16.58 42.49
C ILE C 635 3.51 15.08 42.28
N VAL C 636 3.27 14.25 43.31
CA VAL C 636 3.30 12.80 43.11
C VAL C 636 2.14 12.36 42.23
N GLY C 637 0.93 12.78 42.59
CA GLY C 637 -0.25 12.44 41.84
C GLY C 637 -0.26 13.07 40.46
N GLY C 638 0.25 14.29 40.34
CA GLY C 638 0.20 14.97 39.06
C GLY C 638 1.19 14.44 38.06
N ILE C 639 2.21 13.71 38.52
CA ILE C 639 3.19 13.13 37.60
C ILE C 639 2.88 11.66 37.36
N TRP C 640 2.11 11.04 38.24
CA TRP C 640 1.62 9.70 38.00
C TRP C 640 0.41 9.74 37.08
N TRP C 641 -0.24 10.89 36.97
CA TRP C 641 -1.33 11.05 36.04
C TRP C 641 -0.82 11.26 34.62
N PHE C 642 0.36 11.87 34.47
CA PHE C 642 0.92 12.04 33.14
C PHE C 642 1.58 10.76 32.65
N PHE C 643 2.15 10.00 33.58
CA PHE C 643 2.68 8.68 33.24
C PHE C 643 1.58 7.77 32.74
N THR C 644 0.40 7.87 33.36
CA THR C 644 -0.73 7.00 33.03
C THR C 644 -1.29 7.28 31.64
N LEU C 645 -1.35 8.56 31.25
CA LEU C 645 -1.83 8.91 29.91
C LEU C 645 -0.92 8.37 28.83
N ILE C 646 0.39 8.46 29.03
CA ILE C 646 1.32 8.06 27.98
C ILE C 646 1.35 6.53 27.87
N ILE C 647 1.08 5.83 28.97
CA ILE C 647 0.98 4.37 28.92
C ILE C 647 -0.27 3.93 28.17
N ILE C 648 -1.40 4.58 28.44
CA ILE C 648 -2.66 4.12 27.87
C ILE C 648 -2.85 4.66 26.45
N SER C 649 -2.30 5.83 26.15
CA SER C 649 -2.36 6.32 24.79
C SER C 649 -1.35 5.61 23.89
N SER C 650 -0.41 4.87 24.49
CA SER C 650 0.51 4.07 23.69
C SER C 650 0.08 2.62 23.61
N TYR C 651 -0.76 2.19 24.54
CA TYR C 651 -1.38 0.88 24.37
C TYR C 651 -2.41 0.93 23.27
N THR C 652 -3.24 1.99 23.25
CA THR C 652 -4.32 2.09 22.26
C THR C 652 -3.78 2.38 20.88
N ALA C 653 -2.68 3.13 20.79
CA ALA C 653 -2.17 3.51 19.49
C ALA C 653 -1.26 2.45 18.89
N ASN C 654 -0.61 1.63 19.72
CA ASN C 654 0.15 0.53 19.17
C ASN C 654 -0.75 -0.66 18.87
N LEU C 655 -1.90 -0.73 19.53
CA LEU C 655 -2.87 -1.75 19.18
C LEU C 655 -3.59 -1.40 17.88
N ALA C 656 -3.83 -0.11 17.66
CA ALA C 656 -4.39 0.33 16.39
C ALA C 656 -3.37 0.21 15.28
N ALA C 657 -2.08 0.16 15.64
CA ALA C 657 -1.03 -0.06 14.66
C ALA C 657 -1.02 -1.50 14.18
N PHE C 658 -1.16 -2.45 15.11
CA PHE C 658 -1.17 -3.86 14.71
C PHE C 658 -2.44 -4.23 13.97
N LEU C 659 -3.58 -3.77 14.47
CA LEU C 659 -4.85 -4.18 13.89
C LEU C 659 -5.06 -3.55 12.52
N THR C 660 -4.36 -2.44 12.23
CA THR C 660 -4.38 -1.90 10.89
C THR C 660 -3.45 -2.68 9.97
N VAL C 661 -2.25 -2.99 10.44
CA VAL C 661 -1.26 -3.71 9.63
C VAL C 661 -1.74 -5.14 9.35
N GLU C 662 -2.34 -5.80 10.34
CA GLU C 662 -2.95 -7.10 10.14
C GLU C 662 -4.09 -7.07 9.14
N ARG C 663 -4.80 -5.95 9.03
CA ARG C 663 -5.89 -5.81 8.09
C ARG C 663 -5.41 -5.39 6.70
N MET C 664 -4.25 -4.72 6.60
CA MET C 664 -3.66 -4.39 5.32
C MET C 664 -3.08 -5.61 4.61
N GLU C 665 -2.49 -6.55 5.34
CA GLU C 665 -1.72 -7.62 4.73
C GLU C 665 -2.68 -8.64 4.12
N SER C 666 -2.28 -9.17 2.97
CA SER C 666 -3.05 -10.10 2.21
C SER C 666 -2.14 -11.19 1.66
N PRO C 667 -2.62 -12.43 1.58
CA PRO C 667 -1.82 -13.48 0.94
C PRO C 667 -1.71 -13.25 -0.56
N ILE C 668 -0.73 -13.93 -1.16
CA ILE C 668 -0.51 -13.79 -2.60
C ILE C 668 -1.69 -14.38 -3.35
N ASP C 669 -2.09 -13.70 -4.42
CA ASP C 669 -3.26 -14.11 -5.17
C ASP C 669 -3.01 -13.87 -6.66
N SER C 670 -1.74 -13.92 -7.06
CA SER C 670 -1.35 -13.66 -8.43
C SER C 670 0.05 -14.18 -8.71
N ALA C 671 0.46 -14.14 -9.99
CA ALA C 671 1.84 -14.36 -10.34
C ALA C 671 2.64 -13.07 -10.25
N ASP C 672 1.95 -11.92 -10.25
CA ASP C 672 2.61 -10.66 -9.99
C ASP C 672 3.05 -10.56 -8.54
N ASP C 673 2.28 -11.15 -7.63
CA ASP C 673 2.59 -11.07 -6.21
C ASP C 673 3.77 -11.97 -5.86
N LEU C 674 4.01 -13.01 -6.67
CA LEU C 674 5.21 -13.81 -6.47
C LEU C 674 6.44 -13.11 -7.02
N ALA C 675 6.27 -12.17 -7.94
CA ALA C 675 7.40 -11.46 -8.52
C ALA C 675 8.02 -10.50 -7.51
N LYS C 676 7.18 -9.89 -6.68
CA LYS C 676 7.62 -8.95 -5.65
C LYS C 676 8.29 -9.68 -4.50
N GLN C 677 7.68 -10.77 -4.03
CA GLN C 677 8.14 -11.46 -2.83
C GLN C 677 9.49 -12.15 -3.00
N THR C 678 10.24 -12.23 -1.92
CA THR C 678 11.56 -12.83 -1.89
C THR C 678 11.64 -14.10 -1.05
N LYS C 679 10.92 -14.12 0.09
CA LYS C 679 11.02 -15.27 1.00
C LYS C 679 10.27 -16.48 0.46
N ILE C 680 9.32 -16.27 -0.44
CA ILE C 680 8.62 -17.38 -1.08
C ILE C 680 9.37 -17.75 -2.35
N GLU C 681 9.76 -19.00 -2.47
CA GLU C 681 10.55 -19.48 -3.60
C GLU C 681 9.66 -20.27 -4.55
N TYR C 682 10.00 -20.27 -5.83
CA TYR C 682 9.11 -20.73 -6.89
C TYR C 682 9.33 -22.22 -7.14
N GLY C 683 8.86 -22.70 -8.28
CA GLY C 683 9.19 -24.05 -8.69
C GLY C 683 8.68 -24.33 -10.09
N ALA C 684 9.09 -25.49 -10.60
CA ALA C 684 8.62 -26.06 -11.86
C ALA C 684 9.09 -27.50 -11.94
N VAL C 685 8.65 -28.23 -12.95
CA VAL C 685 9.25 -29.52 -13.27
C VAL C 685 10.38 -29.23 -14.25
N GLU C 686 11.55 -29.80 -13.98
CA GLU C 686 12.73 -29.57 -14.79
C GLU C 686 12.55 -30.19 -16.16
N ASP C 687 12.75 -29.37 -17.20
CA ASP C 687 12.53 -29.71 -18.61
C ASP C 687 11.12 -30.21 -18.85
N GLY C 688 10.13 -29.38 -18.53
CA GLY C 688 8.74 -29.74 -18.72
C GLY C 688 8.02 -28.64 -19.46
N ALA C 689 6.71 -28.82 -19.59
CA ALA C 689 5.91 -27.88 -20.38
C ALA C 689 5.72 -26.55 -19.66
N THR C 690 5.88 -26.53 -18.34
CA THR C 690 5.65 -25.32 -17.56
C THR C 690 6.79 -24.33 -17.69
N MET C 691 8.02 -24.79 -17.43
CA MET C 691 9.18 -23.92 -17.51
C MET C 691 9.56 -23.57 -18.95
N THR C 692 9.09 -24.36 -19.91
CA THR C 692 9.29 -24.02 -21.31
C THR C 692 8.48 -22.78 -21.69
N PHE C 693 7.35 -22.57 -21.00
CA PHE C 693 6.58 -21.35 -21.19
C PHE C 693 7.33 -20.12 -20.69
N PHE C 694 8.09 -20.26 -19.60
CA PHE C 694 8.80 -19.11 -19.05
C PHE C 694 10.12 -18.82 -19.77
N LYS C 695 10.63 -19.78 -20.56
CA LYS C 695 11.76 -19.48 -21.44
C LYS C 695 11.34 -18.60 -22.60
N LYS C 696 10.25 -18.96 -23.27
CA LYS C 696 9.82 -18.26 -24.47
C LYS C 696 8.99 -17.03 -24.14
N SER C 697 8.79 -16.74 -22.85
CA SER C 697 7.93 -15.64 -22.46
C SER C 697 8.64 -14.31 -22.66
N LYS C 698 7.84 -13.28 -22.95
CA LYS C 698 8.34 -11.93 -23.10
C LYS C 698 7.66 -10.93 -22.18
N ILE C 699 6.68 -11.35 -21.38
CA ILE C 699 6.07 -10.47 -20.41
C ILE C 699 7.04 -10.25 -19.26
N SER C 700 7.19 -8.99 -18.84
CA SER C 700 8.24 -8.64 -17.88
C SER C 700 7.94 -9.20 -16.50
N THR C 701 6.67 -9.47 -16.20
CA THR C 701 6.35 -10.11 -14.92
C THR C 701 6.68 -11.59 -14.94
N TYR C 702 6.71 -12.20 -16.13
CA TYR C 702 7.08 -13.61 -16.23
C TYR C 702 8.57 -13.76 -16.47
N ASP C 703 9.20 -12.73 -17.04
CA ASP C 703 10.65 -12.76 -17.21
C ASP C 703 11.37 -12.63 -15.88
N LYS C 704 10.78 -11.86 -14.94
CA LYS C 704 11.31 -11.85 -13.58
C LYS C 704 11.09 -13.19 -12.89
N MET C 705 10.02 -13.89 -13.25
CA MET C 705 9.79 -15.20 -12.66
C MET C 705 10.70 -16.26 -13.25
N TRP C 706 11.12 -16.10 -14.50
CA TRP C 706 12.09 -17.03 -15.05
C TRP C 706 13.49 -16.75 -14.53
N ALA C 707 13.83 -15.46 -14.39
CA ALA C 707 15.18 -15.09 -13.97
C ALA C 707 15.44 -15.42 -12.51
N PHE C 708 14.37 -15.60 -11.72
CA PHE C 708 14.48 -16.18 -10.39
C PHE C 708 15.04 -17.60 -10.51
N MET C 709 14.46 -18.38 -11.42
CA MET C 709 14.82 -19.78 -11.56
C MET C 709 15.73 -20.01 -12.77
N SER C 710 16.19 -18.93 -13.40
CA SER C 710 17.27 -19.08 -14.38
C SER C 710 18.62 -19.04 -13.68
N SER C 711 18.81 -18.05 -12.80
CA SER C 711 20.03 -17.96 -12.02
C SER C 711 20.08 -19.08 -10.99
N ARG C 712 18.99 -19.27 -10.25
CA ARG C 712 18.92 -20.33 -9.25
C ARG C 712 18.40 -21.62 -9.87
N ARG C 713 18.98 -22.75 -9.48
CA ARG C 713 18.59 -24.07 -9.96
C ARG C 713 19.16 -25.03 -8.93
N GLN C 714 18.82 -26.32 -9.01
CA GLN C 714 19.21 -27.43 -8.11
C GLN C 714 18.58 -27.31 -6.72
N SER C 715 17.87 -26.21 -6.48
CA SER C 715 17.02 -26.02 -5.32
C SER C 715 15.56 -25.85 -5.70
N VAL C 716 15.23 -24.92 -6.60
CA VAL C 716 13.84 -24.80 -7.02
C VAL C 716 13.68 -25.00 -8.52
N LEU C 717 13.91 -26.23 -8.98
CA LEU C 717 13.54 -26.73 -10.32
C LEU C 717 13.24 -28.22 -10.25
N VAL C 718 12.43 -28.65 -9.29
CA VAL C 718 12.35 -30.04 -8.82
C VAL C 718 11.93 -31.01 -9.92
N LYS C 719 12.22 -32.31 -9.75
CA LYS C 719 12.20 -33.29 -10.82
C LYS C 719 10.81 -33.73 -11.26
N SER C 720 9.85 -33.85 -10.35
CA SER C 720 8.55 -34.41 -10.69
C SER C 720 7.45 -33.58 -10.07
N ASN C 721 6.20 -33.90 -10.41
CA ASN C 721 5.07 -33.26 -9.73
C ASN C 721 4.97 -33.73 -8.29
N GLU C 722 5.26 -35.01 -8.03
CA GLU C 722 5.11 -35.56 -6.69
C GLU C 722 6.15 -34.99 -5.73
N GLU C 723 7.35 -34.73 -6.24
CA GLU C 723 8.36 -34.09 -5.41
C GLU C 723 8.06 -32.62 -5.20
N GLY C 724 7.35 -32.00 -6.15
CA GLY C 724 7.04 -30.59 -6.01
C GLY C 724 5.93 -30.32 -5.02
N ILE C 725 5.01 -31.28 -4.85
CA ILE C 725 3.96 -31.17 -3.84
C ILE C 725 4.57 -31.24 -2.45
N GLN C 726 5.52 -32.15 -2.25
CA GLN C 726 6.15 -32.32 -0.94
C GLN C 726 7.00 -31.12 -0.56
N ARG C 727 7.52 -30.39 -1.56
CA ARG C 727 8.28 -29.18 -1.28
C ARG C 727 7.37 -28.07 -0.77
N VAL C 728 6.19 -27.91 -1.36
CA VAL C 728 5.22 -26.94 -0.86
C VAL C 728 4.71 -27.39 0.50
N LEU C 729 4.64 -28.70 0.71
CA LEU C 729 3.99 -29.22 1.90
C LEU C 729 4.88 -29.05 3.13
N THR C 730 6.21 -29.10 2.94
CA THR C 730 7.15 -28.81 4.02
C THR C 730 7.64 -27.37 3.99
N SER C 731 8.33 -27.00 2.91
CA SER C 731 9.01 -25.71 2.80
C SER C 731 8.07 -24.56 2.46
N ASP C 732 8.62 -23.45 1.98
CA ASP C 732 7.86 -22.25 1.63
C ASP C 732 7.86 -22.13 0.10
N TYR C 733 7.66 -23.28 -0.54
CA TYR C 733 7.74 -23.48 -1.97
C TYR C 733 6.40 -23.07 -2.59
N ALA C 734 6.43 -22.70 -3.88
CA ALA C 734 5.26 -22.13 -4.56
C ALA C 734 5.12 -22.76 -5.96
N PHE C 735 5.08 -24.09 -5.99
CA PHE C 735 5.23 -24.91 -7.21
C PHE C 735 4.20 -24.58 -8.29
N LEU C 736 4.69 -24.48 -9.53
CA LEU C 736 3.86 -24.14 -10.68
C LEU C 736 3.71 -25.38 -11.57
N MET C 737 2.53 -26.01 -11.52
CA MET C 737 2.22 -27.10 -12.42
C MET C 737 0.97 -26.72 -13.23
N GLU C 738 0.44 -27.69 -13.98
CA GLU C 738 -0.75 -27.46 -14.80
C GLU C 738 -1.99 -27.41 -13.92
N SER C 739 -3.05 -26.77 -14.41
CA SER C 739 -4.18 -26.43 -13.56
C SER C 739 -5.08 -27.63 -13.28
N THR C 740 -5.01 -28.68 -14.08
CA THR C 740 -5.86 -29.83 -13.83
C THR C 740 -5.26 -30.75 -12.78
N THR C 741 -3.96 -30.63 -12.53
CA THR C 741 -3.34 -31.45 -11.51
C THR C 741 -3.45 -30.78 -10.14
N ILE C 742 -3.47 -29.45 -10.11
CA ILE C 742 -3.72 -28.71 -8.88
C ILE C 742 -5.12 -28.99 -8.35
N GLU C 743 -6.13 -28.97 -9.22
CA GLU C 743 -7.51 -29.16 -8.78
C GLU C 743 -7.76 -30.59 -8.31
N PHE C 744 -6.85 -31.52 -8.63
CA PHE C 744 -6.87 -32.84 -8.03
C PHE C 744 -6.08 -32.88 -6.72
N VAL C 745 -4.99 -32.12 -6.64
CA VAL C 745 -4.14 -32.14 -5.45
C VAL C 745 -4.78 -31.31 -4.33
N THR C 746 -5.16 -30.07 -4.64
CA THR C 746 -5.84 -29.16 -3.71
C THR C 746 -7.13 -29.75 -3.15
N GLN C 747 -7.84 -30.54 -3.94
CA GLN C 747 -9.07 -31.16 -3.51
C GLN C 747 -8.85 -32.28 -2.48
N ARG C 748 -7.76 -33.03 -2.59
CA ARG C 748 -7.49 -34.17 -1.71
C ARG C 748 -6.77 -33.75 -0.43
N ASN C 749 -5.69 -32.99 -0.56
CA ASN C 749 -4.92 -32.52 0.59
C ASN C 749 -5.32 -31.07 0.84
N CYS C 750 -6.25 -30.89 1.78
CA CYS C 750 -6.86 -29.58 2.02
C CYS C 750 -5.99 -28.62 2.83
N ASN C 751 -4.72 -28.92 3.00
CA ASN C 751 -3.73 -27.95 3.48
C ASN C 751 -3.11 -27.16 2.35
N LEU C 752 -3.58 -27.36 1.12
CA LEU C 752 -2.99 -26.78 -0.08
C LEU C 752 -4.04 -25.95 -0.81
N THR C 753 -3.57 -24.97 -1.60
CA THR C 753 -4.49 -24.10 -2.32
C THR C 753 -3.91 -23.75 -3.68
N GLN C 754 -4.70 -23.02 -4.47
CA GLN C 754 -4.35 -22.56 -5.81
C GLN C 754 -4.41 -21.05 -5.79
N ILE C 755 -3.25 -20.39 -5.78
CA ILE C 755 -3.27 -18.94 -5.70
C ILE C 755 -3.26 -18.37 -7.10
N GLY C 756 -4.16 -17.44 -7.37
CA GLY C 756 -4.20 -16.77 -8.65
C GLY C 756 -5.09 -17.53 -9.61
N GLY C 757 -5.11 -17.05 -10.85
CA GLY C 757 -5.83 -17.70 -11.92
C GLY C 757 -4.89 -18.50 -12.79
N LEU C 758 -5.21 -18.58 -14.07
CA LEU C 758 -4.42 -19.31 -15.05
C LEU C 758 -3.44 -18.39 -15.75
N ILE C 759 -2.24 -18.93 -16.00
CA ILE C 759 -1.21 -18.18 -16.70
C ILE C 759 -1.17 -18.52 -18.19
N ASP C 760 -1.13 -19.79 -18.54
CA ASP C 760 -1.16 -20.25 -19.93
C ASP C 760 -2.61 -20.60 -20.25
N SER C 761 -2.84 -21.16 -21.43
CA SER C 761 -4.15 -21.70 -21.76
C SER C 761 -3.94 -22.82 -22.78
N LYS C 762 -4.13 -24.06 -22.35
CA LYS C 762 -3.87 -25.22 -23.18
C LYS C 762 -5.11 -26.10 -23.20
N GLY C 763 -5.01 -27.28 -23.78
CA GLY C 763 -6.18 -28.15 -23.84
C GLY C 763 -5.79 -29.56 -24.19
N TYR C 764 -6.57 -30.50 -23.68
CA TYR C 764 -6.36 -31.91 -23.91
C TYR C 764 -7.21 -32.39 -25.08
N GLY C 765 -6.59 -33.05 -26.05
CA GLY C 765 -7.33 -33.57 -27.18
C GLY C 765 -7.08 -35.05 -27.36
N VAL C 766 -8.09 -35.70 -27.94
CA VAL C 766 -7.97 -37.11 -28.32
C VAL C 766 -7.11 -37.19 -29.57
N GLY C 767 -5.86 -37.63 -29.42
CA GLY C 767 -4.97 -37.74 -30.55
C GLY C 767 -5.37 -38.81 -31.54
N THR C 768 -5.20 -38.53 -32.82
CA THR C 768 -5.57 -39.39 -33.93
C THR C 768 -4.48 -39.20 -34.97
N PRO C 769 -4.10 -40.23 -35.73
CA PRO C 769 -2.98 -40.05 -36.67
C PRO C 769 -3.31 -39.10 -37.82
N MET C 770 -2.26 -38.63 -38.49
CA MET C 770 -2.32 -37.53 -39.45
C MET C 770 -3.23 -37.85 -40.63
N GLY C 771 -4.27 -37.04 -40.83
CA GLY C 771 -5.26 -37.30 -41.85
C GLY C 771 -6.07 -38.55 -41.62
N SER C 772 -6.91 -38.55 -40.59
CA SER C 772 -7.71 -39.70 -40.22
C SER C 772 -9.20 -39.41 -40.31
N PRO C 773 -10.04 -40.41 -40.58
CA PRO C 773 -11.50 -40.17 -40.55
C PRO C 773 -12.14 -40.15 -39.17
N TYR C 774 -11.36 -40.28 -38.09
CA TYR C 774 -11.90 -40.18 -36.74
C TYR C 774 -11.56 -38.88 -36.03
N ARG C 775 -10.85 -37.96 -36.68
CA ARG C 775 -10.70 -36.62 -36.12
C ARG C 775 -12.04 -35.91 -36.08
N ASP C 776 -12.82 -36.02 -37.17
CA ASP C 776 -14.05 -35.26 -37.26
C ASP C 776 -15.22 -35.98 -36.62
N LYS C 777 -15.18 -37.31 -36.56
CA LYS C 777 -16.29 -38.02 -35.95
C LYS C 777 -16.23 -37.94 -34.44
N ILE C 778 -15.06 -37.65 -33.87
CA ILE C 778 -14.91 -37.52 -32.43
C ILE C 778 -15.05 -36.08 -31.97
N THR C 779 -14.64 -35.13 -32.83
CA THR C 779 -14.88 -33.71 -32.57
C THR C 779 -16.35 -33.41 -32.37
N ILE C 780 -17.19 -33.89 -33.29
CA ILE C 780 -18.64 -33.82 -33.11
C ILE C 780 -19.09 -34.66 -31.91
N ALA C 781 -18.40 -35.76 -31.62
CA ALA C 781 -18.81 -36.60 -30.50
C ALA C 781 -18.42 -35.98 -29.16
N ILE C 782 -17.30 -35.24 -29.12
CA ILE C 782 -16.93 -34.51 -27.91
C ILE C 782 -17.85 -33.31 -27.71
N LEU C 783 -18.24 -32.64 -28.80
CA LEU C 783 -19.13 -31.49 -28.72
C LEU C 783 -20.54 -31.90 -28.32
N GLN C 784 -20.94 -33.14 -28.58
CA GLN C 784 -22.25 -33.60 -28.12
C GLN C 784 -22.26 -33.83 -26.61
N LEU C 785 -21.17 -34.37 -26.07
CA LEU C 785 -21.11 -34.63 -24.64
C LEU C 785 -20.92 -33.36 -23.82
N GLN C 786 -20.54 -32.25 -24.45
CA GLN C 786 -20.49 -31.00 -23.71
C GLN C 786 -21.88 -30.36 -23.62
N GLU C 787 -22.67 -30.46 -24.69
CA GLU C 787 -23.99 -29.85 -24.71
C GLU C 787 -24.94 -30.56 -23.75
N GLU C 788 -24.84 -31.89 -23.68
CA GLU C 788 -25.62 -32.63 -22.72
C GLU C 788 -25.14 -32.44 -21.29
N GLY C 789 -23.88 -32.03 -21.10
CA GLY C 789 -23.33 -31.81 -19.78
C GLY C 789 -22.53 -32.96 -19.23
N LYS C 790 -22.15 -33.92 -20.06
CA LYS C 790 -21.49 -35.12 -19.53
C LYS C 790 -20.02 -34.87 -19.21
N LEU C 791 -19.35 -33.99 -19.95
CA LEU C 791 -17.95 -33.69 -19.64
C LEU C 791 -17.78 -32.89 -18.36
N HIS C 792 -18.87 -32.33 -17.82
CA HIS C 792 -18.78 -31.75 -16.50
C HIS C 792 -18.98 -32.81 -15.42
N MET C 793 -19.95 -33.71 -15.62
CA MET C 793 -20.26 -34.70 -14.59
C MET C 793 -19.20 -35.78 -14.52
N MET C 794 -18.45 -35.99 -15.61
CA MET C 794 -17.34 -36.92 -15.57
C MET C 794 -16.14 -36.31 -14.85
N LYS C 795 -16.00 -34.99 -14.90
CA LYS C 795 -14.90 -34.34 -14.20
C LYS C 795 -15.20 -34.22 -12.71
N GLU C 796 -16.47 -33.98 -12.37
CA GLU C 796 -16.86 -33.87 -10.97
C GLU C 796 -16.85 -35.22 -10.27
N LYS C 797 -16.89 -36.30 -11.05
CA LYS C 797 -16.85 -37.63 -10.46
C LYS C 797 -15.44 -37.99 -10.01
N TRP C 798 -14.43 -37.54 -10.76
CA TRP C 798 -13.05 -37.93 -10.52
C TRP C 798 -12.19 -36.85 -9.89
N TRP C 799 -12.60 -35.59 -9.93
CA TRP C 799 -11.84 -34.50 -9.34
C TRP C 799 -12.41 -33.95 -8.05
N ARG C 800 -13.53 -34.47 -7.53
CA ARG C 800 -14.02 -33.98 -6.24
C ARG C 800 -13.62 -34.90 -5.09
N GLY C 801 -13.52 -36.21 -5.34
CA GLY C 801 -12.96 -37.18 -4.40
C GLY C 801 -13.54 -37.24 -3.00
N ASN C 802 -12.71 -36.87 -2.02
CA ASN C 802 -13.15 -36.85 -0.63
C ASN C 802 -14.09 -35.68 -0.38
N GLY C 803 -14.81 -35.76 0.75
CA GLY C 803 -15.47 -34.57 1.26
C GLY C 803 -14.48 -33.48 1.60
N CYS C 804 -13.46 -33.81 2.43
CA CYS C 804 -12.27 -33.01 2.77
C CYS C 804 -12.65 -31.62 3.27
N PRO C 805 -12.95 -31.46 4.58
CA PRO C 805 -13.93 -30.45 5.03
C PRO C 805 -13.58 -29.00 4.73
N GLU C 806 -13.87 -28.62 3.49
CA GLU C 806 -13.58 -27.32 2.89
C GLU C 806 -14.36 -26.14 3.46
N GLU C 807 -15.07 -26.33 4.57
CA GLU C 807 -15.83 -25.30 5.28
C GLU C 807 -15.04 -24.01 5.53
N GLU C 808 -14.00 -24.08 6.39
CA GLU C 808 -13.00 -23.03 6.65
C GLU C 808 -13.50 -21.59 6.65
N SER C 809 -14.34 -21.23 7.63
CA SER C 809 -14.98 -19.91 7.62
C SER C 809 -13.94 -18.83 7.87
N LYS C 810 -13.36 -18.35 6.78
CA LYS C 810 -12.19 -17.48 6.78
C LYS C 810 -12.64 -16.02 6.76
N GLU C 811 -13.60 -15.68 7.62
CA GLU C 811 -14.00 -14.29 7.79
C GLU C 811 -13.65 -13.84 9.20
N ALA C 812 -13.24 -12.59 9.34
CA ALA C 812 -12.54 -12.15 10.55
C ALA C 812 -12.63 -10.65 10.73
N SER C 813 -11.71 -10.12 11.54
CA SER C 813 -11.39 -8.73 11.88
C SER C 813 -12.37 -8.15 12.89
N ALA C 814 -13.46 -8.80 13.22
CA ALA C 814 -14.13 -8.51 14.47
C ALA C 814 -13.41 -9.25 15.58
N LEU C 815 -13.20 -8.61 16.71
CA LEU C 815 -12.41 -9.18 17.79
C LEU C 815 -13.28 -10.17 18.54
N GLY C 816 -12.81 -11.41 18.65
CA GLY C 816 -13.62 -12.45 19.25
C GLY C 816 -12.95 -13.09 20.44
N VAL C 817 -13.44 -14.27 20.85
CA VAL C 817 -12.90 -14.95 22.01
C VAL C 817 -11.53 -15.56 21.78
N GLN C 818 -11.10 -15.69 20.53
CA GLN C 818 -9.74 -16.17 20.29
C GLN C 818 -8.74 -15.03 20.34
N ASN C 819 -9.15 -13.82 19.94
CA ASN C 819 -8.27 -12.68 19.96
C ASN C 819 -8.18 -12.07 21.35
N ILE C 820 -9.31 -11.60 21.85
CA ILE C 820 -9.39 -11.07 23.21
C ILE C 820 -10.27 -11.99 24.05
N GLY C 821 -9.67 -13.01 24.62
CA GLY C 821 -10.42 -13.95 25.42
C GLY C 821 -9.76 -14.14 26.77
N GLY C 822 -8.47 -13.79 26.84
CA GLY C 822 -7.74 -13.92 28.08
C GLY C 822 -8.06 -12.83 29.08
N ILE C 823 -8.74 -11.77 28.66
CA ILE C 823 -9.14 -10.75 29.60
C ILE C 823 -10.35 -11.20 30.41
N PHE C 824 -11.05 -12.23 29.93
CA PHE C 824 -12.09 -12.86 30.73
C PHE C 824 -11.49 -13.87 31.70
N ILE C 825 -10.30 -14.38 31.39
CA ILE C 825 -9.63 -15.31 32.28
C ILE C 825 -8.90 -14.56 33.39
N VAL C 826 -8.36 -13.38 33.07
CA VAL C 826 -7.79 -12.52 34.09
C VAL C 826 -8.90 -11.94 34.97
N LEU C 827 -10.07 -11.68 34.39
CA LEU C 827 -11.23 -11.26 35.17
C LEU C 827 -11.71 -12.38 36.09
N ALA C 828 -11.75 -13.61 35.59
CA ALA C 828 -12.26 -14.71 36.39
C ALA C 828 -11.28 -15.08 37.50
N ALA C 829 -9.99 -14.93 37.26
CA ALA C 829 -9.00 -15.22 38.30
C ALA C 829 -8.98 -14.11 39.36
N GLY C 830 -9.40 -12.91 38.98
CA GLY C 830 -9.44 -11.82 39.95
C GLY C 830 -10.61 -11.93 40.90
N LEU C 831 -11.66 -12.62 40.48
CA LEU C 831 -12.82 -12.81 41.33
C LEU C 831 -12.66 -14.01 42.25
N VAL C 832 -11.92 -15.04 41.81
CA VAL C 832 -11.62 -16.17 42.69
C VAL C 832 -10.65 -15.74 43.79
N LEU C 833 -9.66 -14.91 43.42
CA LEU C 833 -8.72 -14.37 44.40
C LEU C 833 -9.42 -13.52 45.46
N SER C 834 -10.48 -12.81 45.07
CA SER C 834 -11.13 -11.91 46.01
C SER C 834 -11.97 -12.64 47.04
N VAL C 835 -12.55 -13.78 46.66
CA VAL C 835 -13.29 -14.59 47.62
C VAL C 835 -12.34 -15.16 48.67
N PHE C 836 -11.12 -15.48 48.26
CA PHE C 836 -10.11 -15.99 49.20
C PHE C 836 -9.66 -14.89 50.16
N VAL C 837 -9.74 -13.62 49.73
CA VAL C 837 -9.48 -12.51 50.63
C VAL C 837 -10.74 -12.17 51.43
N ALA C 838 -11.91 -12.47 50.89
CA ALA C 838 -13.17 -12.23 51.62
C ALA C 838 -13.30 -13.18 52.79
N VAL C 839 -12.81 -14.42 52.64
CA VAL C 839 -12.72 -15.37 53.74
C VAL C 839 -11.71 -14.86 54.75
N GLY C 840 -10.56 -14.37 54.26
CA GLY C 840 -9.50 -13.84 55.10
C GLY C 840 -9.88 -12.63 55.92
N GLU C 841 -10.78 -11.80 55.41
CA GLU C 841 -11.24 -10.64 56.19
C GLU C 841 -12.26 -11.05 57.23
N PHE C 842 -13.02 -12.12 56.96
CA PHE C 842 -14.01 -12.59 57.92
C PHE C 842 -13.33 -13.27 59.11
N LEU C 843 -12.20 -13.95 58.86
CA LEU C 843 -11.50 -14.63 59.93
C LEU C 843 -10.67 -13.67 60.76
N TYR C 844 -10.10 -12.64 60.12
CA TYR C 844 -9.25 -11.69 60.83
C TYR C 844 -10.08 -10.76 61.70
N LYS C 845 -11.36 -10.58 61.38
CA LYS C 845 -12.22 -9.74 62.20
C LYS C 845 -12.78 -10.52 63.38
N SER C 846 -13.07 -11.82 63.18
CA SER C 846 -13.64 -12.63 64.25
C SER C 846 -12.62 -12.93 65.34
N LYS C 847 -11.35 -13.07 64.96
CA LYS C 847 -10.29 -13.26 65.95
C LYS C 847 -10.06 -12.00 66.75
N LYS C 848 -10.24 -10.84 66.12
CA LYS C 848 -10.20 -9.56 66.84
C LYS C 848 -11.44 -9.43 67.71
N ASN C 849 -12.56 -10.01 67.27
CA ASN C 849 -13.81 -9.97 68.02
C ASN C 849 -13.71 -10.84 69.26
N ALA C 850 -13.42 -12.13 69.08
CA ALA C 850 -13.27 -13.03 70.21
C ALA C 850 -11.85 -12.97 70.76
N ARG D 431 40.34 -12.02 -39.45
CA ARG D 431 41.26 -11.74 -38.35
C ARG D 431 40.47 -11.50 -37.07
N SER D 432 41.01 -11.95 -35.95
CA SER D 432 40.39 -11.78 -34.65
C SER D 432 41.05 -10.64 -33.88
N LEU D 433 40.22 -9.80 -33.27
CA LEU D 433 40.69 -8.65 -32.51
C LEU D 433 41.13 -9.06 -31.11
N ILE D 434 42.13 -8.34 -30.61
CA ILE D 434 42.61 -8.54 -29.24
C ILE D 434 41.94 -7.52 -28.35
N VAL D 435 40.93 -7.94 -27.59
CA VAL D 435 40.23 -7.05 -26.68
C VAL D 435 40.86 -7.15 -25.30
N THR D 436 41.56 -6.10 -24.86
CA THR D 436 42.05 -6.10 -23.50
C THR D 436 40.89 -5.77 -22.58
N THR D 437 41.01 -6.13 -21.29
CA THR D 437 39.88 -6.24 -20.38
C THR D 437 40.39 -6.40 -18.95
N ILE D 438 39.72 -5.78 -17.97
CA ILE D 438 40.03 -6.00 -16.56
C ILE D 438 38.76 -6.57 -15.93
N LEU D 439 38.89 -7.14 -14.73
CA LEU D 439 37.75 -7.73 -14.02
C LEU D 439 37.29 -6.85 -12.86
N GLU D 440 36.12 -6.26 -13.01
CA GLU D 440 35.30 -5.84 -11.88
C GLU D 440 33.88 -6.29 -12.14
N GLU D 441 33.18 -6.55 -11.07
CA GLU D 441 31.79 -6.96 -11.13
C GLU D 441 30.90 -5.72 -11.20
N PRO D 442 29.82 -5.74 -11.99
CA PRO D 442 29.29 -6.75 -12.90
C PRO D 442 29.71 -6.53 -14.32
N TYR D 443 30.93 -6.06 -14.52
CA TYR D 443 31.35 -5.76 -15.88
C TYR D 443 31.94 -7.02 -16.49
N VAL D 444 33.03 -7.52 -15.93
CA VAL D 444 33.70 -8.71 -16.40
C VAL D 444 34.00 -9.58 -15.19
N LEU D 445 33.39 -10.76 -15.13
CA LEU D 445 33.50 -11.64 -13.99
C LEU D 445 33.68 -13.07 -14.49
N PHE D 446 34.46 -13.89 -13.76
CA PHE D 446 34.67 -15.28 -14.15
C PHE D 446 33.39 -16.06 -14.07
N LYS D 447 33.02 -16.72 -15.18
CA LYS D 447 31.89 -17.64 -15.13
C LYS D 447 32.31 -18.87 -14.33
N LYS D 448 31.70 -19.05 -13.16
CA LYS D 448 32.10 -20.09 -12.22
C LYS D 448 31.36 -21.40 -12.46
N SER D 449 30.92 -21.66 -13.68
CA SER D 449 30.25 -22.90 -14.01
C SER D 449 31.22 -24.06 -14.04
N ASP D 450 30.70 -25.27 -14.13
CA ASP D 450 31.48 -26.50 -14.20
C ASP D 450 31.98 -26.68 -15.64
N LYS D 451 32.45 -27.90 -15.99
CA LYS D 451 32.97 -28.29 -17.29
C LYS D 451 34.21 -27.47 -17.67
N PRO D 452 35.40 -27.78 -17.08
CA PRO D 452 36.62 -27.02 -17.41
C PRO D 452 37.14 -27.24 -18.83
N LEU D 453 38.37 -26.74 -19.05
CA LEU D 453 39.02 -26.47 -20.35
C LEU D 453 38.28 -25.34 -21.07
N TYR D 454 37.98 -24.29 -20.34
CA TYR D 454 37.37 -23.09 -20.92
C TYR D 454 38.36 -22.30 -21.75
N GLY D 455 37.91 -21.88 -22.93
CA GLY D 455 38.68 -20.97 -23.74
C GLY D 455 37.80 -19.86 -24.30
N ASN D 456 38.06 -18.61 -23.87
CA ASN D 456 37.35 -17.38 -24.23
C ASN D 456 35.85 -17.43 -23.88
N ASP D 457 35.45 -18.36 -23.00
CA ASP D 457 34.11 -18.39 -22.44
C ASP D 457 34.18 -18.33 -20.93
N ARG D 458 35.36 -17.96 -20.40
CA ARG D 458 35.54 -17.81 -18.96
C ARG D 458 34.76 -16.64 -18.40
N PHE D 459 34.46 -15.64 -19.24
CA PHE D 459 34.02 -14.34 -18.78
C PHE D 459 32.54 -14.12 -19.07
N GLU D 460 31.87 -13.35 -18.20
CA GLU D 460 30.50 -12.91 -18.41
C GLU D 460 30.37 -11.49 -17.87
N GLY D 461 29.15 -10.95 -17.95
CA GLY D 461 28.84 -9.66 -17.35
C GLY D 461 28.22 -8.70 -18.34
N TYR D 462 28.04 -7.46 -17.84
CA TYR D 462 27.59 -6.36 -18.70
C TYR D 462 28.59 -6.07 -19.80
N CYS D 463 29.87 -6.08 -19.44
CA CYS D 463 30.88 -5.61 -20.37
C CYS D 463 31.23 -6.68 -21.41
N ILE D 464 30.87 -7.93 -21.13
CA ILE D 464 31.02 -8.98 -22.13
C ILE D 464 29.79 -9.04 -23.02
N ASP D 465 28.61 -8.76 -22.45
CA ASP D 465 27.39 -8.69 -23.25
C ASP D 465 27.42 -7.50 -24.21
N LEU D 466 28.12 -6.43 -23.83
CA LEU D 466 28.29 -5.29 -24.74
C LEU D 466 29.14 -5.68 -25.95
N LEU D 467 30.19 -6.45 -25.71
CA LEU D 467 31.17 -6.75 -26.75
C LEU D 467 30.61 -7.72 -27.79
N ARG D 468 29.72 -8.60 -27.37
CA ARG D 468 29.07 -9.49 -28.33
C ARG D 468 27.98 -8.75 -29.09
N GLU D 469 27.44 -7.67 -28.51
CA GLU D 469 26.50 -6.84 -29.25
C GLU D 469 27.21 -5.97 -30.27
N LEU D 470 28.47 -5.64 -30.01
CA LEU D 470 29.26 -4.85 -30.96
C LEU D 470 29.65 -5.73 -32.15
N SER D 471 30.10 -6.95 -31.88
CA SER D 471 30.56 -7.87 -32.91
C SER D 471 29.41 -8.33 -33.81
N THR D 472 28.19 -8.32 -33.28
CA THR D 472 27.02 -8.58 -34.09
C THR D 472 26.73 -7.40 -35.01
N ILE D 473 27.01 -6.19 -34.55
CA ILE D 473 26.57 -5.00 -35.28
C ILE D 473 27.74 -4.43 -36.07
N LEU D 474 28.97 -4.73 -35.65
CA LEU D 474 30.13 -4.54 -36.52
C LEU D 474 30.45 -5.85 -37.21
N GLY D 475 31.61 -5.92 -37.85
CA GLY D 475 32.13 -7.21 -38.21
C GLY D 475 33.51 -7.44 -37.63
N PHE D 476 33.59 -8.30 -36.62
CA PHE D 476 34.84 -8.79 -36.06
C PHE D 476 34.61 -10.02 -35.20
N THR D 477 35.69 -10.71 -34.86
CA THR D 477 35.71 -11.70 -33.79
C THR D 477 36.74 -11.24 -32.78
N TYR D 478 36.50 -11.53 -31.51
CA TYR D 478 37.24 -10.91 -30.42
C TYR D 478 37.94 -11.96 -29.57
N GLU D 479 39.22 -11.72 -29.29
CA GLU D 479 40.01 -12.56 -28.40
C GLU D 479 40.27 -11.81 -27.09
N ILE D 480 39.49 -12.16 -26.08
CA ILE D 480 39.57 -11.48 -24.78
C ILE D 480 40.86 -11.85 -24.08
N ARG D 481 41.74 -10.87 -23.92
CA ARG D 481 43.08 -11.05 -23.41
C ARG D 481 43.31 -10.01 -22.31
N LEU D 482 43.18 -10.46 -21.06
CA LEU D 482 43.23 -9.60 -19.88
C LEU D 482 44.52 -8.81 -19.77
N VAL D 483 44.47 -7.68 -19.10
CA VAL D 483 45.66 -6.89 -18.81
C VAL D 483 46.54 -7.68 -17.85
N GLU D 484 47.85 -7.71 -18.13
CA GLU D 484 48.79 -8.48 -17.32
C GLU D 484 49.45 -7.61 -16.26
N ASP D 485 48.78 -6.53 -15.89
CA ASP D 485 49.20 -5.68 -14.78
C ASP D 485 48.10 -5.48 -13.74
N GLY D 486 46.83 -5.67 -14.12
CA GLY D 486 45.74 -5.50 -13.20
C GLY D 486 45.33 -4.06 -12.97
N LYS D 487 45.76 -3.14 -13.81
CA LYS D 487 45.48 -1.72 -13.63
C LYS D 487 44.74 -1.18 -14.84
N TYR D 488 44.07 -0.04 -14.65
CA TYR D 488 43.42 0.64 -15.76
C TYR D 488 44.41 1.44 -16.58
N GLY D 489 45.08 2.40 -15.96
CA GLY D 489 46.15 3.12 -16.63
C GLY D 489 46.39 4.52 -16.11
N ALA D 490 47.64 4.86 -15.88
CA ALA D 490 48.08 6.18 -15.44
C ALA D 490 49.58 6.28 -15.71
N GLN D 491 50.11 7.48 -15.52
CA GLN D 491 51.54 7.71 -15.62
C GLN D 491 52.20 7.46 -14.26
N ASP D 492 53.52 7.26 -14.29
CA ASP D 492 54.30 7.09 -13.08
C ASP D 492 54.88 8.39 -12.54
N ASP D 493 54.75 9.49 -13.27
CA ASP D 493 55.21 10.84 -12.95
C ASP D 493 56.72 10.94 -12.74
N VAL D 494 57.50 9.94 -13.17
CA VAL D 494 58.96 9.99 -13.09
C VAL D 494 59.56 9.70 -14.46
N ASN D 495 59.10 8.65 -15.13
CA ASN D 495 59.54 8.30 -16.47
C ASN D 495 58.44 8.49 -17.51
N GLY D 496 57.20 8.68 -17.09
CA GLY D 496 56.08 8.86 -17.99
C GLY D 496 55.77 7.65 -18.85
N GLN D 497 55.46 6.53 -18.22
CA GLN D 497 55.08 5.31 -18.93
C GLN D 497 53.77 4.79 -18.36
N TRP D 498 52.87 4.42 -19.26
CA TRP D 498 51.50 4.07 -18.89
C TRP D 498 51.47 2.66 -18.30
N ASN D 499 50.50 2.44 -17.40
CA ASN D 499 50.48 1.25 -16.57
C ASN D 499 49.14 0.54 -16.73
N GLY D 500 49.04 -0.33 -17.72
CA GLY D 500 47.86 -1.16 -17.81
C GLY D 500 47.24 -1.30 -19.18
N MET D 501 45.94 -1.03 -19.29
CA MET D 501 45.29 -1.17 -20.58
C MET D 501 45.70 -0.08 -21.55
N VAL D 502 45.89 1.15 -21.07
CA VAL D 502 46.24 2.24 -21.97
C VAL D 502 47.71 2.17 -22.36
N ARG D 503 48.47 1.27 -21.72
CA ARG D 503 49.78 0.91 -22.24
C ARG D 503 49.67 -0.17 -23.31
N GLU D 504 48.67 -1.05 -23.17
CA GLU D 504 48.44 -2.05 -24.21
C GLU D 504 47.73 -1.44 -25.41
N LEU D 505 47.21 -0.22 -25.25
CA LEU D 505 46.54 0.46 -26.35
C LEU D 505 47.48 1.38 -27.11
N ILE D 506 48.45 1.98 -26.42
CA ILE D 506 49.44 2.80 -27.11
C ILE D 506 50.47 1.94 -27.84
N ASP D 507 50.70 0.71 -27.40
CA ASP D 507 51.70 -0.18 -27.98
C ASP D 507 51.10 -1.15 -28.99
N HIS D 508 49.83 -0.94 -29.32
CA HIS D 508 49.04 -1.73 -30.27
C HIS D 508 48.98 -3.22 -29.93
N LYS D 509 49.15 -3.56 -28.64
CA LYS D 509 48.99 -4.94 -28.21
C LYS D 509 47.53 -5.34 -28.11
N ALA D 510 46.62 -4.37 -28.11
CA ALA D 510 45.19 -4.63 -28.16
C ALA D 510 44.56 -3.71 -29.18
N ASP D 511 43.34 -4.06 -29.61
CA ASP D 511 42.64 -3.24 -30.59
C ASP D 511 41.40 -2.59 -30.00
N LEU D 512 40.91 -3.07 -28.86
CA LEU D 512 39.85 -2.42 -28.13
C LEU D 512 40.28 -2.41 -26.67
N ALA D 513 39.52 -1.74 -25.82
CA ALA D 513 39.74 -1.80 -24.38
C ALA D 513 38.42 -1.84 -23.64
N VAL D 514 37.49 -2.68 -24.09
CA VAL D 514 36.11 -2.64 -23.60
C VAL D 514 36.11 -3.06 -22.14
N ALA D 515 35.95 -2.08 -21.25
CA ALA D 515 36.20 -2.18 -19.83
C ALA D 515 35.62 -0.94 -19.15
N PRO D 516 35.55 -0.88 -17.81
CA PRO D 516 35.22 0.40 -17.16
C PRO D 516 36.33 1.43 -17.25
N LEU D 517 36.61 1.94 -18.44
CA LEU D 517 37.71 2.84 -18.67
C LEU D 517 37.16 4.25 -18.84
N ALA D 518 37.33 5.08 -17.82
CA ALA D 518 36.67 6.38 -17.76
C ALA D 518 37.37 7.38 -18.65
N ILE D 519 36.59 8.08 -19.47
CA ILE D 519 37.10 9.08 -20.39
C ILE D 519 37.59 10.28 -19.59
N THR D 520 38.89 10.51 -19.58
CA THR D 520 39.45 11.66 -18.91
C THR D 520 40.50 12.30 -19.80
N TYR D 521 41.02 13.45 -19.34
CA TYR D 521 41.79 14.32 -20.20
C TYR D 521 43.19 13.81 -20.45
N VAL D 522 43.79 13.16 -19.45
CA VAL D 522 45.18 12.73 -19.59
C VAL D 522 45.25 11.44 -20.39
N ARG D 523 44.14 10.69 -20.46
CA ARG D 523 44.14 9.46 -21.23
C ARG D 523 43.83 9.72 -22.70
N GLU D 524 43.03 10.73 -23.01
CA GLU D 524 42.58 10.88 -24.39
C GLU D 524 43.58 11.69 -25.21
N LYS D 525 44.56 12.29 -24.55
CA LYS D 525 45.70 12.82 -25.28
C LYS D 525 46.67 11.72 -25.72
N VAL D 526 46.42 10.47 -25.35
CA VAL D 526 47.28 9.35 -25.66
C VAL D 526 46.56 8.27 -26.44
N ILE D 527 45.37 7.87 -26.00
CA ILE D 527 44.57 6.92 -26.76
C ILE D 527 43.32 7.62 -27.25
N ASP D 528 42.47 6.92 -27.98
CA ASP D 528 41.21 7.48 -28.46
C ASP D 528 40.08 6.69 -27.82
N PHE D 529 39.12 7.38 -27.22
CA PHE D 529 37.93 6.74 -26.67
C PHE D 529 36.80 6.82 -27.67
N SER D 530 35.81 5.96 -27.49
CA SER D 530 34.58 6.11 -28.25
C SER D 530 33.64 7.02 -27.46
N LYS D 531 32.43 7.20 -27.93
CA LYS D 531 31.49 8.02 -27.21
C LYS D 531 30.77 7.15 -26.19
N PRO D 532 30.48 7.68 -24.98
CA PRO D 532 30.22 6.81 -23.81
C PRO D 532 29.05 5.85 -23.88
N PHE D 533 29.23 4.66 -23.34
CA PHE D 533 28.14 3.71 -23.21
C PHE D 533 27.52 3.69 -21.82
N MET D 534 28.05 4.47 -20.89
CA MET D 534 27.55 4.51 -19.51
C MET D 534 28.04 5.80 -18.87
N THR D 535 27.15 6.47 -18.16
CA THR D 535 27.43 7.75 -17.49
C THR D 535 27.46 7.54 -15.99
N LEU D 536 28.38 8.23 -15.33
CA LEU D 536 28.46 8.17 -13.88
C LEU D 536 28.85 9.49 -13.25
N GLY D 537 29.20 9.46 -11.97
CA GLY D 537 29.73 10.59 -11.26
C GLY D 537 30.12 10.17 -9.85
N ILE D 538 30.62 11.10 -9.06
CA ILE D 538 30.86 10.81 -7.65
C ILE D 538 29.55 10.92 -6.89
N SER D 539 29.32 9.99 -5.97
CA SER D 539 28.13 10.03 -5.13
C SER D 539 28.51 9.42 -3.78
N ILE D 540 27.53 9.32 -2.90
CA ILE D 540 27.77 9.02 -1.48
C ILE D 540 27.11 7.71 -1.11
N LEU D 541 27.88 6.78 -0.52
CA LEU D 541 27.33 5.70 0.27
C LEU D 541 27.10 6.15 1.71
N TYR D 542 26.03 5.64 2.30
CA TYR D 542 25.75 5.80 3.71
C TYR D 542 24.75 4.71 4.06
N ARG D 543 24.60 4.44 5.35
CA ARG D 543 23.66 3.44 5.83
C ARG D 543 22.22 3.96 5.76
N LYS D 544 21.32 3.08 5.30
CA LYS D 544 19.90 3.37 5.28
C LYS D 544 19.39 3.59 6.71
N PRO D 545 18.51 4.58 6.91
CA PRO D 545 18.00 4.86 8.26
C PRO D 545 17.20 3.69 8.81
N ASN D 546 17.28 3.50 10.12
CA ASN D 546 16.93 2.22 10.69
C ASN D 546 15.74 2.27 11.64
N GLY D 547 15.68 3.30 12.49
CA GLY D 547 14.55 3.46 13.39
C GLY D 547 14.50 2.47 14.54
N THR D 548 15.66 1.93 14.94
CA THR D 548 15.72 1.06 16.10
C THR D 548 16.14 1.78 17.38
N ASN D 549 16.62 3.02 17.27
CA ASN D 549 16.85 3.88 18.43
C ASN D 549 16.19 5.23 18.15
N PRO D 550 14.87 5.34 18.33
CA PRO D 550 14.22 6.63 18.05
C PRO D 550 14.46 7.68 19.11
N GLY D 551 15.02 7.31 20.26
CA GLY D 551 15.23 8.21 21.37
C GLY D 551 14.60 7.62 22.61
N VAL D 552 15.14 7.94 23.79
CA VAL D 552 14.50 7.49 25.02
C VAL D 552 13.22 8.27 25.27
N PHE D 553 13.07 9.45 24.68
CA PHE D 553 11.83 10.18 24.50
C PHE D 553 11.20 9.70 23.20
N SER D 554 10.43 10.57 22.54
CA SER D 554 9.76 10.39 21.25
C SER D 554 8.47 9.61 21.42
N PHE D 555 7.95 9.60 22.64
CA PHE D 555 6.51 9.61 22.83
C PHE D 555 5.93 10.98 22.56
N LEU D 556 6.80 11.98 22.40
CA LEU D 556 6.48 13.38 22.49
C LEU D 556 6.41 14.03 21.11
N ASN D 557 6.65 13.24 20.06
CA ASN D 557 6.57 13.61 18.64
C ASN D 557 5.19 13.87 18.02
N PRO D 558 4.05 13.16 18.39
CA PRO D 558 2.78 13.44 17.71
C PRO D 558 2.21 14.84 17.85
N LEU D 559 2.72 15.62 18.80
CA LEU D 559 2.42 17.04 18.86
C LEU D 559 3.72 17.82 18.74
N SER D 560 3.68 18.91 17.97
CA SER D 560 4.84 19.74 17.77
C SER D 560 5.20 20.46 19.07
N PRO D 561 6.48 20.85 19.24
CA PRO D 561 6.86 21.52 20.51
C PRO D 561 6.24 22.89 20.71
N ASP D 562 5.64 23.48 19.68
CA ASP D 562 4.77 24.63 19.90
C ASP D 562 3.52 24.21 20.67
N ILE D 563 2.98 23.03 20.34
CA ILE D 563 1.72 22.59 20.91
C ILE D 563 1.93 22.06 22.33
N TRP D 564 3.07 21.42 22.59
CA TRP D 564 3.37 21.01 23.96
C TRP D 564 3.63 22.20 24.87
N MET D 565 4.02 23.34 24.28
CA MET D 565 4.24 24.53 25.08
C MET D 565 2.97 25.35 25.23
N TYR D 566 2.14 25.40 24.18
CA TYR D 566 0.90 26.18 24.26
C TYR D 566 -0.14 25.49 25.13
N VAL D 567 -0.01 24.19 25.35
CA VAL D 567 -0.92 23.51 26.25
C VAL D 567 -0.42 23.63 27.69
N LEU D 568 0.87 23.93 27.86
CA LEU D 568 1.39 24.24 29.19
C LEU D 568 0.95 25.62 29.62
N LEU D 569 0.99 26.58 28.71
CA LEU D 569 0.58 27.95 29.03
C LEU D 569 -0.93 28.05 29.19
N ALA D 570 -1.69 27.18 28.53
CA ALA D 570 -3.14 27.20 28.67
C ALA D 570 -3.56 26.66 30.04
N CYS D 571 -2.78 25.77 30.64
CA CYS D 571 -3.02 25.37 32.02
C CYS D 571 -2.78 26.52 32.97
N LEU D 572 -1.74 27.31 32.72
CA LEU D 572 -1.46 28.47 33.54
C LEU D 572 -2.47 29.57 33.26
N GLY D 573 -2.93 29.66 32.02
CA GLY D 573 -3.90 30.67 31.64
C GLY D 573 -5.28 30.45 32.22
N VAL D 574 -5.80 29.22 32.09
CA VAL D 574 -7.16 28.93 32.54
C VAL D 574 -7.24 28.95 34.07
N SER D 575 -6.19 28.47 34.74
CA SER D 575 -6.19 28.41 36.19
C SER D 575 -6.14 29.80 36.82
N CYS D 576 -5.46 30.73 36.16
CA CYS D 576 -5.51 32.12 36.61
C CYS D 576 -6.88 32.73 36.32
N VAL D 577 -7.48 32.36 35.18
CA VAL D 577 -8.81 32.86 34.85
C VAL D 577 -9.86 32.22 35.75
N LEU D 578 -9.63 30.96 36.15
CA LEU D 578 -10.49 30.34 37.15
C LEU D 578 -10.36 30.98 38.52
N PHE D 579 -9.13 31.32 38.92
CA PHE D 579 -8.91 31.97 40.20
C PHE D 579 -9.51 33.36 40.25
N VAL D 580 -9.40 34.11 39.15
CA VAL D 580 -9.90 35.48 39.14
C VAL D 580 -11.42 35.51 39.10
N ILE D 581 -12.02 34.68 38.24
CA ILE D 581 -13.48 34.70 38.06
C ILE D 581 -14.19 34.17 39.30
N ALA D 582 -13.64 33.15 39.96
CA ALA D 582 -14.31 32.55 41.11
C ALA D 582 -14.32 33.48 42.32
N ARG D 583 -13.50 34.54 42.32
CA ARG D 583 -13.57 35.52 43.39
C ARG D 583 -14.77 36.46 43.21
N PHE D 584 -14.88 37.13 42.07
CA PHE D 584 -16.03 38.01 41.90
C PHE D 584 -17.18 37.27 41.20
N SER D 585 -17.47 36.06 41.66
CA SER D 585 -18.66 35.32 41.26
C SER D 585 -19.36 34.91 42.55
N PRO D 586 -20.42 35.63 42.93
CA PRO D 586 -21.00 35.48 44.27
C PRO D 586 -21.64 34.14 44.56
N TYR D 587 -21.89 33.34 43.53
CA TYR D 587 -22.45 32.01 43.70
C TYR D 587 -21.39 30.95 43.96
N GLU D 588 -20.12 31.24 43.70
CA GLU D 588 -19.03 30.38 44.13
C GLU D 588 -18.77 30.50 45.62
N TRP D 589 -19.09 31.64 46.23
CA TRP D 589 -18.91 31.86 47.65
C TRP D 589 -20.03 31.14 48.39
N TYR D 590 -19.83 29.84 48.61
CA TYR D 590 -20.86 29.01 49.22
C TYR D 590 -20.68 28.96 50.73
N ASN D 591 -21.53 28.17 51.37
CA ASN D 591 -21.55 28.08 52.82
C ASN D 591 -20.99 26.74 53.25
N PRO D 592 -19.79 26.69 53.82
CA PRO D 592 -19.32 25.44 54.43
C PRO D 592 -20.00 25.22 55.77
N HIS D 593 -19.68 24.09 56.41
CA HIS D 593 -20.30 23.59 57.63
C HIS D 593 -21.83 23.58 57.49
N PRO D 594 -22.41 22.66 56.72
CA PRO D 594 -23.89 22.68 56.55
C PRO D 594 -24.63 22.25 57.80
N CYS D 595 -23.91 21.69 58.77
CA CYS D 595 -24.41 21.22 60.06
C CYS D 595 -25.15 22.28 60.86
N ASN D 596 -24.53 23.41 61.11
CA ASN D 596 -25.31 24.51 61.66
C ASN D 596 -25.90 25.28 60.48
N PRO D 597 -27.24 25.40 60.38
CA PRO D 597 -27.85 25.98 59.19
C PRO D 597 -27.58 27.47 59.04
N ASP D 598 -27.29 28.14 60.16
CA ASP D 598 -26.97 29.56 60.17
C ASP D 598 -25.56 29.85 60.65
N SER D 599 -24.62 28.92 60.49
CA SER D 599 -23.23 29.19 60.80
C SER D 599 -22.66 30.08 59.72
N ASP D 600 -22.81 31.40 59.88
CA ASP D 600 -22.45 32.32 58.83
C ASP D 600 -20.93 32.42 58.70
N VAL D 601 -20.39 31.60 57.81
CA VAL D 601 -19.00 31.69 57.39
C VAL D 601 -18.98 31.37 55.90
N VAL D 602 -18.22 32.13 55.14
CA VAL D 602 -18.26 32.07 53.69
C VAL D 602 -16.87 31.71 53.18
N GLU D 603 -16.75 30.52 52.61
CA GLU D 603 -15.46 29.99 52.18
C GLU D 603 -15.52 29.59 50.72
N ASN D 604 -14.51 30.01 49.96
CA ASN D 604 -14.34 29.60 48.58
C ASN D 604 -13.22 28.57 48.50
N ASN D 605 -13.51 27.42 47.89
CA ASN D 605 -12.53 26.37 47.74
C ASN D 605 -11.66 26.53 46.49
N PHE D 606 -11.91 27.56 45.68
CA PHE D 606 -11.05 27.89 44.55
C PHE D 606 -9.97 28.88 44.98
N THR D 607 -8.95 28.34 45.62
CA THR D 607 -7.76 29.12 45.92
C THR D 607 -6.88 29.21 44.66
N LEU D 608 -5.66 29.71 44.84
CA LEU D 608 -4.74 29.73 43.72
C LEU D 608 -4.19 28.34 43.45
N LEU D 609 -3.86 27.58 44.50
CA LEU D 609 -3.32 26.25 44.33
C LEU D 609 -4.38 25.28 43.82
N ASN D 610 -5.61 25.41 44.32
CA ASN D 610 -6.69 24.52 43.89
C ASN D 610 -7.18 24.85 42.50
N SER D 611 -6.81 26.01 41.95
CA SER D 611 -7.21 26.32 40.59
C SER D 611 -6.26 25.71 39.57
N PHE D 612 -4.97 25.59 39.92
CA PHE D 612 -4.07 24.82 39.07
C PHE D 612 -4.39 23.34 39.12
N TRP D 613 -4.91 22.86 40.25
CA TRP D 613 -5.20 21.45 40.40
C TRP D 613 -6.48 21.07 39.69
N PHE D 614 -7.32 22.05 39.36
CA PHE D 614 -8.41 21.78 38.44
C PHE D 614 -7.86 21.66 37.02
N GLY D 615 -7.04 22.63 36.62
CA GLY D 615 -6.43 22.65 35.30
C GLY D 615 -5.52 21.49 35.00
N VAL D 616 -4.62 21.16 35.93
CA VAL D 616 -3.77 19.98 35.77
C VAL D 616 -4.61 18.72 35.94
N GLY D 617 -5.63 18.78 36.79
CA GLY D 617 -6.50 17.63 36.98
C GLY D 617 -7.35 17.33 35.76
N ALA D 618 -7.93 18.37 35.16
CA ALA D 618 -8.78 18.14 34.00
C ALA D 618 -7.98 17.77 32.77
N LEU D 619 -6.74 18.25 32.66
CA LEU D 619 -5.91 17.96 31.50
C LEU D 619 -5.49 16.50 31.44
N MET D 620 -5.23 15.89 32.59
CA MET D 620 -4.67 14.55 32.65
C MET D 620 -5.74 13.47 32.73
N GLN D 621 -7.00 13.86 32.53
CA GLN D 621 -8.21 13.02 32.43
C GLN D 621 -8.64 12.41 33.74
N GLN D 622 -7.84 12.52 34.79
CA GLN D 622 -8.29 12.15 36.12
C GLN D 622 -8.82 13.37 36.84
N GLY D 623 -10.14 13.45 36.96
CA GLY D 623 -10.81 14.61 37.51
C GLY D 623 -10.43 14.89 38.96
N SER D 624 -10.43 16.17 39.32
CA SER D 624 -10.05 16.60 40.65
C SER D 624 -11.25 16.52 41.58
N GLU D 625 -11.06 16.90 42.84
CA GLU D 625 -12.16 16.91 43.80
C GLU D 625 -12.94 18.21 43.76
N LEU D 626 -12.48 19.19 43.00
CA LEU D 626 -13.17 20.45 42.83
C LEU D 626 -14.04 20.40 41.58
N MET D 627 -15.27 20.88 41.70
CA MET D 627 -16.13 21.08 40.55
C MET D 627 -16.77 22.45 40.67
N PRO D 628 -16.80 23.25 39.61
CA PRO D 628 -17.38 24.60 39.70
C PRO D 628 -18.87 24.60 39.95
N LYS D 629 -19.36 25.56 40.72
CA LYS D 629 -20.78 25.60 41.06
C LYS D 629 -21.52 26.82 40.53
N ALA D 630 -20.83 27.84 40.06
CA ALA D 630 -21.48 28.97 39.43
C ALA D 630 -21.41 28.82 37.92
N LEU D 631 -22.35 29.46 37.21
CA LEU D 631 -22.38 29.38 35.76
C LEU D 631 -21.16 30.05 35.12
N SER D 632 -20.58 31.03 35.80
CA SER D 632 -19.40 31.69 35.27
C SER D 632 -18.17 30.79 35.32
N THR D 633 -18.08 29.94 36.34
CA THR D 633 -16.93 29.05 36.44
C THR D 633 -17.20 27.69 35.81
N ARG D 634 -18.47 27.38 35.50
CA ARG D 634 -18.75 26.14 34.80
C ARG D 634 -18.48 26.27 33.30
N ILE D 635 -18.46 27.51 32.79
CA ILE D 635 -18.10 27.72 31.39
C ILE D 635 -16.60 27.58 31.22
N VAL D 636 -15.82 28.05 32.20
CA VAL D 636 -14.37 27.92 32.14
C VAL D 636 -13.96 26.46 32.28
N GLY D 637 -14.56 25.77 33.24
CA GLY D 637 -14.34 24.35 33.39
C GLY D 637 -14.90 23.57 32.23
N GLY D 638 -15.99 24.04 31.63
CA GLY D 638 -16.61 23.29 30.55
C GLY D 638 -15.88 23.42 29.23
N ILE D 639 -15.21 24.56 29.01
CA ILE D 639 -14.50 24.76 27.75
C ILE D 639 -13.08 24.23 27.85
N TRP D 640 -12.56 24.11 29.08
CA TRP D 640 -11.25 23.49 29.27
C TRP D 640 -11.36 21.97 29.16
N TRP D 641 -12.55 21.43 29.37
CA TRP D 641 -12.76 20.00 29.19
C TRP D 641 -12.86 19.64 27.72
N PHE D 642 -13.48 20.50 26.91
CA PHE D 642 -13.58 20.23 25.49
C PHE D 642 -12.24 20.47 24.79
N PHE D 643 -11.46 21.41 25.30
CA PHE D 643 -10.08 21.58 24.86
C PHE D 643 -9.27 20.32 25.12
N THR D 644 -9.47 19.73 26.29
CA THR D 644 -8.68 18.59 26.73
C THR D 644 -8.99 17.33 25.93
N LEU D 645 -10.27 17.12 25.58
CA LEU D 645 -10.63 15.98 24.74
C LEU D 645 -9.96 16.05 23.38
N ILE D 646 -9.95 17.24 22.77
CA ILE D 646 -9.41 17.38 21.43
C ILE D 646 -7.89 17.25 21.45
N ILE D 647 -7.25 17.56 22.57
CA ILE D 647 -5.80 17.43 22.65
C ILE D 647 -5.39 15.97 22.84
N ILE D 648 -6.06 15.25 23.75
CA ILE D 648 -5.72 13.85 23.99
C ILE D 648 -6.16 12.97 22.83
N SER D 649 -7.28 13.30 22.17
CA SER D 649 -7.71 12.53 21.01
C SER D 649 -6.86 12.83 19.79
N SER D 650 -6.12 13.94 19.80
CA SER D 650 -5.21 14.24 18.71
C SER D 650 -3.84 13.64 18.98
N TYR D 651 -3.49 13.47 20.25
CA TYR D 651 -2.25 12.78 20.58
C TYR D 651 -2.36 11.29 20.30
N THR D 652 -3.48 10.68 20.67
CA THR D 652 -3.63 9.24 20.52
C THR D 652 -3.81 8.86 19.06
N ALA D 653 -4.39 9.77 18.27
CA ALA D 653 -4.64 9.45 16.87
C ALA D 653 -3.41 9.71 16.01
N ASN D 654 -2.61 10.71 16.34
CA ASN D 654 -1.39 10.95 15.58
C ASN D 654 -0.29 10.01 16.01
N LEU D 655 -0.36 9.49 17.24
CA LEU D 655 0.58 8.44 17.62
C LEU D 655 0.23 7.13 16.95
N ALA D 656 -1.05 6.90 16.68
CA ALA D 656 -1.45 5.71 15.94
C ALA D 656 -1.10 5.86 14.46
N ALA D 657 -0.94 7.09 13.98
CA ALA D 657 -0.46 7.32 12.63
C ALA D 657 1.04 7.06 12.54
N PHE D 658 1.80 7.53 13.53
CA PHE D 658 3.25 7.33 13.54
C PHE D 658 3.64 5.86 13.70
N LEU D 659 2.95 5.12 14.55
CA LEU D 659 3.30 3.74 14.83
C LEU D 659 2.79 2.79 13.76
N THR D 660 1.92 3.25 12.86
CA THR D 660 1.46 2.47 11.72
C THR D 660 2.33 2.68 10.49
N VAL D 661 2.57 3.94 10.11
CA VAL D 661 3.38 4.26 8.95
C VAL D 661 4.72 4.81 9.44
N GLU D 662 5.72 3.93 9.53
CA GLU D 662 7.04 4.34 9.94
C GLU D 662 7.74 5.05 8.80
N ARG D 663 7.92 6.36 8.92
CA ARG D 663 8.55 7.18 7.89
C ARG D 663 9.83 7.76 8.50
N MET D 664 10.95 7.12 8.22
CA MET D 664 12.23 7.44 8.84
C MET D 664 13.15 8.11 7.82
N GLU D 665 13.94 9.09 8.29
CA GLU D 665 14.77 9.91 7.43
C GLU D 665 16.21 9.93 7.93
N SER D 666 17.11 10.25 7.01
CA SER D 666 18.55 10.30 7.20
C SER D 666 18.99 11.66 7.70
N PRO D 667 20.12 11.75 8.43
CA PRO D 667 20.61 13.07 8.87
C PRO D 667 21.06 13.93 7.71
N ILE D 668 21.84 13.35 6.82
CA ILE D 668 22.30 14.02 5.62
C ILE D 668 21.42 13.60 4.44
N ASP D 669 21.25 14.50 3.48
CA ASP D 669 20.49 14.23 2.26
C ASP D 669 21.19 14.84 1.06
N SER D 670 22.47 15.21 1.23
CA SER D 670 23.25 15.84 0.17
C SER D 670 24.73 15.82 0.52
N ALA D 671 25.55 16.48 -0.29
CA ALA D 671 26.96 16.66 0.06
C ALA D 671 27.17 17.95 0.83
N ASP D 672 26.23 18.90 0.72
CA ASP D 672 26.33 20.12 1.51
C ASP D 672 25.79 19.91 2.92
N ASP D 673 24.75 19.08 3.07
CA ASP D 673 24.29 18.69 4.40
C ASP D 673 25.32 17.81 5.09
N LEU D 674 26.18 17.16 4.31
CA LEU D 674 27.25 16.37 4.86
C LEU D 674 28.52 17.18 5.06
N ALA D 675 28.63 18.34 4.42
CA ALA D 675 29.81 19.20 4.57
C ALA D 675 29.86 19.85 5.95
N LYS D 676 28.72 19.92 6.63
CA LYS D 676 28.65 20.53 7.96
C LYS D 676 28.86 19.50 9.06
N GLN D 677 28.29 18.30 8.87
CA GLN D 677 28.30 17.22 9.87
C GLN D 677 29.71 16.74 10.17
N THR D 678 30.19 17.01 11.39
CA THR D 678 31.48 16.52 11.86
C THR D 678 31.33 15.18 12.57
N LYS D 679 30.10 14.81 12.94
CA LYS D 679 29.84 13.48 13.51
C LYS D 679 30.04 12.40 12.44
N ILE D 680 29.32 12.50 11.33
CA ILE D 680 29.55 11.62 10.19
C ILE D 680 30.82 12.05 9.49
N GLU D 681 31.77 11.12 9.34
CA GLU D 681 33.06 11.42 8.74
C GLU D 681 33.10 10.87 7.31
N TYR D 682 33.92 11.50 6.47
CA TYR D 682 33.77 11.41 5.00
C TYR D 682 34.63 10.25 4.55
N GLY D 683 34.89 10.11 3.25
CA GLY D 683 35.76 9.05 2.81
C GLY D 683 36.10 9.16 1.35
N ALA D 684 37.06 8.33 0.91
CA ALA D 684 37.50 8.20 -0.47
C ALA D 684 38.46 7.03 -0.59
N VAL D 685 38.62 6.49 -1.79
CA VAL D 685 39.73 5.59 -2.06
C VAL D 685 40.98 6.46 -2.12
N GLU D 686 42.06 6.04 -1.49
CA GLU D 686 43.29 6.81 -1.45
C GLU D 686 43.95 6.82 -2.82
N ASP D 687 44.23 8.04 -3.31
CA ASP D 687 44.76 8.33 -4.65
C ASP D 687 43.93 7.69 -5.75
N GLY D 688 42.64 8.03 -5.79
CA GLY D 688 41.76 7.50 -6.81
C GLY D 688 41.22 8.64 -7.65
N ALA D 689 40.30 8.30 -8.55
CA ALA D 689 39.66 9.32 -9.39
C ALA D 689 38.70 10.17 -8.59
N THR D 690 38.23 9.65 -7.46
CA THR D 690 37.27 10.37 -6.64
C THR D 690 37.96 11.36 -5.71
N MET D 691 39.08 10.95 -5.13
CA MET D 691 39.80 11.83 -4.22
C MET D 691 40.52 12.95 -4.98
N THR D 692 40.91 12.70 -6.23
CA THR D 692 41.61 13.70 -7.02
C THR D 692 40.67 14.83 -7.42
N PHE D 693 39.36 14.54 -7.51
CA PHE D 693 38.39 15.57 -7.83
C PHE D 693 38.28 16.61 -6.71
N PHE D 694 38.32 16.16 -5.46
CA PHE D 694 38.19 17.12 -4.35
C PHE D 694 39.46 17.92 -4.16
N LYS D 695 40.59 17.40 -4.61
CA LYS D 695 41.84 18.14 -4.52
C LYS D 695 41.86 19.29 -5.51
N LYS D 696 41.41 19.04 -6.74
CA LYS D 696 41.48 20.05 -7.78
C LYS D 696 40.27 20.97 -7.77
N SER D 697 39.35 20.78 -6.83
CA SER D 697 38.08 21.48 -6.86
C SER D 697 38.28 22.93 -6.40
N LYS D 698 37.30 23.79 -6.71
CA LYS D 698 37.40 25.20 -6.38
C LYS D 698 36.03 25.66 -5.90
N ILE D 699 35.09 24.75 -5.84
CA ILE D 699 33.75 25.02 -5.31
C ILE D 699 33.89 25.06 -3.80
N SER D 700 33.09 25.93 -3.16
CA SER D 700 33.26 26.22 -1.74
C SER D 700 32.89 25.02 -0.86
N THR D 701 31.98 24.18 -1.34
CA THR D 701 31.57 23.02 -0.57
C THR D 701 32.65 21.93 -0.63
N TYR D 702 33.31 21.79 -1.78
CA TYR D 702 34.26 20.71 -1.92
C TYR D 702 35.67 21.16 -1.52
N ASP D 703 35.84 22.45 -1.24
CA ASP D 703 37.01 22.89 -0.48
C ASP D 703 36.90 22.46 0.97
N LYS D 704 35.70 22.59 1.55
CA LYS D 704 35.50 22.23 2.95
C LYS D 704 35.56 20.72 3.14
N MET D 705 35.19 19.97 2.11
CA MET D 705 35.23 18.51 2.22
C MET D 705 36.62 17.97 1.99
N TRP D 706 37.53 18.77 1.42
CA TRP D 706 38.91 18.32 1.28
C TRP D 706 39.79 18.87 2.39
N ALA D 707 39.38 19.99 2.99
CA ALA D 707 40.01 20.48 4.21
C ALA D 707 39.86 19.45 5.32
N PHE D 708 38.74 18.73 5.32
CA PHE D 708 38.48 17.62 6.22
C PHE D 708 39.41 16.45 5.97
N MET D 709 39.37 15.88 4.75
CA MET D 709 40.00 14.59 4.51
C MET D 709 41.52 14.70 4.42
N SER D 710 42.04 15.88 4.09
CA SER D 710 43.49 16.06 4.05
C SER D 710 44.06 16.14 5.45
N SER D 711 43.41 16.91 6.33
CA SER D 711 43.79 17.01 7.72
C SER D 711 43.59 15.68 8.43
N ARG D 712 42.41 15.09 8.28
CA ARG D 712 42.12 13.83 8.95
C ARG D 712 42.45 12.63 8.07
N ARG D 713 43.65 12.64 7.47
CA ARG D 713 44.13 11.52 6.67
C ARG D 713 44.45 10.34 7.58
N GLN D 714 44.43 9.12 7.04
CA GLN D 714 44.57 7.81 7.69
C GLN D 714 43.38 7.48 8.59
N SER D 715 42.40 8.36 8.67
CA SER D 715 41.19 8.08 9.44
C SER D 715 39.99 7.95 8.52
N VAL D 716 39.87 8.85 7.54
CA VAL D 716 38.72 8.82 6.65
C VAL D 716 39.10 8.29 5.27
N LEU D 717 40.35 8.47 4.87
CA LEU D 717 40.76 8.03 3.53
C LEU D 717 41.13 6.55 3.54
N VAL D 718 40.21 5.71 3.06
CA VAL D 718 40.40 4.27 3.02
C VAL D 718 41.24 3.96 1.77
N LYS D 719 41.76 2.74 1.65
CA LYS D 719 42.59 2.42 0.50
C LYS D 719 41.98 1.39 -0.45
N SER D 720 40.71 1.06 -0.32
CA SER D 720 40.03 0.17 -1.26
C SER D 720 38.54 0.46 -1.20
N ASN D 721 37.86 0.26 -2.32
CA ASN D 721 36.42 0.53 -2.30
C ASN D 721 35.65 -0.58 -1.60
N GLU D 722 36.17 -1.81 -1.61
CA GLU D 722 35.55 -2.87 -0.83
C GLU D 722 35.82 -2.69 0.67
N GLU D 723 36.99 -2.16 1.02
CA GLU D 723 37.28 -1.85 2.41
C GLU D 723 36.47 -0.65 2.90
N GLY D 724 36.13 0.26 1.98
CA GLY D 724 35.36 1.42 2.37
C GLY D 724 33.89 1.12 2.60
N ILE D 725 33.38 0.07 1.94
CA ILE D 725 32.00 -0.36 2.18
C ILE D 725 31.86 -0.96 3.57
N GLN D 726 32.91 -1.65 4.04
CA GLN D 726 32.88 -2.20 5.39
C GLN D 726 32.94 -1.12 6.44
N ARG D 727 33.58 0.01 6.13
CA ARG D 727 33.70 1.06 7.12
C ARG D 727 32.47 1.95 7.15
N VAL D 728 31.68 1.97 6.07
CA VAL D 728 30.31 2.49 6.18
C VAL D 728 29.52 1.60 7.10
N LEU D 729 29.72 0.30 6.97
CA LEU D 729 28.88 -0.68 7.62
C LEU D 729 29.27 -0.82 9.09
N THR D 730 30.56 -0.86 9.41
CA THR D 730 30.93 -0.87 10.82
C THR D 730 31.40 0.49 11.35
N SER D 731 30.68 1.57 11.05
CA SER D 731 30.89 2.90 11.65
C SER D 731 29.76 3.87 11.28
N ASP D 732 30.00 5.15 11.56
CA ASP D 732 29.17 6.25 11.09
C ASP D 732 29.98 7.05 10.06
N TYR D 733 29.86 6.65 8.79
CA TYR D 733 30.84 6.94 7.76
C TYR D 733 30.15 7.08 6.42
N ALA D 734 30.32 8.24 5.78
CA ALA D 734 29.77 8.49 4.45
C ALA D 734 30.88 8.36 3.43
N PHE D 735 30.76 7.41 2.51
CA PHE D 735 31.85 7.10 1.60
C PHE D 735 31.57 7.65 0.20
N LEU D 736 32.54 8.38 -0.32
CA LEU D 736 32.45 9.05 -1.62
C LEU D 736 33.10 8.16 -2.66
N MET D 737 32.31 7.61 -3.57
CA MET D 737 32.82 6.72 -4.60
C MET D 737 31.97 6.89 -5.85
N GLU D 738 32.25 6.07 -6.86
CA GLU D 738 31.63 6.26 -8.17
C GLU D 738 30.17 5.85 -8.13
N SER D 739 29.38 6.41 -9.04
CA SER D 739 27.93 6.24 -8.95
C SER D 739 27.47 4.90 -9.46
N THR D 740 28.25 4.25 -10.33
CA THR D 740 27.83 2.97 -10.87
C THR D 740 28.11 1.83 -9.91
N THR D 741 29.03 2.05 -8.97
CA THR D 741 29.27 1.02 -7.96
C THR D 741 28.21 1.09 -6.87
N ILE D 742 27.78 2.30 -6.52
CA ILE D 742 26.75 2.50 -5.50
C ILE D 742 25.42 1.91 -5.96
N GLU D 743 25.13 2.00 -7.25
CA GLU D 743 23.92 1.37 -7.78
C GLU D 743 24.05 -0.14 -7.75
N PHE D 744 25.27 -0.65 -7.83
CA PHE D 744 25.50 -2.08 -7.73
C PHE D 744 25.46 -2.54 -6.28
N VAL D 745 26.17 -1.84 -5.40
CA VAL D 745 26.36 -2.29 -4.02
C VAL D 745 25.08 -2.16 -3.23
N THR D 746 24.35 -1.05 -3.39
CA THR D 746 23.12 -0.84 -2.64
C THR D 746 21.95 -1.68 -3.12
N GLN D 747 22.15 -2.55 -4.12
CA GLN D 747 21.16 -3.56 -4.45
C GLN D 747 21.62 -4.97 -4.13
N ARG D 748 22.80 -5.11 -3.52
CA ARG D 748 23.25 -6.39 -2.99
C ARG D 748 23.30 -6.31 -1.48
N ASN D 749 22.94 -5.16 -0.92
CA ASN D 749 23.02 -4.96 0.52
C ASN D 749 22.02 -3.90 0.95
N CYS D 750 20.94 -4.31 1.61
CA CYS D 750 19.85 -3.40 1.92
C CYS D 750 20.12 -2.52 3.13
N ASN D 751 21.28 -2.64 3.77
CA ASN D 751 21.70 -1.65 4.76
C ASN D 751 22.11 -0.34 4.12
N LEU D 752 22.46 -0.37 2.83
CA LEU D 752 23.22 0.68 2.19
C LEU D 752 22.31 1.48 1.26
N THR D 753 22.60 2.76 1.13
CA THR D 753 21.77 3.64 0.30
C THR D 753 22.62 4.78 -0.22
N GLN D 754 22.07 5.51 -1.19
CA GLN D 754 22.75 6.62 -1.85
C GLN D 754 22.14 7.93 -1.37
N ILE D 755 23.01 8.87 -0.98
CA ILE D 755 22.61 10.07 -0.25
C ILE D 755 22.93 11.29 -1.12
N GLY D 756 22.64 11.19 -2.40
CA GLY D 756 22.65 12.43 -3.15
C GLY D 756 22.32 12.29 -4.61
N GLY D 757 22.87 13.19 -5.41
CA GLY D 757 22.76 13.09 -6.84
C GLY D 757 24.09 12.63 -7.39
N LEU D 758 24.67 13.43 -8.28
CA LEU D 758 26.00 13.16 -8.79
C LEU D 758 26.84 14.41 -8.61
N ILE D 759 28.01 14.25 -8.02
CA ILE D 759 28.91 15.36 -7.77
C ILE D 759 29.77 15.68 -8.99
N ASP D 760 30.37 14.69 -9.63
CA ASP D 760 31.16 14.85 -10.83
C ASP D 760 30.28 14.43 -11.99
N SER D 761 30.85 14.39 -13.19
CA SER D 761 30.21 13.74 -14.33
C SER D 761 31.29 13.18 -15.25
N LYS D 762 31.35 11.86 -15.36
CA LYS D 762 32.29 11.19 -16.24
C LYS D 762 31.53 10.17 -17.07
N GLY D 763 32.27 9.42 -17.87
CA GLY D 763 31.63 8.41 -18.69
C GLY D 763 32.61 7.31 -19.02
N TYR D 764 32.06 6.13 -19.23
CA TYR D 764 32.83 4.95 -19.62
C TYR D 764 32.91 4.88 -21.14
N GLY D 765 34.13 4.84 -21.65
CA GLY D 765 34.33 4.79 -23.08
C GLY D 765 35.08 3.53 -23.47
N VAL D 766 34.66 2.95 -24.58
CA VAL D 766 35.39 1.85 -25.21
C VAL D 766 36.70 2.38 -25.73
N GLY D 767 37.81 1.91 -25.17
CA GLY D 767 39.12 2.34 -25.61
C GLY D 767 39.42 1.87 -27.01
N THR D 768 40.35 2.52 -27.67
CA THR D 768 40.69 2.33 -29.07
C THR D 768 42.07 2.91 -29.24
N PRO D 769 42.99 2.29 -29.98
CA PRO D 769 44.35 2.85 -30.07
C PRO D 769 44.37 4.15 -30.86
N MET D 770 45.46 4.91 -30.68
CA MET D 770 45.49 6.29 -31.16
C MET D 770 45.51 6.35 -32.68
N GLY D 771 44.46 6.96 -33.24
CA GLY D 771 44.31 7.01 -34.68
C GLY D 771 43.99 5.64 -35.24
N SER D 772 42.81 5.12 -34.92
CA SER D 772 42.41 3.81 -35.37
C SER D 772 41.07 3.90 -36.09
N PRO D 773 40.79 3.02 -37.05
CA PRO D 773 39.49 3.07 -37.74
C PRO D 773 38.34 2.51 -36.92
N TYR D 774 38.61 2.07 -35.70
CA TYR D 774 37.59 1.45 -34.86
C TYR D 774 36.90 2.41 -33.91
N ARG D 775 37.41 3.63 -33.74
CA ARG D 775 36.73 4.60 -32.88
C ARG D 775 35.38 4.99 -33.44
N ASP D 776 35.33 5.31 -34.74
CA ASP D 776 34.11 5.81 -35.34
C ASP D 776 33.11 4.70 -35.61
N LYS D 777 33.55 3.44 -35.55
CA LYS D 777 32.61 2.35 -35.79
C LYS D 777 31.98 1.89 -34.48
N ILE D 778 32.72 1.94 -33.38
CA ILE D 778 32.15 1.65 -32.07
C ILE D 778 31.22 2.78 -31.65
N THR D 779 31.57 4.02 -32.02
CA THR D 779 30.75 5.19 -31.74
C THR D 779 29.35 5.08 -32.32
N ILE D 780 29.24 4.77 -33.61
CA ILE D 780 27.93 4.67 -34.23
C ILE D 780 27.23 3.39 -33.80
N ALA D 781 27.99 2.41 -33.31
CA ALA D 781 27.38 1.20 -32.76
C ALA D 781 26.71 1.48 -31.42
N ILE D 782 27.44 2.15 -30.51
CA ILE D 782 26.92 2.45 -29.17
C ILE D 782 25.67 3.32 -29.26
N LEU D 783 25.67 4.26 -30.21
CA LEU D 783 24.49 5.08 -30.44
C LEU D 783 23.36 4.27 -31.09
N GLN D 784 23.69 3.15 -31.73
CA GLN D 784 22.64 2.31 -32.30
C GLN D 784 22.02 1.41 -31.25
N LEU D 785 22.83 0.86 -30.34
CA LEU D 785 22.29 0.01 -29.29
C LEU D 785 21.49 0.83 -28.27
N GLN D 786 21.78 2.14 -28.19
CA GLN D 786 21.04 3.01 -27.27
C GLN D 786 19.64 3.30 -27.78
N GLU D 787 19.50 3.53 -29.09
CA GLU D 787 18.20 3.85 -29.68
C GLU D 787 17.26 2.64 -29.61
N GLU D 788 17.82 1.44 -29.68
CA GLU D 788 16.99 0.23 -29.54
C GLU D 788 16.53 0.03 -28.11
N GLY D 789 17.32 0.48 -27.14
CA GLY D 789 17.06 0.20 -25.74
C GLY D 789 17.94 -0.90 -25.20
N LYS D 790 19.06 -1.21 -25.84
CA LYS D 790 19.85 -2.36 -25.42
C LYS D 790 20.82 -2.01 -24.29
N LEU D 791 21.29 -0.75 -24.22
CA LEU D 791 22.16 -0.38 -23.11
C LEU D 791 21.39 -0.33 -21.80
N HIS D 792 20.09 -0.03 -21.86
CA HIS D 792 19.31 -0.01 -20.63
C HIS D 792 18.94 -1.41 -20.20
N MET D 793 18.63 -2.30 -21.15
CA MET D 793 18.23 -3.66 -20.77
C MET D 793 19.42 -4.48 -20.31
N MET D 794 20.63 -4.15 -20.81
CA MET D 794 21.82 -4.82 -20.31
C MET D 794 22.17 -4.35 -18.90
N LYS D 795 21.93 -3.07 -18.59
CA LYS D 795 22.29 -2.56 -17.27
C LYS D 795 21.30 -3.04 -16.21
N GLU D 796 20.03 -3.19 -16.58
CA GLU D 796 19.03 -3.68 -15.62
C GLU D 796 19.19 -5.17 -15.35
N LYS D 797 19.93 -5.87 -16.23
CA LYS D 797 20.13 -7.30 -16.03
C LYS D 797 21.30 -7.56 -15.08
N TRP D 798 22.31 -6.70 -15.09
CA TRP D 798 23.53 -6.94 -14.33
C TRP D 798 23.64 -6.10 -13.07
N TRP D 799 22.90 -4.99 -12.96
CA TRP D 799 22.84 -4.21 -11.72
C TRP D 799 21.66 -4.57 -10.85
N ARG D 800 20.46 -4.68 -11.41
CA ARG D 800 19.32 -5.12 -10.62
C ARG D 800 19.47 -6.61 -10.36
N GLY D 801 20.08 -6.93 -9.23
CA GLY D 801 20.42 -8.31 -8.90
C GLY D 801 19.46 -8.91 -7.91
N ASN D 802 19.88 -8.96 -6.63
CA ASN D 802 18.98 -9.36 -5.55
C ASN D 802 17.84 -8.36 -5.43
N GLY D 803 16.67 -8.84 -5.01
CA GLY D 803 15.48 -8.02 -4.94
C GLY D 803 15.57 -6.84 -3.99
N CYS D 804 16.34 -7.00 -2.90
CA CYS D 804 16.53 -6.05 -1.81
C CYS D 804 15.17 -5.62 -1.29
N PRO D 805 14.50 -6.46 -0.46
CA PRO D 805 13.04 -6.46 -0.36
C PRO D 805 12.45 -5.18 0.21
N GLU D 806 12.29 -4.22 -0.71
CA GLU D 806 11.75 -2.87 -0.51
C GLU D 806 10.57 -2.85 0.44
N GLU D 807 10.64 -1.94 1.41
CA GLU D 807 9.90 -2.11 2.66
C GLU D 807 8.41 -1.87 2.46
N GLU D 808 7.63 -2.58 3.26
CA GLU D 808 6.18 -2.52 3.29
C GLU D 808 5.75 -1.76 4.54
N SER D 809 4.45 -1.75 4.79
CA SER D 809 3.90 -1.26 6.05
C SER D 809 4.06 -2.34 7.11
N LYS D 810 5.33 -2.62 7.47
CA LYS D 810 5.84 -3.72 8.28
C LYS D 810 5.04 -4.02 9.53
N GLU D 811 4.99 -5.31 9.89
CA GLU D 811 4.31 -5.80 11.09
C GLU D 811 4.90 -5.10 12.31
N ALA D 812 4.06 -4.37 13.03
CA ALA D 812 4.50 -3.55 14.13
C ALA D 812 5.01 -4.41 15.28
N SER D 813 6.01 -3.89 15.97
CA SER D 813 6.62 -4.59 17.09
C SER D 813 6.20 -3.91 18.39
N ALA D 814 6.30 -4.66 19.49
CA ALA D 814 5.91 -4.21 20.81
C ALA D 814 6.70 -2.98 21.25
N LEU D 815 6.05 -2.07 21.96
CA LEU D 815 6.63 -0.77 22.25
C LEU D 815 7.45 -0.88 23.53
N GLY D 816 8.69 -0.40 23.46
CA GLY D 816 9.61 -0.71 24.53
C GLY D 816 10.30 0.48 25.15
N VAL D 817 11.39 0.22 25.87
CA VAL D 817 12.14 1.24 26.60
C VAL D 817 12.88 2.11 25.59
N GLN D 818 13.17 1.56 24.42
CA GLN D 818 13.71 2.33 23.31
C GLN D 818 12.71 3.27 22.68
N ASN D 819 11.40 3.13 22.99
CA ASN D 819 10.36 3.93 22.36
C ASN D 819 9.69 4.89 23.32
N ILE D 820 9.08 4.41 24.41
CA ILE D 820 8.42 5.33 25.32
C ILE D 820 9.41 5.87 26.34
N GLY D 821 9.98 5.00 27.18
CA GLY D 821 11.29 5.25 27.76
C GLY D 821 11.41 6.39 28.76
N GLY D 822 11.26 7.61 28.25
CA GLY D 822 11.53 8.82 28.99
C GLY D 822 10.40 9.35 29.84
N ILE D 823 9.27 8.64 29.91
CA ILE D 823 8.30 8.93 30.95
C ILE D 823 8.76 8.35 32.28
N PHE D 824 9.65 7.36 32.25
CA PHE D 824 10.25 6.91 33.49
C PHE D 824 11.30 7.90 33.98
N ILE D 825 11.75 8.79 33.10
CA ILE D 825 12.68 9.85 33.52
C ILE D 825 11.91 11.01 34.12
N VAL D 826 10.80 11.41 33.50
CA VAL D 826 10.03 12.55 34.01
C VAL D 826 9.23 12.14 35.24
N LEU D 827 9.02 10.84 35.43
CA LEU D 827 8.45 10.36 36.68
C LEU D 827 9.47 10.43 37.81
N ALA D 828 10.70 9.95 37.55
CA ALA D 828 11.73 9.97 38.57
C ALA D 828 12.23 11.38 38.83
N ALA D 829 12.13 12.26 37.84
CA ALA D 829 12.45 13.67 38.08
C ALA D 829 11.27 14.39 38.72
N GLY D 830 10.09 13.80 38.67
CA GLY D 830 8.93 14.40 39.32
C GLY D 830 8.77 13.97 40.75
N LEU D 831 9.36 12.83 41.12
CA LEU D 831 9.34 12.39 42.50
C LEU D 831 10.50 12.98 43.29
N VAL D 832 11.56 13.40 42.61
CA VAL D 832 12.66 14.10 43.28
C VAL D 832 12.24 15.52 43.63
N LEU D 833 11.52 16.18 42.71
CA LEU D 833 10.97 17.50 42.97
C LEU D 833 9.95 17.49 44.11
N SER D 834 9.30 16.35 44.33
CA SER D 834 8.32 16.26 45.41
C SER D 834 8.99 16.22 46.77
N VAL D 835 10.14 15.55 46.88
CA VAL D 835 10.83 15.46 48.16
C VAL D 835 11.45 16.80 48.53
N PHE D 836 11.87 17.57 47.52
CA PHE D 836 12.42 18.90 47.78
C PHE D 836 11.33 19.88 48.19
N VAL D 837 10.08 19.60 47.83
CA VAL D 837 8.97 20.40 48.34
C VAL D 837 8.49 19.85 49.69
N ALA D 838 8.58 18.53 49.88
CA ALA D 838 8.16 17.93 51.15
C ALA D 838 9.11 18.31 52.28
N VAL D 839 10.39 18.51 51.97
CA VAL D 839 11.30 19.11 52.94
C VAL D 839 10.90 20.55 53.20
N GLY D 840 10.61 21.29 52.12
CA GLY D 840 10.23 22.69 52.19
C GLY D 840 8.94 22.96 52.93
N GLU D 841 7.95 22.06 52.82
CA GLU D 841 6.70 22.24 53.54
C GLU D 841 6.88 21.95 55.03
N PHE D 842 7.86 21.11 55.36
CA PHE D 842 8.14 20.80 56.76
C PHE D 842 8.84 21.96 57.44
N LEU D 843 9.82 22.56 56.74
CA LEU D 843 10.58 23.68 57.28
C LEU D 843 9.72 24.94 57.40
N TYR D 844 8.84 25.16 56.44
CA TYR D 844 8.01 26.37 56.42
C TYR D 844 6.95 26.33 57.51
N LYS D 845 6.33 25.17 57.72
CA LYS D 845 5.30 25.06 58.75
C LYS D 845 5.91 25.11 60.14
N SER D 846 7.05 24.45 60.34
CA SER D 846 7.68 24.42 61.67
C SER D 846 8.26 25.78 62.04
N LYS D 847 8.60 26.60 61.05
CA LYS D 847 9.09 27.94 61.34
C LYS D 847 7.95 28.85 61.80
N LYS D 848 6.84 28.85 61.06
CA LYS D 848 5.72 29.73 61.44
C LYS D 848 4.90 29.15 62.58
N ASN D 849 5.12 27.89 62.96
CA ASN D 849 4.51 27.36 64.17
C ASN D 849 5.18 27.97 65.41
N ALA D 850 6.51 28.07 65.38
CA ALA D 850 7.26 28.66 66.48
C ALA D 850 7.24 30.19 66.37
C1 NAG E . -2.54 25.37 -5.44
C2 NAG E . -3.81 24.52 -5.68
C3 NAG E . -4.92 25.37 -6.30
C4 NAG E . -4.45 26.11 -7.55
C5 NAG E . -3.09 26.77 -7.33
C6 NAG E . -3.08 28.23 -7.71
C7 NAG E . -3.49 22.12 -6.09
C8 NAG E . -3.17 21.07 -7.12
N2 NAG E . -3.52 23.38 -6.53
O3 NAG E . -5.39 26.31 -5.34
O4 NAG E . -4.34 25.21 -8.65
O5 NAG E . -2.75 26.70 -5.94
O6 NAG E . -1.79 28.67 -8.10
O7 NAG E . -3.71 21.85 -4.92
C1 NAG E . -5.57 25.11 -9.40
C2 NAG E . -5.48 25.85 -10.75
C3 NAG E . -6.76 25.62 -11.56
C4 NAG E . -7.05 24.13 -11.71
C5 NAG E . -7.10 23.47 -10.34
C6 NAG E . -7.26 21.96 -10.42
C7 NAG E . -4.54 28.02 -11.42
C8 NAG E . -4.39 29.47 -11.06
N2 NAG E . -5.24 27.27 -10.56
O3 NAG E . -6.63 26.22 -12.85
O4 NAG E . -8.29 23.94 -12.38
O5 NAG E . -5.88 23.72 -9.63
O6 NAG E . -7.78 21.56 -11.68
O7 NAG E . -4.05 27.55 -12.44
C1 NAG F . -23.41 2.69 -4.11
C2 NAG F . -23.89 3.59 -5.23
C3 NAG F . -25.41 3.67 -5.22
C4 NAG F . -26.05 2.29 -5.26
C5 NAG F . -25.45 1.41 -4.15
C6 NAG F . -25.91 -0.03 -4.21
C7 NAG F . -22.40 5.38 -5.99
C8 NAG F . -21.91 6.77 -5.72
N2 NAG F . -23.31 4.92 -5.12
O3 NAG F . -25.81 4.45 -6.35
O4 NAG F . -27.46 2.36 -5.07
O5 NAG F . -24.01 1.38 -4.25
O6 NAG F . -25.18 -0.85 -3.30
O7 NAG F . -21.99 4.72 -6.93
C1 NAG F . -28.18 2.30 -6.33
C2 NAG F . -29.65 1.84 -6.16
C3 NAG F . -30.39 1.91 -7.51
C4 NAG F . -30.21 3.27 -8.18
C5 NAG F . -28.72 3.59 -8.29
C6 NAG F . -28.43 4.93 -8.91
C7 NAG F . -30.73 -0.02 -4.95
C8 NAG F . -30.60 -1.43 -4.49
N2 NAG F . -29.69 0.48 -5.63
O3 NAG F . -31.77 1.62 -7.31
O4 NAG F . -30.77 3.27 -9.48
O5 NAG F . -28.15 3.60 -6.98
O6 NAG F . -27.05 5.10 -9.16
O7 NAG F . -31.75 0.65 -4.74
C1 BMA F . -31.98 4.03 -9.52
C2 BMA F . -31.84 5.09 -10.68
C3 BMA F . -33.01 5.12 -11.71
C4 BMA F . -34.00 3.94 -11.60
C5 BMA F . -34.28 3.65 -10.13
C6 BMA F . -35.36 2.61 -9.92
O2 BMA F . -30.64 4.88 -11.42
O3 BMA F . -32.48 5.19 -13.03
O4 BMA F . -35.23 4.23 -12.26
O5 BMA F . -33.07 3.11 -9.62
O6 BMA F . -35.61 2.53 -8.52
C1 BMA F . -33.08 6.26 -13.77
C2 BMA F . -32.00 6.87 -14.70
C3 BMA F . -32.09 6.27 -16.12
C4 BMA F . -33.55 6.23 -16.72
C5 BMA F . -34.64 6.48 -15.65
C6 BMA F . -36.01 6.00 -16.06
O2 BMA F . -30.71 6.56 -14.21
O3 BMA F . -31.50 4.98 -16.20
O4 BMA F . -33.67 7.17 -17.79
O5 BMA F . -34.24 5.77 -14.47
O6 BMA F . -36.80 5.87 -14.89
C1 NAG G . -20.74 4.24 -9.99
C2 NAG G . -19.38 4.93 -10.23
C3 NAG G . -19.55 6.22 -11.02
C4 NAG G . -20.35 5.95 -12.27
C5 NAG G . -21.80 5.82 -11.84
C6 NAG G . -22.69 5.13 -12.85
C7 NAG G . -17.45 4.77 -8.68
C8 NAG G . -16.72 4.01 -9.75
N2 NAG G . -18.70 5.19 -8.97
O3 NAG G . -18.28 6.79 -11.32
O4 NAG G . -20.15 7.00 -13.22
O5 NAG G . -21.92 5.09 -10.60
O6 NAG G . -23.30 6.07 -13.73
O7 NAG G . -16.94 5.01 -7.58
C1 NAG G . -19.69 6.61 -14.56
C2 NAG G . -18.51 5.59 -14.56
C3 NAG G . -18.14 5.24 -16.01
C4 NAG G . -19.36 4.78 -16.80
C5 NAG G . -20.48 5.81 -16.71
C6 NAG G . -21.76 5.35 -17.37
C7 NAG G . -16.40 5.36 -13.31
C8 NAG G . -15.28 6.08 -12.62
N2 NAG G . -17.35 6.12 -13.85
O3 NAG G . -17.14 4.22 -16.03
O4 NAG G . -19.01 4.61 -18.16
O5 NAG G . -20.80 6.07 -15.32
O6 NAG G . -21.48 4.55 -18.51
O7 NAG G . -16.43 4.13 -13.37
C1 NAG H . 0.85 -24.32 9.76
C2 NAG H . 2.12 -23.46 10.02
C3 NAG H . 3.23 -24.30 10.66
C4 NAG H . 3.51 -25.56 9.85
C5 NAG H . 2.21 -26.28 9.48
C6 NAG H . 2.22 -27.74 9.87
C7 NAG H . 2.48 -21.54 8.53
C8 NAG H . 3.03 -21.08 7.22
N2 NAG H . 2.59 -22.85 8.79
O3 NAG H . 2.87 -24.63 11.99
O4 NAG H . 4.23 -25.27 8.67
O5 NAG H . 1.10 -25.68 10.15
O6 NAG H . 1.34 -28.51 9.07
O7 NAG H . 1.98 -20.76 9.33
C1 NAG H . 5.66 -25.27 8.87
C2 NAG H . 6.34 -26.54 8.31
C3 NAG H . 7.86 -26.44 8.44
C4 NAG H . 8.37 -25.15 7.79
C5 NAG H . 7.66 -23.95 8.39
C6 NAG H . 8.03 -22.65 7.72
C7 NAG H . 5.71 -28.91 8.37
C8 NAG H . 5.20 -30.04 9.23
N2 NAG H . 5.85 -27.73 8.98
O3 NAG H . 8.46 -27.57 7.81
O4 NAG H . 9.77 -25.03 7.99
O5 NAG H . 6.23 -24.10 8.24
O6 NAG H . 9.32 -22.72 7.15
O7 NAG H . 5.99 -29.07 7.19
C1 NAG I . 20.30 -0.09 12.81
C2 NAG I . 21.19 -1.31 12.81
C3 NAG I . 22.34 -1.13 13.80
C4 NAG I . 23.10 0.17 13.50
C5 NAG I . 22.13 1.34 13.44
C6 NAG I . 22.78 2.65 13.05
C7 NAG I . 20.13 -3.46 12.24
C8 NAG I . 19.33 -4.61 12.76
N2 NAG I . 20.42 -2.50 13.14
O3 NAG I . 23.18 -2.27 13.69
O4 NAG I . 24.09 0.42 14.50
O5 NAG I . 21.09 1.08 12.49
O6 NAG I . 21.82 3.66 12.81
O7 NAG I . 20.50 -3.39 11.08
C1 NAG I . 25.41 0.01 14.07
C2 NAG I . 26.53 0.72 14.86
C3 NAG I . 27.90 0.15 14.49
C4 NAG I . 27.90 -1.38 14.57
C5 NAG I . 26.76 -1.94 13.74
C6 NAG I . 26.65 -3.44 13.79
C7 NAG I . 27.00 3.08 15.44
C8 NAG I . 26.86 4.50 15.01
N2 NAG I . 26.49 2.16 14.61
O3 NAG I . 28.91 0.69 15.33
O4 NAG I . 29.13 -1.91 14.07
O5 NAG I . 25.53 -1.41 14.23
O6 NAG I . 25.67 -3.91 12.88
O7 NAG I . 27.55 2.77 16.49
C1 BMA I . 29.94 -2.40 15.15
C2 BMA I . 30.34 -3.89 14.78
C3 BMA I . 31.87 -4.19 14.84
C4 BMA I . 32.79 -2.95 15.00
C5 BMA I . 32.15 -1.99 16.00
C6 BMA I . 33.04 -0.81 16.34
O2 BMA I . 29.91 -4.22 13.47
O3 BMA I . 32.25 -4.94 13.69
O4 BMA I . 34.09 -3.32 15.46
O5 BMA I . 31.01 -1.49 15.35
O6 BMA I . 32.32 0.01 17.25
C1 BMA I . 32.97 -6.13 14.07
C2 BMA I . 32.55 -7.25 13.09
C3 BMA I . 33.58 -7.39 11.94
C4 BMA I . 35.09 -7.41 12.41
C5 BMA I . 35.26 -6.97 13.89
C6 BMA I . 36.66 -6.53 14.23
O2 BMA I . 31.31 -6.96 12.48
O3 BMA I . 33.40 -6.40 10.94
O4 BMA I . 35.64 -8.70 12.22
O5 BMA I . 34.38 -5.85 14.09
O6 BMA I . 36.60 -5.71 15.38
C1 NAG J . 21.54 -4.63 8.11
C2 NAG J . 20.48 -5.55 7.45
C3 NAG J . 20.84 -7.02 7.63
C4 NAG J . 22.26 -7.25 7.15
C5 NAG J . 23.17 -6.71 8.26
C6 NAG J . 24.60 -6.47 7.82
C7 NAG J . 18.07 -5.01 7.24
C8 NAG J . 18.26 -5.02 5.75
N2 NAG J . 19.15 -5.27 7.98
O3 NAG J . 19.92 -7.83 6.92
O4 NAG J . 22.47 -8.64 6.92
O5 NAG J . 22.66 -5.48 8.80
O6 NAG J . 25.41 -7.61 8.03
O7 NAG J . 16.98 -4.78 7.75
C1 NAG J . 22.97 -9.02 5.59
C2 NAG J . 22.23 -8.34 4.41
C3 NAG J . 22.86 -8.79 3.08
C4 NAG J . 24.37 -8.55 3.09
C5 NAG J . 25.01 -9.22 4.30
C6 NAG J . 26.49 -8.93 4.41
C7 NAG J . 19.87 -7.89 3.83
C8 NAG J . 18.47 -8.38 3.96
N2 NAG J . 20.81 -8.64 4.43
O3 NAG J . 22.29 -8.07 1.99
O4 NAG J . 24.95 -9.11 1.90
O5 NAG J . 24.41 -8.73 5.50
O6 NAG J . 27.07 -8.67 3.14
O7 NAG J . 20.15 -6.86 3.24
CAG 2J9 K . 29.66 16.78 -18.36
CAH 2J9 K . 30.16 17.59 -19.36
CAN 2J9 K . 30.56 16.28 -19.29
NAO 2J9 K . 31.36 15.19 -19.81
CAI 2J9 K . 32.70 15.53 -20.47
NAJ 2J9 K . 33.01 14.75 -21.66
SAP 2J9 K . 32.92 13.20 -21.28
OAA 2J9 K . 34.13 12.85 -20.19
OAB 2J9 K . 33.01 12.21 -22.58
CAM 2J9 K . 31.42 12.82 -20.57
CAL 2J9 K . 30.75 13.78 -19.91
CAE 2J9 K . 29.50 13.46 -19.33
CAD 2J9 K . 28.99 12.18 -19.44
CAK 2J9 K . 29.69 11.21 -20.13
FAC 2J9 K . 29.18 9.95 -20.26
CAF 2J9 K . 30.90 11.54 -20.70
N POV L . -14.39 26.48 8.54
P POV L . -15.91 22.53 8.86
C1 POV L . -18.21 23.83 9.05
C2 POV L . -19.21 24.36 10.10
C3 POV L . -18.47 24.94 11.32
C210 POV L . -20.79 20.30 21.07
C310 POV L . -18.12 23.73 23.95
C11 POV L . -13.87 24.00 7.94
O11 POV L . -17.08 23.31 9.74
C211 POV L . -20.24 18.87 20.94
C311 POV L . -18.60 22.62 24.91
C12 POV L . -14.65 25.33 7.60
O12 POV L . -14.47 23.38 9.06
C212 POV L . -19.00 18.62 21.85
C312 POV L . -19.83 21.85 24.37
C13 POV L . -12.94 26.59 8.80
O13 POV L . -16.29 22.48 7.40
C213 POV L . -18.83 17.11 22.13
C313 POV L . -21.05 21.91 25.32
C14 POV L . -15.09 26.53 9.85
O14 POV L . -15.73 21.13 9.40
C214 POV L . -17.44 16.56 21.75
C314 POV L . -22.14 20.87 24.96
C15 POV L . -14.86 27.68 7.81
C215 POV L . -17.39 15.02 21.89
C315 POV L . -23.47 21.54 24.58
C216 POV L . -16.68 14.35 20.68
C316 POV L . -24.02 22.48 25.68
C217 POV L . -15.28 14.93 20.44
C218 POV L . -14.21 14.31 21.38
C21 POV L . -19.87 22.35 11.42
O21 POV L . -20.14 23.35 10.44
C22 POV L . -20.94 22.01 12.47
O22 POV L . -18.85 21.72 11.43
C23 POV L . -20.90 22.97 13.68
C24 POV L . -20.50 22.23 14.98
C25 POV L . -21.63 22.22 16.03
C26 POV L . -21.10 22.64 17.44
C27 POV L . -19.75 21.97 17.79
C28 POV L . -19.94 20.76 18.75
C29 POV L . -20.66 21.17 20.05
C31 POV L . -18.78 26.35 13.20
O31 POV L . -19.38 25.68 12.11
C32 POV L . -18.48 25.59 14.49
O32 POV L . -18.50 27.50 13.10
C33 POV L . -18.50 26.46 15.77
C34 POV L . -17.41 26.01 16.78
C35 POV L . -18.03 25.34 18.03
C36 POV L . -16.97 24.96 19.08
C37 POV L . -17.52 23.93 20.10
C38 POV L . -17.73 24.50 21.51
C39 POV L . -18.36 23.44 22.45
N POV M . -9.69 33.51 12.39
P POV M . -13.63 32.47 13.81
C1 POV M . -16.19 31.88 14.10
C2 POV M . -17.10 31.65 15.31
C3 POV M . -16.22 31.32 16.51
C210 POV M . -22.53 25.73 21.07
C310 POV M . -20.35 25.16 27.05
C11 POV M . -11.72 34.28 13.66
O11 POV M . -15.11 32.71 14.51
C211 POV M . -21.70 25.27 22.28
C311 POV M . -20.22 24.46 28.42
C12 POV M . -10.22 33.87 13.75
O12 POV M . -12.49 33.46 14.52
C212 POV M . -22.40 25.61 23.63
C312 POV M . -21.43 24.77 29.33
C13 POV M . -8.31 33.01 12.59
O13 POV M . -13.23 31.02 14.02
C213 POV M . -23.95 25.55 23.53
C313 POV M . -21.28 24.08 30.71
C14 POV M . -10.41 32.49 11.59
O14 POV M . -13.72 32.75 12.34
C214 POV M . -24.63 26.86 24.01
C314 POV M . -22.65 23.85 31.37
C15 POV M . -9.68 34.75 11.59
C215 POV M . -26.07 27.02 23.49
C315 POV M . -23.43 25.16 31.57
C216 POV M . -27.10 26.22 24.33
C316 POV M . -24.65 24.94 32.48
C217 POV M . -28.41 27.00 24.53
C218 POV M . -29.36 26.30 25.53
C21 POV M . -19.34 30.92 15.06
O21 POV M . -17.97 30.57 15.06
C22 POV M . -20.32 30.17 14.14
O22 POV M . -19.73 31.79 15.77
C23 POV M . -21.31 29.26 14.92
C24 POV M . -21.87 28.11 14.05
C25 POV M . -22.09 26.79 14.84
C26 POV M . -22.81 27.02 16.20
C27 POV M . -21.96 26.56 17.41
C28 POV M . -22.77 26.57 18.74
C29 POV M . -21.91 26.11 19.94
C31 POV M . -16.51 30.08 18.49
O31 POV M . -16.73 30.14 17.11
C32 POV M . -17.40 29.20 19.38
O32 POV M . -15.63 30.71 18.98
C33 POV M . -17.01 29.34 20.87
C34 POV M . -17.98 28.58 21.80
C35 POV M . -18.08 29.25 23.18
C36 POV M . -19.11 28.53 24.08
C37 POV M . -18.50 28.20 25.47
C38 POV M . -19.53 27.49 26.39
C39 POV M . -19.12 26.04 26.73
N POV N . -1.62 29.68 10.40
P POV N . 0.35 31.38 14.70
C1 POV N . -0.61 31.67 17.14
C2 POV N . -1.47 30.76 18.03
C3 POV N . -2.52 30.07 17.15
C210 POV N . -6.50 31.32 27.45
C310 POV N . -12.54 35.59 20.30
C11 POV N . -1.09 31.02 12.50
O11 POV N . 0.13 30.85 16.25
C211 POV N . -5.75 31.92 28.66
C311 POV N . -13.02 36.91 20.98
C12 POV N . -2.02 29.96 11.82
O12 POV N . -0.57 30.44 13.69
C212 POV N . -6.17 33.37 29.04
C312 POV N . -14.18 36.66 21.97
C13 POV N . -0.24 29.14 10.43
O13 POV N . -0.07 32.83 14.59
C213 POV N . -7.26 33.96 28.11
C313 POV N . -15.44 36.08 21.31
C14 POV N . -2.41 28.71 9.62
O14 POV N . 1.82 31.26 14.31
C214 POV N . -6.81 35.26 27.38
C314 POV N . -16.69 36.21 22.23
C15 POV N . -1.69 30.95 9.65
C215 POV N . -7.82 35.75 26.33
C315 POV N . -17.90 35.41 21.71
C216 POV N . -9.28 35.63 26.83
C316 POV N . -18.21 35.73 20.22
C217 POV N . -9.67 36.72 27.86
C218 POV N . -10.73 36.23 28.85
C21 POV N . -2.51 30.86 20.17
O21 POV N . -2.07 31.55 19.01
C22 POV N . -3.68 31.50 20.96
O22 POV N . -2.00 29.85 20.49
C23 POV N . -3.63 31.26 22.49
C24 POV N . -2.29 31.65 23.15
C25 POV N . -1.82 30.59 24.18
C26 POV N . -2.98 29.84 24.87
C27 POV N . -3.38 30.46 26.24
C28 POV N . -4.40 31.62 26.11
C29 POV N . -5.88 31.17 26.27
C31 POV N . -4.28 31.53 16.59
O31 POV N . -3.82 30.52 17.45
C32 POV N . -4.35 32.99 17.11
O32 POV N . -4.63 31.26 15.48
C33 POV N . -5.41 33.86 16.39
C34 POV N . -6.04 34.90 17.35
C35 POV N . -7.42 35.37 16.86
C36 POV N . -8.47 35.35 17.99
C37 POV N . -9.88 35.73 17.47
C38 POV N . -11.01 35.09 18.32
C39 POV N . -11.11 35.73 19.73
C1 NAG O . 3.14 30.66 -7.72
C2 NAG O . 4.03 31.91 -7.99
C3 NAG O . 3.61 32.67 -9.28
C4 NAG O . 2.20 32.33 -9.75
C5 NAG O . 1.27 32.17 -8.55
C6 NAG O . -0.18 31.92 -8.94
C7 NAG O . 5.15 33.16 -6.18
C8 NAG O . 6.46 32.58 -6.66
N2 NAG O . 4.05 32.81 -6.85
O3 NAG O . 4.54 32.37 -10.31
O4 NAG O . 1.70 33.36 -10.58
O5 NAG O . 1.67 31.03 -7.77
O6 NAG O . -0.72 30.81 -8.25
O7 NAG O . 5.12 33.92 -5.22
N01 6ZP P . -5.02 17.45 10.93
C02 6ZP P . -5.87 17.32 11.67
C03 6ZP P . -6.89 17.22 12.69
C04 6ZP P . -6.50 17.40 14.01
C05 6ZP P . -7.43 17.31 15.03
C06 6ZP P . -8.74 17.04 14.73
C07 6ZP P . -9.15 16.87 13.41
C08 6ZP P . -8.24 16.94 12.36
C09 6ZP P . -8.69 16.76 10.96
C10 6ZP P . -8.40 17.73 10.01
O11 6ZP P . -7.76 18.74 10.25
C12 6ZP P . -9.44 15.64 10.57
C13 6ZP P . -9.87 15.47 9.25
C14 6ZP P . -10.66 14.28 8.84
N15 6ZP P . -10.48 13.16 9.56
C16 6ZP P . -11.17 12.07 9.20
C17 6ZP P . -12.05 12.03 8.15
C18 6ZP P . -12.23 13.18 7.42
C19 6ZP P . -11.54 14.31 7.76
C20 6ZP P . -9.58 16.43 8.33
N21 6ZP P . -8.84 17.55 8.70
C22 6ZP P . -8.51 18.55 7.71
C23 6ZP P . -9.52 19.23 7.06
C24 6ZP P . -9.20 20.18 6.10
C25 6ZP P . -7.88 20.43 5.80
C26 6ZP P . -6.87 19.74 6.44
C27 6ZP P . -7.18 18.79 7.39
N POV Q . -36.49 2.74 13.68
P POV Q . -35.82 -0.79 16.20
C1 POV Q . -33.43 -0.82 17.32
C2 POV Q . -33.03 -1.55 18.59
C3 POV Q . -32.30 -0.58 19.51
C210 POV Q . -29.20 -5.35 25.01
C310 POV Q . -28.91 0.36 30.62
C11 POV Q . -35.06 0.68 14.15
O11 POV Q . -34.44 -1.58 16.67
C211 POV Q . -29.76 -4.38 26.07
C311 POV Q . -28.26 1.21 31.72
C12 POV Q . -35.94 1.45 13.13
O12 POV Q . -35.74 -0.49 14.57
C212 POV Q . -28.74 -4.13 27.21
C312 POV Q . -28.58 0.65 33.13
C13 POV Q . -37.96 2.55 13.79
O13 POV Q . -37.02 -1.67 16.52
C213 POV Q . -29.22 -4.72 28.56
C313 POV Q . -28.45 1.73 34.22
C14 POV Q . -36.07 3.26 15.01
O14 POV Q . -35.95 0.51 16.96
C214 POV Q . -30.27 -3.82 29.25
C314 POV Q . -27.82 1.20 35.51
C15 POV Q . -36.16 3.80 12.71
C215 POV Q . -30.23 -3.90 30.79
C315 POV Q . -28.87 0.64 36.48
C216 POV Q . -31.47 -3.24 31.46
C316 POV Q . -28.28 0.48 37.89
C217 POV Q . -31.13 -2.50 32.76
C218 POV Q . -32.38 -1.84 33.39
C21 POV Q . -32.63 -3.86 18.83
O21 POV Q . -32.20 -2.64 18.27
C22 POV Q . -32.51 -5.18 18.02
O22 POV Q . -33.10 -3.88 19.93
C23 POV Q . -32.45 -6.45 18.92
C24 POV Q . -31.20 -7.32 18.63
C25 POV Q . -30.83 -8.27 19.81
C26 POV Q . -29.64 -7.73 20.67
C27 POV Q . -30.13 -6.76 21.78
C28 POV Q . -29.48 -7.02 23.17
C29 POV Q . -30.04 -6.05 24.23
C31 POV Q . -32.74 -1.23 21.76
O31 POV Q . -31.86 -1.29 20.66
C32 POV Q . -32.36 -1.91 23.07
O32 POV Q . -33.77 -0.64 21.69
C33 POV Q . -31.71 -0.93 24.08
C34 POV Q . -32.75 -0.01 24.75
C35 POV Q . -32.09 0.95 25.76
C36 POV Q . -31.32 0.17 26.83
C37 POV Q . -31.44 0.83 28.23
C38 POV Q . -31.08 -0.19 29.35
C39 POV Q . -30.45 0.49 30.59
N POV R . -33.27 2.11 48.73
P POV R . -35.02 1.80 44.23
C1 POV R . -36.38 0.45 42.32
C2 POV R . -37.67 0.34 43.16
C3 POV R . -37.71 -0.82 44.18
C210 POV R . -41.61 -0.98 30.97
C310 POV R . -31.02 -2.83 36.77
C11 POV R . -34.91 2.01 46.85
O11 POV R . -35.22 0.55 43.15
C211 POV R . -40.59 -2.02 30.45
C311 POV R . -30.31 -4.01 36.08
C12 POV R . -33.97 1.18 47.77
O12 POV R . -35.34 1.22 45.76
C212 POV R . -40.83 -2.39 28.95
C312 POV R . -31.30 -5.09 35.54
C13 POV R . -34.29 2.58 49.70
O13 POV R . -35.91 2.97 43.90
C213 POV R . -41.28 -1.18 28.10
C313 POV R . -30.65 -6.49 35.47
C14 POV R . -32.61 3.33 48.20
O14 POV R . -33.59 2.29 44.24
C214 POV R . -40.58 -1.09 26.73
C314 POV R . -31.30 -7.40 34.41
C15 POV R . -32.23 1.32 49.39
C215 POV R . -39.12 -0.61 26.82
C315 POV R . -31.08 -6.86 32.97
C216 POV R . -38.37 -0.65 25.46
C316 POV R . -29.71 -7.27 32.40
C217 POV R . -38.90 0.41 24.47
C218 POV R . -38.37 0.18 23.04
C21 POV R . -38.80 -0.46 41.14
O21 POV R . -38.83 0.31 42.33
C22 POV R . -39.12 0.22 39.79
O22 POV R . -38.59 -1.63 41.15
C23 POV R . -39.52 -0.80 38.70
C24 POV R . -41.03 -0.72 38.36
C25 POV R . -41.28 -0.42 36.87
C26 POV R . -40.72 -1.52 35.92
C27 POV R . -41.60 -1.70 34.65
C28 POV R . -40.82 -1.41 33.34
C29 POV R . -41.71 -0.69 32.28
C31 POV R . -35.92 -1.98 45.21
O31 POV R . -36.64 -1.73 44.02
C32 POV R . -34.62 -2.80 45.16
O32 POV R . -36.33 -1.58 46.26
C33 POV R . -33.73 -2.43 43.96
C34 POV R . -33.74 -3.53 42.86
C35 POV R . -34.17 -2.98 41.47
C36 POV R . -33.53 -3.77 40.30
C37 POV R . -32.00 -3.90 40.44
C38 POV R . -31.22 -3.93 39.09
C39 POV R . -31.98 -3.27 37.91
CAG 2J9 S . 24.75 5.38 -22.73
CAH 2J9 S . 23.75 6.22 -22.24
CAN 2J9 S . 24.55 6.62 -23.30
NAO 2J9 S . 24.92 7.61 -24.30
CAI 2J9 S . 25.08 7.21 -25.78
NAJ 2J9 S . 26.29 7.75 -26.38
SAP 2J9 S . 26.32 9.35 -26.27
OAA 2J9 S . 25.22 10.00 -27.32
OAB 2J9 S . 27.83 9.93 -26.62
CAM 2J9 S . 25.92 9.86 -24.69
CAL 2J9 S . 25.29 9.04 -23.84
CAE 2J9 S . 24.94 9.49 -22.54
CAD 2J9 S . 25.27 10.77 -22.14
CAK 2J9 S . 25.93 11.60 -23.02
FAC 2J9 S . 26.25 12.86 -22.63
CAF 2J9 S . 26.26 11.17 -24.29
NA NA T . -12.55 9.62 33.59
NA NA U . -6.84 5.27 18.22
NA NA V . -4.60 3.56 12.19
NA NA W . 34.03 9.89 -38.74
CL CL X . 34.56 11.12 -30.19
CAG 2J9 Y . -6.30 -19.40 -27.26
CAH 2J9 Y . -6.08 -19.73 -25.93
CAN 2J9 Y . -6.07 -20.71 -26.92
NAO 2J9 Y . -5.91 -22.10 -27.30
CAI 2J9 Y . -5.08 -22.45 -28.54
NAJ 2J9 Y . -5.75 -23.39 -29.44
SAP 2J9 Y . -6.10 -24.75 -28.66
OAA 2J9 Y . -4.71 -25.58 -28.35
OAB 2J9 Y . -7.15 -25.68 -29.52
CAM 2J9 Y . -6.85 -24.41 -27.14
CAL 2J9 Y . -6.73 -23.19 -26.58
CAE 2J9 Y . -7.36 -22.94 -25.34
CAD 2J9 Y . -8.09 -23.93 -24.71
CAK 2J9 Y . -8.21 -25.17 -25.30
FAC 2J9 Y . -8.92 -26.16 -24.70
CAF 2J9 Y . -7.60 -25.42 -26.52
N POV Z . -25.15 -4.24 10.37
P POV Z . -28.70 -4.38 12.70
C1 POV Z . -29.74 -4.52 15.10
C2 POV Z . -29.13 -5.23 16.32
C3 POV Z . -28.30 -4.21 17.13
C210 POV Z . -23.33 -2.78 24.26
C310 POV Z . -25.43 0.21 29.41
C11 POV Z . -27.59 -3.49 10.45
O11 POV Z . -28.69 -3.99 14.32
C211 POV Z . -23.55 -3.41 25.66
C311 POV Z . -25.10 -1.30 29.40
C12 POV Z . -26.10 -3.10 10.17
O12 POV Z . -27.88 -3.21 11.82
C212 POV Z . -22.30 -3.36 26.57
C312 POV Z . -24.29 -1.74 30.64
C13 POV Z . -25.61 -5.40 9.57
O13 POV Z . -30.13 -4.47 12.21
C213 POV Z . -21.59 -1.98 26.56
C313 POV Z . -24.80 -3.07 31.26
C14 POV Z . -24.89 -4.75 11.74
O14 POV Z . -28.01 -5.71 12.50
C214 POV Z . -20.07 -2.10 26.27
C314 POV Z . -26.35 -3.19 31.27
C15 POV Z . -23.85 -3.78 9.85
C215 POV Z . -19.37 -0.72 26.25
C315 POV Z . -26.86 -4.09 32.42
C216 POV Z . -17.82 -0.82 26.17
C316 POV Z . -27.20 -3.29 33.68
C217 POV Z . -17.31 -0.75 24.72
C218 POV Z . -17.37 0.69 24.16
C21 POV Z . -27.00 -6.48 16.03
O21 POV Z . -28.42 -6.37 15.89
C22 POV Z . -26.41 -7.38 17.16
O22 POV Z . -26.28 -5.93 15.27
C23 POV Z . -24.90 -7.11 17.41
C24 POV Z . -24.51 -7.14 18.91
C25 POV Z . -25.63 -6.66 19.87
C26 POV Z . -25.14 -6.47 21.34
C27 POV Z . -25.20 -4.98 21.75
C28 POV Z . -24.61 -4.68 23.16
C29 POV Z . -23.81 -3.36 23.14
C31 POV Z . -28.77 -3.42 19.30
O31 POV Z . -28.47 -4.53 18.49
C32 POV Z . -28.47 -3.47 20.81
O32 POV Z . -29.26 -2.46 18.82
C33 POV Z . -28.36 -2.05 21.43
C34 POV Z . -27.18 -1.93 22.42
C35 POV Z . -27.46 -0.88 23.52
C36 POV Z . -26.96 -1.36 24.89
C37 POV Z . -27.16 -0.29 25.98
C38 POV Z . -25.90 -0.14 26.88
C39 POV Z . -26.18 0.70 28.14
N POV AA . -28.91 6.37 5.75
P POV AA . -31.90 7.82 9.30
C1 POV AA . -31.46 7.56 11.89
C2 POV AA . -31.64 8.38 13.17
C3 POV AA . -32.67 7.68 14.07
C210 POV AA . -33.00 12.70 21.52
C310 POV AA . -39.64 7.86 20.20
C11 POV AA . -30.61 7.86 6.97
O11 POV AA . -31.62 8.45 10.81
C211 POV AA . -33.28 12.35 23.01
C311 POV AA . -39.42 9.12 21.10
C12 POV AA . -29.44 6.83 7.08
O12 POV AA . -30.78 8.46 8.24
C212 POV AA . -34.06 13.49 23.72
C312 POV AA . -38.10 9.10 21.92
C13 POV AA . -28.20 7.54 5.16
O13 POV AA . -33.30 8.17 8.83
C213 POV AA . -34.97 14.30 22.76
C313 POV AA . -37.69 10.51 22.38
C14 POV AA . -27.96 5.24 5.74
O14 POV AA . -31.75 6.30 9.35
C214 POV AA . -36.47 14.10 23.06
C314 POV AA . -38.58 11.06 23.50
C15 POV AA . -30.03 5.94 4.89
C215 POV AA . -36.92 14.76 24.38
C315 POV AA . -38.12 10.61 24.90
C216 POV AA . -36.94 16.30 24.29
C316 POV AA . -38.79 11.43 26.02
C217 POV AA . -37.55 16.95 25.55
C218 POV AA . -37.06 18.40 25.76
C21 POV AA . -31.51 10.71 13.56
O21 POV AA . -32.12 9.65 12.84
C22 POV AA . -32.34 11.94 13.97
O22 POV AA . -30.35 10.65 13.82
C23 POV AA . -32.11 12.29 15.46
C24 POV AA . -32.78 13.62 15.86
C25 POV AA . -31.81 14.58 16.60
C26 POV AA . -31.27 13.98 17.93
C27 POV AA . -32.40 13.60 18.92
C28 POV AA . -32.45 12.07 19.17
C29 POV AA . -32.74 11.71 20.65
C31 POV AA . -33.95 8.58 15.87
O31 POV AA . -32.67 8.33 15.33
C32 POV AA . -34.99 7.46 15.94
O32 POV AA . -34.22 9.68 16.26
C33 POV AA . -36.13 7.79 16.93
C34 POV AA . -36.34 6.64 17.96
C35 POV AA . -37.46 5.66 17.53
C36 POV AA . -37.41 4.32 18.32
C37 POV AA . -37.95 4.45 19.77
C38 POV AA . -39.23 5.33 19.86
C39 POV AA . -39.02 6.56 20.79
CAG 2J9 BA . -14.84 -28.18 -22.13
CAH 2J9 BA . -14.62 -29.42 -22.71
CAN 2J9 BA . -14.82 -28.31 -23.51
NAO 2J9 BA . -14.93 -27.75 -24.84
CAI 2J9 BA . -15.64 -28.56 -25.94
NAJ 2J9 BA . -15.00 -28.46 -27.26
SAP 2J9 BA . -14.85 -26.93 -27.67
OAA 2J9 BA . -16.37 -26.32 -27.94
OAB 2J9 BA . -13.91 -26.72 -29.00
CAM 2J9 BA . -14.10 -26.02 -26.43
CAL 2J9 BA . -14.16 -26.45 -25.17
CAE 2J9 BA . -13.54 -25.70 -24.15
CAD 2J9 BA . -12.86 -24.53 -24.47
CAK 2J9 BA . -12.80 -24.11 -25.78
FAC 2J9 BA . -12.13 -22.98 -26.10
CAF 2J9 BA . -13.42 -24.85 -26.77
N POV CA . -9.25 2.29 59.22
P POV CA . -8.11 -1.63 58.01
C1 POV CA . -5.79 -2.66 58.70
C2 POV CA . -5.05 -3.36 57.56
C3 POV CA . -4.03 -2.39 56.96
C210 POV CA . -4.66 -12.64 52.42
C310 POV CA . -2.12 -5.59 45.92
C11 POV CA . -7.58 0.99 57.64
O11 POV CA . -7.18 -2.90 58.54
C211 POV CA . -5.69 -13.54 53.13
C311 POV CA . -3.04 -6.76 46.34
C12 POV CA . -9.04 1.46 57.98
O12 POV CA . -7.27 -0.22 58.33
C212 POV CA . -6.00 -14.85 52.35
C312 POV CA . -3.25 -7.80 45.22
C13 POV CA . -10.27 1.54 59.99
O13 POV CA . -8.37 -1.77 56.53
C213 POV CA . -4.75 -15.42 51.62
C313 POV CA . -3.14 -9.26 45.76
C14 POV CA . -9.81 3.65 59.05
O14 POV CA . -9.41 -1.65 58.78
C214 POV CA . -4.89 -15.37 50.08
C314 POV CA . -4.06 -9.49 46.97
C15 POV CA . -8.03 2.46 60.04
C215 POV CA . -3.51 -15.20 49.38
C315 POV CA . -3.43 -10.35 48.09
C216 POV CA . -3.58 -15.54 47.87
C316 POV CA . -2.68 -9.48 49.12
C217 POV CA . -3.75 -17.05 47.61
C218 POV CA . -4.84 -17.35 46.56
C21 POV CA . -6.30 -5.13 56.60
O21 POV CA . -5.96 -3.76 56.57
C22 POV CA . -7.30 -5.70 55.57
O22 POV CA . -5.84 -5.85 57.43
C23 POV CA . -6.83 -7.08 55.05
C24 POV CA . -7.47 -8.23 55.86
C25 POV CA . -6.43 -9.04 56.68
C26 POV CA . -6.16 -10.43 56.05
C27 POV CA . -5.09 -10.35 54.93
C28 POV CA . -5.69 -10.62 53.53
C29 POV CA . -4.66 -11.30 52.59
C31 POV CA . -1.90 -2.31 55.98
O31 POV CA . -2.89 -3.12 56.54
C32 POV CA . -1.10 -2.81 54.77
O32 POV CA . -1.66 -1.24 56.45
C33 POV CA . -2.02 -3.02 53.53
C34 POV CA . -2.53 -4.48 53.46
C35 POV CA . -2.03 -5.19 52.19
C36 POV CA . -2.33 -4.38 50.91
C37 POV CA . -1.53 -4.91 49.70
C38 POV CA . -2.29 -4.74 48.36
C39 POV CA . -1.38 -4.97 47.13
NA NA DA . -17.76 -31.11 -39.53
N POV EA . 1.37 -16.46 26.44
P POV EA . 2.97 -12.69 25.82
C1 POV EA . 4.45 -13.34 27.95
C2 POV EA . 4.49 -13.05 29.45
C3 POV EA . 3.07 -13.10 30.05
C210 POV EA . 0.00 -3.97 35.31
C310 POV EA . -4.37 -6.52 37.37
C11 POV EA . 1.69 -14.67 24.56
O11 POV EA . 3.21 -12.86 27.46
C211 POV EA . -0.53 -3.06 34.17
C311 POV EA . -4.49 -5.02 37.71
C12 POV EA . 2.27 -15.88 25.37
O12 POV EA . 1.60 -13.53 25.42
C212 POV EA . -2.02 -2.72 34.39
C312 POV EA . -3.10 -4.41 38.01
C13 POV EA . -0.02 -16.53 25.94
O13 POV EA . 4.17 -13.20 25.05
C213 POV EA . -2.55 -1.44 33.68
C313 POV EA . -3.11 -3.41 39.19
C14 POV EA . 1.33 -15.82 27.77
O14 POV EA . 2.76 -11.22 25.50
C214 POV EA . -2.15 -1.29 32.19
C314 POV EA . -1.84 -2.52 39.24
C15 POV EA . 1.89 -17.82 26.67
C215 POV EA . -2.55 0.10 31.62
C315 POV EA . -0.64 -3.25 39.91
C216 POV EA . -2.39 0.17 30.08
C316 POV EA . -0.83 -3.41 41.43
C217 POV EA . -3.46 -0.68 29.36
C218 POV EA . -4.61 0.17 28.81
C21 POV EA . 4.45 -10.56 29.61
O21 POV EA . 5.15 -11.81 29.71
C22 POV EA . 4.57 -9.54 30.77
O22 POV EA . 3.84 -10.25 28.65
C23 POV EA . 3.86 -10.01 32.05
C24 POV EA . 2.76 -9.03 32.50
C25 POV EA . 3.08 -8.39 33.86
C26 POV EA . 2.06 -7.30 34.31
C27 POV EA . 0.69 -7.33 33.60
C28 POV EA . -0.06 -5.97 33.76
C29 POV EA . 0.21 -5.28 35.13
C31 POV EA . 1.95 -13.52 32.08
O31 POV EA . 3.18 -13.24 31.46
C32 POV EA . 1.04 -12.36 32.53
O32 POV EA . 1.61 -14.64 32.26
C33 POV EA . 0.06 -12.70 33.66
C34 POV EA . -1.33 -12.05 33.40
C35 POV EA . -1.34 -10.54 33.69
C36 POV EA . -2.77 -10.02 33.98
C37 POV EA . -2.76 -8.54 34.42
C38 POV EA . -3.58 -8.28 35.71
C39 POV EA . -3.65 -6.77 36.02
N POV FA . -5.97 -21.64 29.36
P POV FA . -3.61 -19.39 32.16
C1 POV FA . -1.73 -18.17 33.56
C2 POV FA . -1.62 -17.36 34.85
C3 POV FA . -2.96 -16.69 35.13
C210 POV FA . 0.01 -8.64 39.04
C310 POV FA . -5.21 -5.70 41.29
C11 POV FA . -5.33 -21.35 31.77
O11 POV FA . -2.96 -18.88 33.60
C211 POV FA . -1.31 -7.85 39.12
C311 POV FA . -6.02 -4.49 41.81
C12 POV FA . -6.44 -21.15 30.69
O12 POV FA . -5.08 -20.12 32.43
C212 POV FA . -1.57 -7.29 40.54
C312 POV FA . -5.66 -4.17 43.28
C13 POV FA . -7.01 -21.26 28.37
O13 POV FA . -3.83 -18.18 31.27
C213 POV FA . -0.28 -7.07 41.35
C313 POV FA . -6.46 -2.96 43.81
C14 POV FA . -4.67 -21.15 28.82
O14 POV FA . -2.65 -20.34 31.47
C214 POV FA . -0.32 -7.72 42.75
C314 POV FA . -5.68 -2.20 44.90
C15 POV FA . -5.86 -23.10 29.44
C215 POV FA . 1.09 -7.87 43.38
C315 POV FA . -5.62 -2.99 46.23
C216 POV FA . 1.43 -6.69 44.32
C316 POV FA . -5.19 -2.09 47.39
C217 POV FA . 2.41 -7.10 45.44
C218 POV FA . 2.49 -6.03 46.55
C21 POV FA . 0.39 -16.41 35.72
O21 POV FA . -0.63 -16.38 34.72
C22 POV FA . 1.85 -16.03 35.35
O22 POV FA . 0.12 -16.74 36.82
C23 POV FA . 2.32 -14.75 36.07
C24 POV FA . 3.50 -14.07 35.34
C25 POV FA . 3.44 -12.52 35.37
C26 POV FA . 3.08 -11.95 36.77
C27 POV FA . 1.76 -11.13 36.76
C28 POV FA . 1.55 -10.35 38.08
C29 POV FA . 0.20 -9.60 38.11
C31 POV FA . -3.80 -14.58 35.77
O31 POV FA . -2.76 -15.29 35.15
C32 POV FA . -3.50 -13.23 36.45
O32 POV FA . -4.90 -15.02 35.76
C33 POV FA . -4.74 -12.71 37.22
C34 POV FA . -4.42 -11.49 38.10
C35 POV FA . -5.39 -11.38 39.28
C36 POV FA . -4.93 -10.33 40.32
C37 POV FA . -6.10 -9.47 40.83
C38 POV FA . -5.61 -8.20 41.57
C39 POV FA . -6.10 -6.89 40.89
N POV GA . -10.22 -20.57 21.37
P POV GA . -14.70 -20.36 23.64
C1 POV GA . -15.50 -19.30 25.92
C2 POV GA . -15.18 -17.96 26.59
C3 POV GA . -13.71 -17.62 26.33
C210 POV GA . -17.28 -13.15 36.03
C310 POV GA . -8.97 -19.12 37.10
C11 POV GA . -12.19 -20.82 22.97
O11 POV GA . -15.39 -19.13 24.52
C211 POV GA . -18.64 -13.59 36.61
C311 POV GA . -9.01 -20.02 38.37
C12 POV GA . -10.85 -20.09 22.65
O12 POV GA . -13.20 -19.84 23.13
C212 POV GA . -18.54 -14.55 37.83
C312 POV GA . -8.71 -19.22 39.65
C13 POV GA . -11.16 -20.26 20.27
O13 POV GA . -14.56 -21.58 24.51
C213 POV GA . -17.18 -15.29 37.89
C313 POV GA . -7.29 -18.61 39.70
C14 POV GA . -8.91 -20.01 20.96
O14 POV GA . -15.57 -20.67 22.44
C214 POV GA . -17.29 -16.84 37.88
C314 POV GA . -6.93 -18.08 41.11
C15 POV GA . -10.00 -22.03 21.50
C215 POV GA . -15.95 -17.52 38.24
C315 POV GA . -5.54 -17.42 41.15
C216 POV GA . -15.27 -16.81 39.44
C316 POV GA . -4.45 -18.32 40.55
C217 POV GA . -15.92 -17.15 40.79
C218 POV GA . -15.61 -16.08 41.87
C21 POV GA . -15.70 -16.89 28.65
O21 POV GA . -15.43 -18.09 27.96
C22 POV GA . -15.46 -16.86 30.18
O22 POV GA . -16.11 -15.94 28.06
C23 POV GA . -16.36 -15.87 30.93
C24 POV GA . -17.87 -16.17 30.77
C25 POV GA . -18.73 -14.88 30.67
C26 POV GA . -18.13 -13.68 31.47
C27 POV GA . -18.71 -13.57 32.91
C28 POV GA . -17.89 -14.39 33.95
C29 POV GA . -16.93 -13.50 34.78
C31 POV GA . -12.25 -18.81 27.77
O31 POV GA . -12.97 -17.62 27.54
C32 POV GA . -12.76 -19.80 28.82
O32 POV GA . -11.27 -19.03 27.15
C33 POV GA . -11.66 -20.73 29.41
C34 POV GA . -11.93 -21.08 30.88
C35 POV GA . -10.63 -21.44 31.63
C36 POV GA . -10.54 -20.73 33.00
C37 POV GA . -9.24 -21.11 33.75
C38 POV GA . -8.76 -19.98 34.69
C39 POV GA . -9.71 -19.78 35.91
C1 NAG HA . -3.13 -30.91 7.27
C2 NAG HA . -3.86 -32.28 7.15
C3 NAG HA . -2.88 -33.46 6.97
C4 NAG HA . -1.44 -33.13 7.37
C5 NAG HA . -1.44 -32.24 8.61
C6 NAG HA . -0.04 -31.94 9.13
C7 NAG HA . -6.06 -32.73 8.20
C8 NAG HA . -6.64 -32.73 6.82
N2 NAG HA . -4.74 -32.51 8.29
O3 NAG HA . -2.91 -33.88 5.61
O4 NAG HA . -0.72 -34.31 7.66
O5 NAG HA . -2.04 -30.97 8.31
O6 NAG HA . 0.13 -30.56 9.38
O7 NAG HA . -6.75 -32.91 9.20
N01 6ZP IA . -5.88 -8.90 18.05
C02 6ZP IA . -5.67 -8.34 19.03
C03 6ZP IA . -5.48 -7.71 20.31
C04 6ZP IA . -6.62 -7.33 21.02
C05 6ZP IA . -6.50 -6.71 22.25
C06 6ZP IA . -5.24 -6.49 22.77
C07 6ZP IA . -4.11 -6.87 22.08
C08 6ZP IA . -4.19 -7.48 20.84
C09 6ZP IA . -2.97 -7.90 20.11
C10 6ZP IA . -2.82 -9.23 19.73
O11 6ZP IA . -3.64 -10.09 19.97
C12 6ZP IA . -1.95 -7.00 19.79
C13 6ZP IA . -0.80 -7.39 19.11
C14 6ZP IA . 0.28 -6.42 18.77
N15 6ZP IA . -0.08 -5.12 18.72
C16 6ZP IA . 0.87 -4.22 18.40
C17 6ZP IA . 2.17 -4.55 18.13
C18 6ZP IA . 2.52 -5.87 18.20
C19 6ZP IA . 1.58 -6.81 18.51
C20 6ZP IA . -0.67 -8.70 18.75
N21 6ZP IA . -1.66 -9.62 19.06
C22 6ZP IA . -1.50 -10.99 18.66
C23 6ZP IA . -0.46 -11.74 19.16
C24 6ZP IA . -0.33 -13.07 18.76
C25 6ZP IA . -1.23 -13.62 17.88
C26 6ZP IA . -2.27 -12.87 17.39
C27 6ZP IA . -2.42 -11.55 17.77
N POV JA . -4.07 26.57 52.55
P POV JA . -0.07 25.00 50.74
C1 POV JA . 2.30 25.55 49.56
C2 POV JA . 2.84 26.31 50.79
C3 POV JA . 2.42 27.78 50.90
C210 POV JA . 13.51 22.55 44.59
C310 POV JA . 2.13 25.05 41.03
C11 POV JA . -1.60 26.11 52.60
O11 POV JA . 0.88 25.60 49.50
C211 POV JA . 13.25 23.07 43.16
C311 POV JA . 2.04 25.89 39.73
C12 POV JA . -2.72 27.11 52.16
O12 POV JA . -0.49 26.28 51.73
C212 POV JA . 14.39 22.69 42.17
C312 POV JA . 3.41 26.44 39.27
C13 POV JA . -4.19 26.70 54.01
O13 POV JA . 0.67 23.95 51.54
C213 POV JA . 14.97 21.27 42.45
C313 POV JA . 3.25 27.58 38.23
C14 POV JA . -4.41 25.17 52.22
O14 POV JA . -1.33 24.40 50.16
C214 POV JA . 15.29 20.47 41.17
C314 POV JA . 4.57 27.86 37.45
C15 POV JA . -5.07 27.41 51.85
C215 POV JA . 14.05 19.78 40.55
C315 POV JA . 5.15 26.59 36.79
C216 POV JA . 14.35 19.05 39.21
C316 POV JA . 4.75 26.48 35.30
C217 POV JA . 15.14 17.74 39.42
C218 POV JA . 15.65 17.13 38.09
C21 POV JA . 5.05 26.30 49.72
O21 POV JA . 4.25 26.19 50.90
C22 POV JA . 6.04 25.17 49.37
O22 POV JA . 5.02 27.25 49.02
C23 POV JA . 7.16 25.65 48.43
C24 POV JA . 8.54 25.68 49.15
C25 POV JA . 9.58 24.75 48.47
C26 POV JA . 9.89 25.15 47.00
C27 POV JA . 11.38 24.86 46.64
C28 POV JA . 11.53 23.87 45.44
C29 POV JA . 12.74 22.92 45.63
C31 POV JA . 0.59 28.93 49.92
O31 POV JA . 1.81 28.26 49.70
C32 POV JA . -0.23 29.46 48.72
O32 POV JA . 0.18 29.11 51.02
C33 POV JA . -0.31 28.44 47.56
C34 POV JA . 0.53 28.86 46.33
C35 POV JA . 1.70 27.90 46.04
C36 POV JA . 2.12 27.92 44.55
C37 POV JA . 0.91 27.84 43.58
C38 POV JA . 1.28 27.23 42.21
C39 POV JA . 2.01 25.86 42.35
NA NA KA . -4.51 -32.28 -41.10
CL CL LA . -10.36 -29.46 -35.39
N POV MA . -29.41 27.38 44.97
P POV MA . -28.76 29.97 41.23
C1 POV MA . -30.93 30.76 39.98
C2 POV MA . -30.78 30.72 38.46
C3 POV MA . -31.44 29.45 37.95
C210 POV MA . -26.33 36.31 30.64
C310 POV MA . -25.61 26.69 28.12
C11 POV MA . -29.22 27.59 42.37
O11 POV MA . -29.70 31.16 40.56
C211 POV MA . -25.79 37.60 31.31
C311 POV MA . -25.01 28.10 28.37
C12 POV MA . -28.61 27.84 43.79
O12 POV MA . -29.76 28.81 41.88
C212 POV MA . -24.86 38.43 30.38
C312 POV MA . -23.82 28.42 27.42
C13 POV MA . -28.91 28.21 46.10
O13 POV MA . -27.84 29.37 40.19
C213 POV MA . -25.28 38.34 28.89
C313 POV MA . -23.71 29.93 27.10
C14 POV MA . -29.29 25.97 45.41
O14 POV MA . -27.93 30.62 42.31
C214 POV MA . -24.22 37.62 28.02
C314 POV MA . -23.73 30.79 28.39
C15 POV MA . -30.86 27.64 44.75
C215 POV MA . -24.86 36.91 26.80
C315 POV MA . -24.64 32.03 28.27
C216 POV MA . -23.80 36.46 25.76
C316 POV MA . -26.11 31.72 28.63
C217 POV MA . -23.19 37.65 25.00
C218 POV MA . -21.68 37.49 24.75
C21 POV MA . -28.91 31.99 37.70
O21 POV MA . -29.42 30.74 38.11
C22 POV MA . -27.39 32.18 37.47
O22 POV MA . -29.64 32.92 37.54
C23 POV MA . -27.12 33.06 36.24
C24 POV MA . -26.91 34.54 36.64
C25 POV MA . -28.06 35.47 36.16
C26 POV MA . -27.63 36.32 34.93
C27 POV MA . -27.87 35.56 33.60
C28 POV MA . -26.52 35.22 32.90
C29 POV MA . -26.66 35.23 31.36
C31 POV MA . -32.38 28.46 36.03
O31 POV MA . -31.80 29.61 36.59
C32 POV MA . -32.01 28.01 34.61
O32 POV MA . -33.15 27.82 36.67
C33 POV MA . -30.49 27.79 34.46
C34 POV MA . -29.77 29.06 33.95
C35 POV MA . -29.46 28.97 32.44
C36 POV MA . -28.61 27.71 32.13
C37 POV MA . -28.52 27.44 30.61
C38 POV MA . -27.11 26.94 30.19
C39 POV MA . -27.04 26.59 28.68
N POV NA . 13.90 12.92 19.85
P POV NA . 15.22 14.69 23.44
C1 POV NA . 14.67 16.20 25.51
C2 POV NA . 13.57 17.27 25.62
C3 POV NA . 12.29 16.63 26.16
C210 POV NA . 3.75 17.86 28.51
C310 POV NA . 1.92 17.94 34.63
C11 POV NA . 15.52 12.62 21.82
O11 POV NA . 14.21 15.17 24.66
C211 POV NA . 3.12 19.13 29.12
C311 POV NA . 1.89 19.10 33.61
C12 POV NA . 14.48 11.96 20.86
O12 POV NA . 14.83 13.14 22.94
C212 POV NA . 1.57 19.19 29.06
C312 POV NA . 0.56 19.90 33.65
C13 POV NA . 15.00 13.65 19.17
O13 POV NA . 16.65 14.73 23.92
C213 POV NA . 0.88 17.81 29.15
C313 POV NA . 0.77 21.43 33.59
C14 POV NA . 12.93 13.96 20.29
O14 POV NA . 15.05 15.64 22.27
C214 POV NA . -0.13 17.59 28.01
C314 POV NA . 1.90 21.93 34.53
C15 POV NA . 13.17 12.09 18.87
C215 POV NA . -0.92 16.26 28.15
C315 POV NA . 1.67 23.37 35.02
C216 POV NA . -2.04 16.13 27.08
C316 POV NA . 1.28 23.43 36.51
C217 POV NA . -1.66 15.16 25.94
C218 POV NA . -1.48 13.72 26.45
C21 POV NA . 12.22 17.86 23.62
O21 POV NA . 13.43 17.93 24.37
C22 POV NA . 11.24 19.06 23.62
O22 POV NA . 11.97 16.91 22.96
C23 POV NA . 9.87 18.76 22.97
C24 POV NA . 8.65 19.34 23.74
C25 POV NA . 8.91 19.58 25.25
C26 POV NA . 7.65 20.04 26.03
C27 POV NA . 7.06 18.87 26.86
C28 POV NA . 5.75 19.19 27.63
C29 POV NA . 4.93 17.89 27.86
C31 POV NA . 11.16 17.02 28.19
O31 POV NA . 11.66 17.57 27.00
C32 POV NA . 9.96 17.69 28.90
O32 POV NA . 11.65 16.06 28.66
C33 POV NA . 9.23 16.71 29.85
C34 POV NA . 7.75 17.11 30.04
C35 POV NA . 7.13 16.50 31.32
C36 POV NA . 5.96 17.36 31.85
C37 POV NA . 5.33 16.76 33.13
C38 POV NA . 3.79 16.97 33.14
C39 POV NA . 3.23 17.10 34.57
N POV OA . 19.34 10.34 32.09
P POV OA . 18.01 14.48 31.76
C1 POV OA . 15.54 14.67 30.87
C2 POV OA . 14.58 15.81 31.20
C3 POV OA . 13.32 15.23 31.85
C210 POV OA . 8.31 21.40 31.21
C310 POV OA . 3.73 19.17 37.60
C11 POV OA . 18.32 12.12 30.59
O11 POV OA . 16.85 15.20 30.81
C211 POV OA . 7.96 21.16 32.70
C311 POV OA . 2.38 18.74 38.23
C12 POV OA . 19.42 11.04 30.77
O12 POV OA . 18.89 13.41 30.82
C212 POV OA . 6.44 21.21 32.94
C312 POV OA . 1.67 19.92 38.91
C13 POV OA . 20.44 10.86 32.92
O13 POV OA . 18.91 15.54 32.33
C213 POV OA . 6.01 22.38 33.87
C313 POV OA . 0.66 19.45 39.98
C14 POV OA . 18.13 10.46 32.95
O14 POV OA . 17.34 13.74 32.90
C214 POV OA . 6.02 21.94 35.35
C314 POV OA . -0.45 20.48 40.21
C15 POV OA . 19.50 8.89 31.82
C215 POV OA . 5.18 22.88 36.25
C315 POV OA . -0.06 21.55 41.24
C216 POV OA . 5.67 22.88 37.73
C316 POV OA . -1.30 22.26 41.80
C217 POV OA . 4.51 22.71 38.74
C218 POV OA . 5.00 22.78 40.19
C21 POV OA . 14.48 17.89 30.10
O21 POV OA . 14.24 16.49 30.02
C22 POV OA . 15.10 18.64 28.88
O22 POV OA . 14.22 18.48 31.09
C23 POV OA . 14.68 20.13 28.82
C24 POV OA . 13.99 20.50 27.47
C25 POV OA . 13.24 21.86 27.51
C26 POV OA . 11.70 21.70 27.57
C27 POV OA . 11.21 21.37 29.01
C28 POV OA . 9.89 22.08 29.39
C29 POV OA . 9.54 21.84 30.88
C31 POV OA . 12.36 16.93 33.21
O31 POV OA . 12.37 16.27 31.96
C32 POV OA . 11.36 18.07 33.44
O32 POV OA . 13.12 16.62 34.07
C33 POV OA . 10.07 17.58 34.14
C34 POV OA . 10.30 17.27 35.64
C35 POV OA . 9.01 16.77 36.31
C36 POV OA . 7.93 17.87 36.34
C37 POV OA . 7.19 17.93 37.71
C38 POV OA . 6.29 19.17 37.82
C39 POV OA . 4.94 18.84 38.51
N POV PA . 17.89 2.20 24.25
P POV PA . 17.66 3.13 28.95
C1 POV PA . 15.73 4.43 30.21
C2 POV PA . 14.92 4.38 31.50
C3 POV PA . 15.28 5.58 32.36
C210 POV PA . 10.16 4.78 39.76
C310 POV PA . 16.93 9.38 40.63
C11 POV PA . 18.00 1.67 26.75
O11 POV PA . 16.50 3.24 30.13
C211 POV PA . 9.50 5.78 40.72
C311 POV PA . 16.05 8.71 41.73
C12 POV PA . 17.28 2.43 25.60
O12 POV PA . 17.25 1.87 27.94
C212 POV PA . 9.24 5.14 42.11
C312 POV PA . 14.52 8.95 41.55
C13 POV PA . 17.58 0.80 23.89
O13 POV PA . 19.01 2.88 29.58
C213 POV PA . 10.36 4.15 42.52
C313 POV PA . 13.67 7.82 42.18
C14 POV PA . 17.44 3.06 23.12
O14 POV PA . 17.71 4.43 28.17
C214 POV PA . 11.50 4.86 43.29
C314 POV PA . 13.50 7.98 43.70
C15 POV PA . 19.35 2.43 24.34
C215 POV PA . 11.20 5.01 44.80
C315 POV PA . 12.42 9.04 44.06
C216 POV PA . 10.84 3.67 45.46
C316 POV PA . 12.05 9.00 45.56
C217 POV PA . 10.51 3.83 46.96
C218 POV PA . 9.78 2.60 47.52
C21 POV PA . 14.15 2.54 32.77
O21 POV PA . 15.25 3.21 32.20
C22 POV PA . 14.32 1.77 34.10
O22 POV PA . 13.09 2.56 32.24
C23 POV PA . 13.26 2.22 35.13
C24 POV PA . 13.28 1.35 36.41
C25 POV PA . 11.90 0.69 36.70
C26 POV PA . 10.78 1.73 36.90
C27 POV PA . 11.07 2.69 38.08
C28 POV PA . 11.24 4.16 37.60
C29 POV PA . 10.57 5.18 38.55
C31 POV PA . 15.05 5.90 34.72
O31 POV PA . 14.42 5.62 33.49
C32 POV PA . 16.14 6.98 34.79
O32 POV PA . 14.74 5.30 35.70
C33 POV PA . 16.44 7.41 36.25
C34 POV PA . 16.14 8.92 36.46
C35 POV PA . 17.41 9.80 36.55
C36 POV PA . 17.08 11.31 36.44
C37 POV PA . 16.52 11.90 37.76
C38 POV PA . 17.26 11.38 39.02
C39 POV PA . 16.29 10.64 39.97
NA NA QA . 43.02 11.72 -29.05
#